data_6EO2
# 
_entry.id   6EO2 
# 
_audit_conform.dict_name       mmcif_pdbx.dic 
_audit_conform.dict_version    5.398 
_audit_conform.dict_location   http://mmcif.pdb.org/dictionaries/ascii/mmcif_pdbx.dic 
# 
loop_
_database_2.database_id 
_database_2.database_code 
_database_2.pdbx_database_accession 
_database_2.pdbx_DOI 
PDB   6EO2         pdb_00006eo2 10.2210/pdb6eo2/pdb 
WWPDB D_1200006937 ?            ?                   
# 
loop_
_pdbx_audit_revision_history.ordinal 
_pdbx_audit_revision_history.data_content_type 
_pdbx_audit_revision_history.major_revision 
_pdbx_audit_revision_history.minor_revision 
_pdbx_audit_revision_history.revision_date 
1 'Structure model' 1 0 2017-11-15 
2 'Structure model' 1 1 2017-12-13 
3 'Structure model' 1 2 2018-01-24 
4 'Structure model' 1 3 2024-11-13 
# 
_pdbx_audit_revision_details.ordinal             1 
_pdbx_audit_revision_details.revision_ordinal    1 
_pdbx_audit_revision_details.data_content_type   'Structure model' 
_pdbx_audit_revision_details.provider            repository 
_pdbx_audit_revision_details.type                'Initial release' 
_pdbx_audit_revision_details.description         ? 
_pdbx_audit_revision_details.details             ? 
# 
loop_
_pdbx_audit_revision_group.ordinal 
_pdbx_audit_revision_group.revision_ordinal 
_pdbx_audit_revision_group.data_content_type 
_pdbx_audit_revision_group.group 
1 2 'Structure model' 'Database references' 
2 3 'Structure model' 'Database references' 
3 4 'Structure model' 'Data collection'     
4 4 'Structure model' 'Database references' 
5 4 'Structure model' 'Structure summary'   
# 
loop_
_pdbx_audit_revision_category.ordinal 
_pdbx_audit_revision_category.revision_ordinal 
_pdbx_audit_revision_category.data_content_type 
_pdbx_audit_revision_category.category 
1 2 'Structure model' citation                  
2 2 'Structure model' citation_author           
3 3 'Structure model' citation                  
4 4 'Structure model' chem_comp_atom            
5 4 'Structure model' chem_comp_bond            
6 4 'Structure model' database_2                
7 4 'Structure model' pdbx_entry_details        
8 4 'Structure model' pdbx_modification_feature 
# 
loop_
_pdbx_audit_revision_item.ordinal 
_pdbx_audit_revision_item.revision_ordinal 
_pdbx_audit_revision_item.data_content_type 
_pdbx_audit_revision_item.item 
1 2 'Structure model' '_citation.pdbx_database_id_PubMed'   
2 2 'Structure model' '_citation.title'                     
3 2 'Structure model' '_citation_author.name'               
4 3 'Structure model' '_citation.journal_volume'            
5 3 'Structure model' '_citation.page_first'                
6 3 'Structure model' '_citation.page_last'                 
7 3 'Structure model' '_citation.year'                      
8 4 'Structure model' '_database_2.pdbx_DOI'                
9 4 'Structure model' '_database_2.pdbx_database_accession' 
# 
_pdbx_database_status.status_code                     REL 
_pdbx_database_status.status_code_sf                  REL 
_pdbx_database_status.status_code_mr                  ? 
_pdbx_database_status.entry_id                        6EO2 
_pdbx_database_status.recvd_initial_deposition_date   2017-10-08 
_pdbx_database_status.SG_entry                        N 
_pdbx_database_status.deposit_site                    PDBE 
_pdbx_database_status.process_site                    PDBE 
_pdbx_database_status.status_code_cs                  ? 
_pdbx_database_status.methods_development_category    ? 
_pdbx_database_status.pdb_format_compatible           Y 
_pdbx_database_status.status_code_nmr_data            ? 
# 
loop_
_pdbx_database_related.db_name 
_pdbx_database_related.details 
_pdbx_database_related.db_id 
_pdbx_database_related.content_type 
PDB 'It contains RcsB wild-type protein in the same conformation' 5O8Y unspecified 
PDB 'It contains RcsB wild-type protein in another conformation'  5O8Z unspecified 
# 
loop_
_audit_author.name 
_audit_author.pdbx_ordinal 
_audit_author.identifier_ORCID 
'Casino, P.' 1 0000-0002-2144-188X 
'Marina, A.' 2 0000-0002-1334-5273 
# 
_citation.abstract                  ? 
_citation.abstract_id_CAS           ? 
_citation.book_id_ISBN              ? 
_citation.book_publisher            ? 
_citation.book_publisher_city       ? 
_citation.book_title                ? 
_citation.coordinate_linkage        ? 
_citation.country                   UK 
_citation.database_id_Medline       ? 
_citation.details                   ? 
_citation.id                        primary 
_citation.journal_abbrev            'Nucleic Acids Res.' 
_citation.journal_id_ASTM           NARHAD 
_citation.journal_id_CSD            0389 
_citation.journal_id_ISSN           1362-4962 
_citation.journal_full              ? 
_citation.journal_issue             ? 
_citation.journal_volume            46 
_citation.language                  ? 
_citation.page_first                456 
_citation.page_last                 472 
_citation.title                     'Conformational dynamism for DNA interaction in the Salmonella RcsB response regulator.' 
_citation.year                      2018 
_citation.database_id_CSD           ? 
_citation.pdbx_database_id_DOI      10.1093/nar/gkx1164 
_citation.pdbx_database_id_PubMed   29186528 
_citation.unpublished_flag          ? 
# 
loop_
_citation_author.citation_id 
_citation_author.name 
_citation_author.ordinal 
_citation_author.identifier_ORCID 
primary 'Casino, P.'              1 ? 
primary 'Miguel-Romero, L.'       2 ? 
primary 'Huesa, J.'               3 ? 
primary 'Garcia, P.'              4 ? 
primary 'Garcia-Del Portillo, F.' 5 ? 
primary 'Marina, A.'              6 ? 
# 
loop_
_entity.id 
_entity.type 
_entity.src_method 
_entity.pdbx_description 
_entity.formula_weight 
_entity.pdbx_number_of_molecules 
_entity.pdbx_ec 
_entity.pdbx_mutation 
_entity.pdbx_fragment 
_entity.details 
1 polymer man 'Transcriptional regulatory protein RcsB' 23101.035 1  ? ? ? 
;Some side chains could not be traced, thus, they remain at Ala at residues:
M1, E28, E139, K140, I141, S142, D148, K149, R150, K180, V208.
;
2 water   nat water                                     18.015    12 ? ? ? ? 
# 
_entity_poly.entity_id                      1 
_entity_poly.type                           'polypeptide(L)' 
_entity_poly.nstd_linkage                   no 
_entity_poly.nstd_monomer                   no 
_entity_poly.pdbx_seq_one_letter_code       
;MNNMNVIIADDHPIVLFGIRKSLEQIEWVNVVGEFEDSTALINNLPKLDAHVLITDLSMPGDKYGDGITLIKYIKRHFPS
LSIIVLTMNNNPAILSAVLDLDIEGIVLKQGAPTDLPKALAALQKGKKFTPESVSRLLEKISAGGYGDKRLSPKESEVLR
LFAEGFLVTEIAKKLNRSIKTISSQKKSAMMKLGVENDIALLNYLSCVTL
;
_entity_poly.pdbx_seq_one_letter_code_can   
;MNNMNVIIADDHPIVLFGIRKSLEQIEWVNVVGEFEDSTALINNLPKLDAHVLITDLSMPGDKYGDGITLIKYIKRHFPS
LSIIVLTMNNNPAILSAVLDLDIEGIVLKQGAPTDLPKALAALQKGKKFTPESVSRLLEKISAGGYGDKRLSPKESEVLR
LFAEGFLVTEIAKKLNRSIKTISSQKKSAMMKLGVENDIALLNYLSCVTL
;
_entity_poly.pdbx_strand_id                 A 
_entity_poly.pdbx_target_identifier         ? 
# 
_pdbx_entity_nonpoly.entity_id   2 
_pdbx_entity_nonpoly.name        water 
_pdbx_entity_nonpoly.comp_id     HOH 
# 
loop_
_entity_poly_seq.entity_id 
_entity_poly_seq.num 
_entity_poly_seq.mon_id 
_entity_poly_seq.hetero 
1 1   MET n 
1 2   ASN n 
1 3   ASN n 
1 4   MET n 
1 5   ASN n 
1 6   VAL n 
1 7   ILE n 
1 8   ILE n 
1 9   ALA n 
1 10  ASP n 
1 11  ASP n 
1 12  HIS n 
1 13  PRO n 
1 14  ILE n 
1 15  VAL n 
1 16  LEU n 
1 17  PHE n 
1 18  GLY n 
1 19  ILE n 
1 20  ARG n 
1 21  LYS n 
1 22  SER n 
1 23  LEU n 
1 24  GLU n 
1 25  GLN n 
1 26  ILE n 
1 27  GLU n 
1 28  TRP n 
1 29  VAL n 
1 30  ASN n 
1 31  VAL n 
1 32  VAL n 
1 33  GLY n 
1 34  GLU n 
1 35  PHE n 
1 36  GLU n 
1 37  ASP n 
1 38  SER n 
1 39  THR n 
1 40  ALA n 
1 41  LEU n 
1 42  ILE n 
1 43  ASN n 
1 44  ASN n 
1 45  LEU n 
1 46  PRO n 
1 47  LYS n 
1 48  LEU n 
1 49  ASP n 
1 50  ALA n 
1 51  HIS n 
1 52  VAL n 
1 53  LEU n 
1 54  ILE n 
1 55  THR n 
1 56  ASP n 
1 57  LEU n 
1 58  SER n 
1 59  MET n 
1 60  PRO n 
1 61  GLY n 
1 62  ASP n 
1 63  LYS n 
1 64  TYR n 
1 65  GLY n 
1 66  ASP n 
1 67  GLY n 
1 68  ILE n 
1 69  THR n 
1 70  LEU n 
1 71  ILE n 
1 72  LYS n 
1 73  TYR n 
1 74  ILE n 
1 75  LYS n 
1 76  ARG n 
1 77  HIS n 
1 78  PHE n 
1 79  PRO n 
1 80  SER n 
1 81  LEU n 
1 82  SER n 
1 83  ILE n 
1 84  ILE n 
1 85  VAL n 
1 86  LEU n 
1 87  THR n 
1 88  MET n 
1 89  ASN n 
1 90  ASN n 
1 91  ASN n 
1 92  PRO n 
1 93  ALA n 
1 94  ILE n 
1 95  LEU n 
1 96  SER n 
1 97  ALA n 
1 98  VAL n 
1 99  LEU n 
1 100 ASP n 
1 101 LEU n 
1 102 ASP n 
1 103 ILE n 
1 104 GLU n 
1 105 GLY n 
1 106 ILE n 
1 107 VAL n 
1 108 LEU n 
1 109 LYS n 
1 110 GLN n 
1 111 GLY n 
1 112 ALA n 
1 113 PRO n 
1 114 THR n 
1 115 ASP n 
1 116 LEU n 
1 117 PRO n 
1 118 LYS n 
1 119 ALA n 
1 120 LEU n 
1 121 ALA n 
1 122 ALA n 
1 123 LEU n 
1 124 GLN n 
1 125 LYS n 
1 126 GLY n 
1 127 LYS n 
1 128 LYS n 
1 129 PHE n 
1 130 THR n 
1 131 PRO n 
1 132 GLU n 
1 133 SER n 
1 134 VAL n 
1 135 SER n 
1 136 ARG n 
1 137 LEU n 
1 138 LEU n 
1 139 GLU n 
1 140 LYS n 
1 141 ILE n 
1 142 SER n 
1 143 ALA n 
1 144 GLY n 
1 145 GLY n 
1 146 TYR n 
1 147 GLY n 
1 148 ASP n 
1 149 LYS n 
1 150 ARG n 
1 151 LEU n 
1 152 SER n 
1 153 PRO n 
1 154 LYS n 
1 155 GLU n 
1 156 SER n 
1 157 GLU n 
1 158 VAL n 
1 159 LEU n 
1 160 ARG n 
1 161 LEU n 
1 162 PHE n 
1 163 ALA n 
1 164 GLU n 
1 165 GLY n 
1 166 PHE n 
1 167 LEU n 
1 168 VAL n 
1 169 THR n 
1 170 GLU n 
1 171 ILE n 
1 172 ALA n 
1 173 LYS n 
1 174 LYS n 
1 175 LEU n 
1 176 ASN n 
1 177 ARG n 
1 178 SER n 
1 179 ILE n 
1 180 LYS n 
1 181 THR n 
1 182 ILE n 
1 183 SER n 
1 184 SER n 
1 185 GLN n 
1 186 LYS n 
1 187 LYS n 
1 188 SER n 
1 189 ALA n 
1 190 MET n 
1 191 MET n 
1 192 LYS n 
1 193 LEU n 
1 194 GLY n 
1 195 VAL n 
1 196 GLU n 
1 197 ASN n 
1 198 ASP n 
1 199 ILE n 
1 200 ALA n 
1 201 LEU n 
1 202 LEU n 
1 203 ASN n 
1 204 TYR n 
1 205 LEU n 
1 206 SER n 
1 207 CYS n 
1 208 VAL n 
1 209 THR n 
1 210 LEU n 
# 
_entity_src_gen.entity_id                          1 
_entity_src_gen.pdbx_src_id                        1 
_entity_src_gen.pdbx_alt_source_flag               sample 
_entity_src_gen.pdbx_seq_type                      'Biological sequence' 
_entity_src_gen.pdbx_beg_seq_num                   1 
_entity_src_gen.pdbx_end_seq_num                   210 
_entity_src_gen.gene_src_common_name               ? 
_entity_src_gen.gene_src_genus                     ? 
_entity_src_gen.pdbx_gene_src_gene                 'rcsB, STM2270' 
_entity_src_gen.gene_src_species                   ? 
_entity_src_gen.gene_src_strain                    ? 
_entity_src_gen.gene_src_tissue                    ? 
_entity_src_gen.gene_src_tissue_fraction           ? 
_entity_src_gen.gene_src_details                   ? 
_entity_src_gen.pdbx_gene_src_fragment             ? 
_entity_src_gen.pdbx_gene_src_scientific_name      'Salmonella enterica subsp. enterica serovar Typhimurium' 
_entity_src_gen.pdbx_gene_src_ncbi_taxonomy_id     90371 
_entity_src_gen.pdbx_gene_src_variant              ? 
_entity_src_gen.pdbx_gene_src_cell_line            ? 
_entity_src_gen.pdbx_gene_src_atcc                 ? 
_entity_src_gen.pdbx_gene_src_organ                ? 
_entity_src_gen.pdbx_gene_src_organelle            ? 
_entity_src_gen.pdbx_gene_src_cell                 ? 
_entity_src_gen.pdbx_gene_src_cellular_location    ? 
_entity_src_gen.host_org_common_name               ? 
_entity_src_gen.pdbx_host_org_scientific_name      'Escherichia coli' 
_entity_src_gen.pdbx_host_org_ncbi_taxonomy_id     562 
_entity_src_gen.host_org_genus                     ? 
_entity_src_gen.pdbx_host_org_gene                 ? 
_entity_src_gen.pdbx_host_org_organ                ? 
_entity_src_gen.host_org_species                   ? 
_entity_src_gen.pdbx_host_org_tissue               ? 
_entity_src_gen.pdbx_host_org_tissue_fraction      ? 
_entity_src_gen.pdbx_host_org_strain               ? 
_entity_src_gen.pdbx_host_org_variant              ? 
_entity_src_gen.pdbx_host_org_cell_line            ? 
_entity_src_gen.pdbx_host_org_atcc                 ? 
_entity_src_gen.pdbx_host_org_culture_collection   ? 
_entity_src_gen.pdbx_host_org_cell                 ? 
_entity_src_gen.pdbx_host_org_organelle            ? 
_entity_src_gen.pdbx_host_org_cellular_location    ? 
_entity_src_gen.pdbx_host_org_vector_type          ? 
_entity_src_gen.pdbx_host_org_vector               ? 
_entity_src_gen.host_org_details                   ? 
_entity_src_gen.expression_system_id               ? 
_entity_src_gen.plasmid_name                       ? 
_entity_src_gen.plasmid_details                    ? 
_entity_src_gen.pdbx_description                   ? 
# 
loop_
_chem_comp.id 
_chem_comp.type 
_chem_comp.mon_nstd_flag 
_chem_comp.name 
_chem_comp.pdbx_synonyms 
_chem_comp.formula 
_chem_comp.formula_weight 
ALA 'L-peptide linking' y ALANINE         ? 'C3 H7 N O2'     89.093  
ARG 'L-peptide linking' y ARGININE        ? 'C6 H15 N4 O2 1' 175.209 
ASN 'L-peptide linking' y ASPARAGINE      ? 'C4 H8 N2 O3'    132.118 
ASP 'L-peptide linking' y 'ASPARTIC ACID' ? 'C4 H7 N O4'     133.103 
CYS 'L-peptide linking' y CYSTEINE        ? 'C3 H7 N O2 S'   121.158 
GLN 'L-peptide linking' y GLUTAMINE       ? 'C5 H10 N2 O3'   146.144 
GLU 'L-peptide linking' y 'GLUTAMIC ACID' ? 'C5 H9 N O4'     147.129 
GLY 'peptide linking'   y GLYCINE         ? 'C2 H5 N O2'     75.067  
HIS 'L-peptide linking' y HISTIDINE       ? 'C6 H10 N3 O2 1' 156.162 
HOH non-polymer         . WATER           ? 'H2 O'           18.015  
ILE 'L-peptide linking' y ISOLEUCINE      ? 'C6 H13 N O2'    131.173 
LEU 'L-peptide linking' y LEUCINE         ? 'C6 H13 N O2'    131.173 
LYS 'L-peptide linking' y LYSINE          ? 'C6 H15 N2 O2 1' 147.195 
MET 'L-peptide linking' y METHIONINE      ? 'C5 H11 N O2 S'  149.211 
PHE 'L-peptide linking' y PHENYLALANINE   ? 'C9 H11 N O2'    165.189 
PRO 'L-peptide linking' y PROLINE         ? 'C5 H9 N O2'     115.130 
SER 'L-peptide linking' y SERINE          ? 'C3 H7 N O3'     105.093 
THR 'L-peptide linking' y THREONINE       ? 'C4 H9 N O3'     119.119 
TRP 'L-peptide linking' y TRYPTOPHAN      ? 'C11 H12 N2 O2'  204.225 
TYR 'L-peptide linking' y TYROSINE        ? 'C9 H11 N O3'    181.189 
VAL 'L-peptide linking' y VALINE          ? 'C5 H11 N O2'    117.146 
# 
loop_
_pdbx_poly_seq_scheme.asym_id 
_pdbx_poly_seq_scheme.entity_id 
_pdbx_poly_seq_scheme.seq_id 
_pdbx_poly_seq_scheme.mon_id 
_pdbx_poly_seq_scheme.ndb_seq_num 
_pdbx_poly_seq_scheme.pdb_seq_num 
_pdbx_poly_seq_scheme.auth_seq_num 
_pdbx_poly_seq_scheme.pdb_mon_id 
_pdbx_poly_seq_scheme.auth_mon_id 
_pdbx_poly_seq_scheme.pdb_strand_id 
_pdbx_poly_seq_scheme.pdb_ins_code 
_pdbx_poly_seq_scheme.hetero 
A 1 1   MET 1   1   1   MET ALA A . n 
A 1 2   ASN 2   2   2   ASN ASN A . n 
A 1 3   ASN 3   3   3   ASN ASN A . n 
A 1 4   MET 4   4   4   MET MET A . n 
A 1 5   ASN 5   5   5   ASN ASN A . n 
A 1 6   VAL 6   6   6   VAL VAL A . n 
A 1 7   ILE 7   7   7   ILE ILE A . n 
A 1 8   ILE 8   8   8   ILE ILE A . n 
A 1 9   ALA 9   9   9   ALA ALA A . n 
A 1 10  ASP 10  10  10  ASP ASP A . n 
A 1 11  ASP 11  11  11  ASP ASP A . n 
A 1 12  HIS 12  12  12  HIS HIS A . n 
A 1 13  PRO 13  13  13  PRO PRO A . n 
A 1 14  ILE 14  14  14  ILE ILE A . n 
A 1 15  VAL 15  15  15  VAL VAL A . n 
A 1 16  LEU 16  16  16  LEU LEU A . n 
A 1 17  PHE 17  17  17  PHE PHE A . n 
A 1 18  GLY 18  18  18  GLY GLY A . n 
A 1 19  ILE 19  19  19  ILE ILE A . n 
A 1 20  ARG 20  20  20  ARG ARG A . n 
A 1 21  LYS 21  21  21  LYS LYS A . n 
A 1 22  SER 22  22  22  SER SER A . n 
A 1 23  LEU 23  23  23  LEU LEU A . n 
A 1 24  GLU 24  24  24  GLU GLU A . n 
A 1 25  GLN 25  25  25  GLN GLN A . n 
A 1 26  ILE 26  26  26  ILE ILE A . n 
A 1 27  GLU 27  27  27  GLU ALA A . n 
A 1 28  TRP 28  28  28  TRP TRP A . n 
A 1 29  VAL 29  29  29  VAL VAL A . n 
A 1 30  ASN 30  30  30  ASN ASN A . n 
A 1 31  VAL 31  31  31  VAL VAL A . n 
A 1 32  VAL 32  32  32  VAL VAL A . n 
A 1 33  GLY 33  33  33  GLY GLY A . n 
A 1 34  GLU 34  34  34  GLU GLU A . n 
A 1 35  PHE 35  35  35  PHE PHE A . n 
A 1 36  GLU 36  36  36  GLU GLU A . n 
A 1 37  ASP 37  37  37  ASP ASP A . n 
A 1 38  SER 38  38  38  SER SER A . n 
A 1 39  THR 39  39  39  THR THR A . n 
A 1 40  ALA 40  40  40  ALA ALA A . n 
A 1 41  LEU 41  41  41  LEU LEU A . n 
A 1 42  ILE 42  42  42  ILE ILE A . n 
A 1 43  ASN 43  43  43  ASN ASN A . n 
A 1 44  ASN 44  44  44  ASN ASN A . n 
A 1 45  LEU 45  45  45  LEU LEU A . n 
A 1 46  PRO 46  46  46  PRO PRO A . n 
A 1 47  LYS 47  47  47  LYS LYS A . n 
A 1 48  LEU 48  48  48  LEU LEU A . n 
A 1 49  ASP 49  49  49  ASP ASP A . n 
A 1 50  ALA 50  50  50  ALA ALA A . n 
A 1 51  HIS 51  51  51  HIS HIS A . n 
A 1 52  VAL 52  52  52  VAL VAL A . n 
A 1 53  LEU 53  53  53  LEU LEU A . n 
A 1 54  ILE 54  54  54  ILE ILE A . n 
A 1 55  THR 55  55  55  THR THR A . n 
A 1 56  ASP 56  56  56  ASP ASP A . n 
A 1 57  LEU 57  57  57  LEU LEU A . n 
A 1 58  SER 58  58  58  SER SER A . n 
A 1 59  MET 59  59  59  MET MET A . n 
A 1 60  PRO 60  60  60  PRO PRO A . n 
A 1 61  GLY 61  61  61  GLY GLY A . n 
A 1 62  ASP 62  62  62  ASP ASP A . n 
A 1 63  LYS 63  63  63  LYS LYS A . n 
A 1 64  TYR 64  64  64  TYR TYR A . n 
A 1 65  GLY 65  65  65  GLY GLY A . n 
A 1 66  ASP 66  66  66  ASP ASP A . n 
A 1 67  GLY 67  67  67  GLY GLY A . n 
A 1 68  ILE 68  68  68  ILE ILE A . n 
A 1 69  THR 69  69  69  THR THR A . n 
A 1 70  LEU 70  70  70  LEU LEU A . n 
A 1 71  ILE 71  71  71  ILE ILE A . n 
A 1 72  LYS 72  72  72  LYS LYS A . n 
A 1 73  TYR 73  73  73  TYR TYR A . n 
A 1 74  ILE 74  74  74  ILE ILE A . n 
A 1 75  LYS 75  75  75  LYS LYS A . n 
A 1 76  ARG 76  76  76  ARG ARG A . n 
A 1 77  HIS 77  77  77  HIS HIS A . n 
A 1 78  PHE 78  78  78  PHE PHE A . n 
A 1 79  PRO 79  79  79  PRO PRO A . n 
A 1 80  SER 80  80  80  SER SER A . n 
A 1 81  LEU 81  81  81  LEU LEU A . n 
A 1 82  SER 82  82  82  SER SER A . n 
A 1 83  ILE 83  83  83  ILE ILE A . n 
A 1 84  ILE 84  84  84  ILE ILE A . n 
A 1 85  VAL 85  85  85  VAL VAL A . n 
A 1 86  LEU 86  86  86  LEU LEU A . n 
A 1 87  THR 87  87  87  THR THR A . n 
A 1 88  MET 88  88  88  MET MET A . n 
A 1 89  ASN 89  89  89  ASN ASN A . n 
A 1 90  ASN 90  90  90  ASN ASN A . n 
A 1 91  ASN 91  91  91  ASN ASN A . n 
A 1 92  PRO 92  92  92  PRO PRO A . n 
A 1 93  ALA 93  93  93  ALA ALA A . n 
A 1 94  ILE 94  94  94  ILE ILE A . n 
A 1 95  LEU 95  95  95  LEU LEU A . n 
A 1 96  SER 96  96  96  SER SER A . n 
A 1 97  ALA 97  97  97  ALA ALA A . n 
A 1 98  VAL 98  98  98  VAL VAL A . n 
A 1 99  LEU 99  99  99  LEU LEU A . n 
A 1 100 ASP 100 100 100 ASP ASP A . n 
A 1 101 LEU 101 101 101 LEU LEU A . n 
A 1 102 ASP 102 102 102 ASP ASP A . n 
A 1 103 ILE 103 103 103 ILE ILE A . n 
A 1 104 GLU 104 104 104 GLU GLU A . n 
A 1 105 GLY 105 105 105 GLY GLY A . n 
A 1 106 ILE 106 106 106 ILE ILE A . n 
A 1 107 VAL 107 107 107 VAL VAL A . n 
A 1 108 LEU 108 108 108 LEU LEU A . n 
A 1 109 LYS 109 109 109 LYS LYS A . n 
A 1 110 GLN 110 110 110 GLN GLN A . n 
A 1 111 GLY 111 111 111 GLY GLY A . n 
A 1 112 ALA 112 112 112 ALA ALA A . n 
A 1 113 PRO 113 113 113 PRO PRO A . n 
A 1 114 THR 114 114 114 THR THR A . n 
A 1 115 ASP 115 115 115 ASP ASP A . n 
A 1 116 LEU 116 116 116 LEU LEU A . n 
A 1 117 PRO 117 117 117 PRO PRO A . n 
A 1 118 LYS 118 118 118 LYS LYS A . n 
A 1 119 ALA 119 119 119 ALA ALA A . n 
A 1 120 LEU 120 120 120 LEU LEU A . n 
A 1 121 ALA 121 121 121 ALA ALA A . n 
A 1 122 ALA 122 122 122 ALA ALA A . n 
A 1 123 LEU 123 123 123 LEU LEU A . n 
A 1 124 GLN 124 124 124 GLN GLN A . n 
A 1 125 LYS 125 125 125 LYS LYS A . n 
A 1 126 GLY 126 126 126 GLY GLY A . n 
A 1 127 LYS 127 127 127 LYS LYS A . n 
A 1 128 LYS 128 128 128 LYS LYS A . n 
A 1 129 PHE 129 129 129 PHE PHE A . n 
A 1 130 THR 130 130 130 THR THR A . n 
A 1 131 PRO 131 131 131 PRO PRO A . n 
A 1 132 GLU 132 132 132 GLU GLU A . n 
A 1 133 SER 133 133 133 SER SER A . n 
A 1 134 VAL 134 134 134 VAL VAL A . n 
A 1 135 SER 135 135 135 SER SER A . n 
A 1 136 ARG 136 136 136 ARG ARG A . n 
A 1 137 LEU 137 137 137 LEU LEU A . n 
A 1 138 LEU 138 138 138 LEU LEU A . n 
A 1 139 GLU 139 139 139 GLU ALA A . n 
A 1 140 LYS 140 140 140 LYS ALA A . n 
A 1 141 ILE 141 141 141 ILE ALA A . n 
A 1 142 SER 142 142 142 SER ALA A . n 
A 1 143 ALA 143 143 143 ALA ALA A . n 
A 1 144 GLY 144 144 144 GLY GLY A . n 
A 1 145 GLY 145 145 145 GLY GLY A . n 
A 1 146 TYR 146 146 146 TYR TYR A . n 
A 1 147 GLY 147 147 147 GLY GLY A . n 
A 1 148 ASP 148 148 148 ASP ALA A . n 
A 1 149 LYS 149 149 149 LYS ALA A . n 
A 1 150 ARG 150 150 150 ARG ALA A . n 
A 1 151 LEU 151 151 151 LEU LEU A . n 
A 1 152 SER 152 152 152 SER SER A . n 
A 1 153 PRO 153 153 153 PRO PRO A . n 
A 1 154 LYS 154 154 154 LYS LYS A . n 
A 1 155 GLU 155 155 155 GLU GLU A . n 
A 1 156 SER 156 156 156 SER SER A . n 
A 1 157 GLU 157 157 157 GLU GLU A . n 
A 1 158 VAL 158 158 158 VAL VAL A . n 
A 1 159 LEU 159 159 159 LEU LEU A . n 
A 1 160 ARG 160 160 160 ARG ARG A . n 
A 1 161 LEU 161 161 161 LEU LEU A . n 
A 1 162 PHE 162 162 162 PHE PHE A . n 
A 1 163 ALA 163 163 163 ALA ALA A . n 
A 1 164 GLU 164 164 164 GLU GLU A . n 
A 1 165 GLY 165 165 165 GLY GLY A . n 
A 1 166 PHE 166 166 166 PHE PHE A . n 
A 1 167 LEU 167 167 167 LEU LEU A . n 
A 1 168 VAL 168 168 168 VAL VAL A . n 
A 1 169 THR 169 169 169 THR THR A . n 
A 1 170 GLU 170 170 170 GLU GLU A . n 
A 1 171 ILE 171 171 171 ILE ILE A . n 
A 1 172 ALA 172 172 172 ALA ALA A . n 
A 1 173 LYS 173 173 173 LYS LYS A . n 
A 1 174 LYS 174 174 174 LYS LYS A . n 
A 1 175 LEU 175 175 175 LEU LEU A . n 
A 1 176 ASN 176 176 176 ASN ASN A . n 
A 1 177 ARG 177 177 177 ARG ARG A . n 
A 1 178 SER 178 178 178 SER SER A . n 
A 1 179 ILE 179 179 179 ILE ILE A . n 
A 1 180 LYS 180 180 180 LYS ALA A . n 
A 1 181 THR 181 181 181 THR THR A . n 
A 1 182 ILE 182 182 182 ILE ILE A . n 
A 1 183 SER 183 183 183 SER SER A . n 
A 1 184 SER 184 184 184 SER SER A . n 
A 1 185 GLN 185 185 185 GLN GLN A . n 
A 1 186 LYS 186 186 186 LYS LYS A . n 
A 1 187 LYS 187 187 187 LYS LYS A . n 
A 1 188 SER 188 188 188 SER SER A . n 
A 1 189 ALA 189 189 189 ALA ALA A . n 
A 1 190 MET 190 190 190 MET MET A . n 
A 1 191 MET 191 191 191 MET MET A . n 
A 1 192 LYS 192 192 192 LYS LYS A . n 
A 1 193 LEU 193 193 193 LEU LEU A . n 
A 1 194 GLY 194 194 194 GLY GLY A . n 
A 1 195 VAL 195 195 195 VAL VAL A . n 
A 1 196 GLU 196 196 196 GLU GLU A . n 
A 1 197 ASN 197 197 197 ASN ASN A . n 
A 1 198 ASP 198 198 198 ASP ASP A . n 
A 1 199 ILE 199 199 199 ILE ILE A . n 
A 1 200 ALA 200 200 200 ALA ALA A . n 
A 1 201 LEU 201 201 201 LEU LEU A . n 
A 1 202 LEU 202 202 202 LEU LEU A . n 
A 1 203 ASN 203 203 203 ASN ASN A . n 
A 1 204 TYR 204 204 204 TYR TYR A . n 
A 1 205 LEU 205 205 205 LEU LEU A . n 
A 1 206 SER 206 206 206 SER SER A . n 
A 1 207 CYS 207 207 207 CYS CYS A . n 
A 1 208 VAL 208 208 208 VAL ALA A . n 
A 1 209 THR 209 209 ?   ?   ?   A . n 
A 1 210 LEU 210 210 ?   ?   ?   A . n 
# 
loop_
_pdbx_nonpoly_scheme.asym_id 
_pdbx_nonpoly_scheme.entity_id 
_pdbx_nonpoly_scheme.mon_id 
_pdbx_nonpoly_scheme.ndb_seq_num 
_pdbx_nonpoly_scheme.pdb_seq_num 
_pdbx_nonpoly_scheme.auth_seq_num 
_pdbx_nonpoly_scheme.pdb_mon_id 
_pdbx_nonpoly_scheme.auth_mon_id 
_pdbx_nonpoly_scheme.pdb_strand_id 
_pdbx_nonpoly_scheme.pdb_ins_code 
B 2 HOH 1  301 2  HOH HOH A . 
B 2 HOH 2  302 4  HOH HOH A . 
B 2 HOH 3  303 9  HOH HOH A . 
B 2 HOH 4  304 13 HOH HOH A . 
B 2 HOH 5  305 3  HOH HOH A . 
B 2 HOH 6  306 7  HOH HOH A . 
B 2 HOH 7  307 14 HOH HOH A . 
B 2 HOH 8  308 6  HOH HOH A . 
B 2 HOH 9  309 5  HOH HOH A . 
B 2 HOH 10 310 12 HOH HOH A . 
B 2 HOH 11 311 11 HOH HOH A . 
B 2 HOH 12 312 10 HOH HOH A . 
# 
loop_
_pdbx_unobs_or_zero_occ_atoms.id 
_pdbx_unobs_or_zero_occ_atoms.PDB_model_num 
_pdbx_unobs_or_zero_occ_atoms.polymer_flag 
_pdbx_unobs_or_zero_occ_atoms.occupancy_flag 
_pdbx_unobs_or_zero_occ_atoms.auth_asym_id 
_pdbx_unobs_or_zero_occ_atoms.auth_comp_id 
_pdbx_unobs_or_zero_occ_atoms.auth_seq_id 
_pdbx_unobs_or_zero_occ_atoms.PDB_ins_code 
_pdbx_unobs_or_zero_occ_atoms.auth_atom_id 
_pdbx_unobs_or_zero_occ_atoms.label_alt_id 
_pdbx_unobs_or_zero_occ_atoms.label_asym_id 
_pdbx_unobs_or_zero_occ_atoms.label_comp_id 
_pdbx_unobs_or_zero_occ_atoms.label_seq_id 
_pdbx_unobs_or_zero_occ_atoms.label_atom_id 
1  1 Y 1 A MET 1   ? CG  ? A MET 1   CG  
2  1 Y 1 A MET 1   ? SD  ? A MET 1   SD  
3  1 Y 1 A MET 1   ? CE  ? A MET 1   CE  
4  1 Y 1 A GLU 27  ? CG  ? A GLU 27  CG  
5  1 Y 1 A GLU 27  ? CD  ? A GLU 27  CD  
6  1 Y 1 A GLU 27  ? OE1 ? A GLU 27  OE1 
7  1 Y 1 A GLU 27  ? OE2 ? A GLU 27  OE2 
8  1 Y 1 A GLU 139 ? CG  ? A GLU 139 CG  
9  1 Y 1 A GLU 139 ? CD  ? A GLU 139 CD  
10 1 Y 1 A GLU 139 ? OE1 ? A GLU 139 OE1 
11 1 Y 1 A GLU 139 ? OE2 ? A GLU 139 OE2 
12 1 Y 1 A LYS 140 ? CG  ? A LYS 140 CG  
13 1 Y 1 A LYS 140 ? CD  ? A LYS 140 CD  
14 1 Y 1 A LYS 140 ? CE  ? A LYS 140 CE  
15 1 Y 1 A LYS 140 ? NZ  ? A LYS 140 NZ  
16 1 Y 1 A ILE 141 ? CG1 ? A ILE 141 CG1 
17 1 Y 1 A ILE 141 ? CG2 ? A ILE 141 CG2 
18 1 Y 1 A ILE 141 ? CD1 ? A ILE 141 CD1 
19 1 Y 1 A SER 142 ? OG  ? A SER 142 OG  
20 1 Y 1 A ASP 148 ? CG  ? A ASP 148 CG  
21 1 Y 1 A ASP 148 ? OD1 ? A ASP 148 OD1 
22 1 Y 1 A ASP 148 ? OD2 ? A ASP 148 OD2 
23 1 Y 1 A LYS 149 ? CG  ? A LYS 149 CG  
24 1 Y 1 A LYS 149 ? CD  ? A LYS 149 CD  
25 1 Y 1 A LYS 149 ? CE  ? A LYS 149 CE  
26 1 Y 1 A LYS 149 ? NZ  ? A LYS 149 NZ  
27 1 Y 1 A ARG 150 ? CG  ? A ARG 150 CG  
28 1 Y 1 A ARG 150 ? CD  ? A ARG 150 CD  
29 1 Y 1 A ARG 150 ? NE  ? A ARG 150 NE  
30 1 Y 1 A ARG 150 ? CZ  ? A ARG 150 CZ  
31 1 Y 1 A ARG 150 ? NH1 ? A ARG 150 NH1 
32 1 Y 1 A ARG 150 ? NH2 ? A ARG 150 NH2 
33 1 Y 1 A LYS 180 ? CG  ? A LYS 180 CG  
34 1 Y 1 A LYS 180 ? CD  ? A LYS 180 CD  
35 1 Y 1 A LYS 180 ? CE  ? A LYS 180 CE  
36 1 Y 1 A LYS 180 ? NZ  ? A LYS 180 NZ  
37 1 Y 1 A VAL 208 ? CG1 ? A VAL 208 CG1 
38 1 Y 1 A VAL 208 ? CG2 ? A VAL 208 CG2 
# 
loop_
_software.citation_id 
_software.classification 
_software.compiler_name 
_software.compiler_version 
_software.contact_author 
_software.contact_author_email 
_software.date 
_software.description 
_software.dependencies 
_software.hardware 
_software.language 
_software.location 
_software.mods 
_software.name 
_software.os 
_software.os_version 
_software.type 
_software.version 
_software.pdbx_ordinal 
? refinement       ? ? ? ? ? ? ? ? ? ? ? REFMAC  ? ? ? 5.8.0049 1 
? 'data reduction' ? ? ? ? ? ? ? ? ? ? ? XDS     ? ? ? .        2 
? 'data scaling'   ? ? ? ? ? ? ? ? ? ? ? Aimless ? ? ? .        3 
? phasing          ? ? ? ? ? ? ? ? ? ? ? PHASER  ? ? ? .        4 
# 
_cell.angle_alpha                  90.00 
_cell.angle_alpha_esd              ? 
_cell.angle_beta                   90.00 
_cell.angle_beta_esd               ? 
_cell.angle_gamma                  120.00 
_cell.angle_gamma_esd              ? 
_cell.entry_id                     6EO2 
_cell.details                      ? 
_cell.formula_units_Z              ? 
_cell.length_a                     92.952 
_cell.length_a_esd                 ? 
_cell.length_b                     92.952 
_cell.length_b_esd                 ? 
_cell.length_c                     120.721 
_cell.length_c_esd                 ? 
_cell.volume                       ? 
_cell.volume_esd                   ? 
_cell.Z_PDB                        12 
_cell.reciprocal_angle_alpha       ? 
_cell.reciprocal_angle_beta        ? 
_cell.reciprocal_angle_gamma       ? 
_cell.reciprocal_angle_alpha_esd   ? 
_cell.reciprocal_angle_beta_esd    ? 
_cell.reciprocal_angle_gamma_esd   ? 
_cell.reciprocal_length_a          ? 
_cell.reciprocal_length_b          ? 
_cell.reciprocal_length_c          ? 
_cell.reciprocal_length_a_esd      ? 
_cell.reciprocal_length_b_esd      ? 
_cell.reciprocal_length_c_esd      ? 
_cell.pdbx_unique_axis             ? 
# 
_symmetry.entry_id                         6EO2 
_symmetry.cell_setting                     ? 
_symmetry.Int_Tables_number                182 
_symmetry.space_group_name_Hall            ? 
_symmetry.space_group_name_H-M             'P 63 2 2' 
_symmetry.pdbx_full_space_group_name_H-M   ? 
# 
_exptl.absorpt_coefficient_mu     ? 
_exptl.absorpt_correction_T_max   ? 
_exptl.absorpt_correction_T_min   ? 
_exptl.absorpt_correction_type    ? 
_exptl.absorpt_process_details    ? 
_exptl.entry_id                   6EO2 
_exptl.crystals_number            1 
_exptl.details                    ? 
_exptl.method                     'X-RAY DIFFRACTION' 
_exptl.method_details             ? 
# 
_exptl_crystal.colour                      ? 
_exptl_crystal.density_diffrn              ? 
_exptl_crystal.density_Matthews            3.26 
_exptl_crystal.density_method              ? 
_exptl_crystal.density_percent_sol         62.25 
_exptl_crystal.description                 ? 
_exptl_crystal.F_000                       ? 
_exptl_crystal.id                          1 
_exptl_crystal.preparation                 ? 
_exptl_crystal.size_max                    ? 
_exptl_crystal.size_mid                    ? 
_exptl_crystal.size_min                    ? 
_exptl_crystal.size_rad                    ? 
_exptl_crystal.colour_lustre               ? 
_exptl_crystal.colour_modifier             ? 
_exptl_crystal.colour_primary              ? 
_exptl_crystal.density_meas                ? 
_exptl_crystal.density_meas_esd            ? 
_exptl_crystal.density_meas_gt             ? 
_exptl_crystal.density_meas_lt             ? 
_exptl_crystal.density_meas_temp           ? 
_exptl_crystal.density_meas_temp_esd       ? 
_exptl_crystal.density_meas_temp_gt        ? 
_exptl_crystal.density_meas_temp_lt        ? 
_exptl_crystal.pdbx_crystal_image_url      ? 
_exptl_crystal.pdbx_crystal_image_format   ? 
_exptl_crystal.pdbx_mosaicity              ? 
_exptl_crystal.pdbx_mosaicity_esd          ? 
# 
_exptl_crystal_grow.apparatus       ? 
_exptl_crystal_grow.atmosphere      ? 
_exptl_crystal_grow.crystal_id      1 
_exptl_crystal_grow.details         ? 
_exptl_crystal_grow.method          'VAPOR DIFFUSION, SITTING DROP' 
_exptl_crystal_grow.method_ref      ? 
_exptl_crystal_grow.pH              ? 
_exptl_crystal_grow.pressure        ? 
_exptl_crystal_grow.pressure_esd    ? 
_exptl_crystal_grow.seeding         ? 
_exptl_crystal_grow.seeding_ref     ? 
_exptl_crystal_grow.temp            294 
_exptl_crystal_grow.temp_details    ? 
_exptl_crystal_grow.temp_esd        ? 
_exptl_crystal_grow.time            ? 
_exptl_crystal_grow.pdbx_details    '30 % polyacrylate 2100, 0.1 M sodium malonate and 0.1 M Hepes pH 7.0' 
_exptl_crystal_grow.pdbx_pH_range   ? 
# 
_diffrn.ambient_environment    ? 
_diffrn.ambient_temp           100 
_diffrn.ambient_temp_details   ? 
_diffrn.ambient_temp_esd       ? 
_diffrn.crystal_id             1 
_diffrn.crystal_support        ? 
_diffrn.crystal_treatment      ? 
_diffrn.details                ? 
_diffrn.id                     1 
_diffrn.ambient_pressure       ? 
_diffrn.ambient_pressure_esd   ? 
_diffrn.ambient_pressure_gt    ? 
_diffrn.ambient_pressure_lt    ? 
_diffrn.ambient_temp_gt        ? 
_diffrn.ambient_temp_lt        ? 
# 
_diffrn_detector.details                      ? 
_diffrn_detector.detector                     PIXEL 
_diffrn_detector.diffrn_id                    1 
_diffrn_detector.type                         'DECTRIS PILATUS3 S 6M' 
_diffrn_detector.area_resol_mean              ? 
_diffrn_detector.dtime                        ? 
_diffrn_detector.pdbx_frames_total            ? 
_diffrn_detector.pdbx_collection_time_total   ? 
_diffrn_detector.pdbx_collection_date         2017-09-11 
# 
_diffrn_radiation.collimation                      ? 
_diffrn_radiation.diffrn_id                        1 
_diffrn_radiation.filter_edge                      ? 
_diffrn_radiation.inhomogeneity                    ? 
_diffrn_radiation.monochromator                    ? 
_diffrn_radiation.polarisn_norm                    ? 
_diffrn_radiation.polarisn_ratio                   ? 
_diffrn_radiation.probe                            ? 
_diffrn_radiation.type                             ? 
_diffrn_radiation.xray_symbol                      ? 
_diffrn_radiation.wavelength_id                    1 
_diffrn_radiation.pdbx_monochromatic_or_laue_m_l   M 
_diffrn_radiation.pdbx_wavelength_list             ? 
_diffrn_radiation.pdbx_wavelength                  ? 
_diffrn_radiation.pdbx_diffrn_protocol             'SINGLE WAVELENGTH' 
_diffrn_radiation.pdbx_analyzer                    ? 
_diffrn_radiation.pdbx_scattering_type             x-ray 
# 
_diffrn_radiation_wavelength.id           1 
_diffrn_radiation_wavelength.wavelength   0.91587 
_diffrn_radiation_wavelength.wt           1.0 
# 
_diffrn_source.current                     ? 
_diffrn_source.details                     ? 
_diffrn_source.diffrn_id                   1 
_diffrn_source.power                       ? 
_diffrn_source.size                        ? 
_diffrn_source.source                      SYNCHROTRON 
_diffrn_source.target                      ? 
_diffrn_source.type                        'DIAMOND BEAMLINE I04-1' 
_diffrn_source.voltage                     ? 
_diffrn_source.take-off_angle              ? 
_diffrn_source.pdbx_wavelength_list        0.91587 
_diffrn_source.pdbx_wavelength             ? 
_diffrn_source.pdbx_synchrotron_beamline   I04-1 
_diffrn_source.pdbx_synchrotron_site       Diamond 
# 
_reflns.B_iso_Wilson_estimate            ? 
_reflns.entry_id                         6EO2 
_reflns.data_reduction_details           ? 
_reflns.data_reduction_method            ? 
_reflns.d_resolution_high                2.6 
_reflns.d_resolution_low                 80.6 
_reflns.details                          ? 
_reflns.limit_h_max                      ? 
_reflns.limit_h_min                      ? 
_reflns.limit_k_max                      ? 
_reflns.limit_k_min                      ? 
_reflns.limit_l_max                      ? 
_reflns.limit_l_min                      ? 
_reflns.number_all                       ? 
_reflns.number_obs                       195331 
_reflns.observed_criterion               ? 
_reflns.observed_criterion_F_max         ? 
_reflns.observed_criterion_F_min         ? 
_reflns.observed_criterion_I_max         ? 
_reflns.observed_criterion_I_min         ? 
_reflns.observed_criterion_sigma_F       ? 
_reflns.observed_criterion_sigma_I       ? 
_reflns.percent_possible_obs             96.4 
_reflns.R_free_details                   ? 
_reflns.Rmerge_F_all                     ? 
_reflns.Rmerge_F_obs                     ? 
_reflns.Friedel_coverage                 ? 
_reflns.number_gt                        ? 
_reflns.threshold_expression             ? 
_reflns.pdbx_redundancy                  20.2 
_reflns.pdbx_Rmerge_I_obs                0.061 
_reflns.pdbx_Rmerge_I_all                ? 
_reflns.pdbx_Rsym_value                  ? 
_reflns.pdbx_netI_over_av_sigmaI         ? 
_reflns.pdbx_netI_over_sigmaI            31.8 
_reflns.pdbx_res_netI_over_av_sigmaI_2   ? 
_reflns.pdbx_res_netI_over_sigmaI_2      ? 
_reflns.pdbx_chi_squared                 ? 
_reflns.pdbx_scaling_rejects             ? 
_reflns.pdbx_d_res_high_opt              ? 
_reflns.pdbx_d_res_low_opt               ? 
_reflns.pdbx_d_res_opt_method            ? 
_reflns.phase_calculation_details        ? 
_reflns.pdbx_Rrim_I_all                  ? 
_reflns.pdbx_Rpim_I_all                  ? 
_reflns.pdbx_d_opt                       ? 
_reflns.pdbx_number_measured_all         ? 
_reflns.pdbx_diffrn_id                   1 
_reflns.pdbx_ordinal                     1 
_reflns.pdbx_CC_half                     1 
_reflns.pdbx_R_split                     ? 
# 
_reflns_shell.d_res_high                  2.60 
_reflns_shell.d_res_low                   2.72 
_reflns_shell.meanI_over_sigI_all         ? 
_reflns_shell.meanI_over_sigI_obs         2.6 
_reflns_shell.number_measured_all         ? 
_reflns_shell.number_measured_obs         17096 
_reflns_shell.number_possible             ? 
_reflns_shell.number_unique_all           958 
_reflns_shell.number_unique_obs           ? 
_reflns_shell.percent_possible_all        81.0 
_reflns_shell.percent_possible_obs        ? 
_reflns_shell.Rmerge_F_all                ? 
_reflns_shell.Rmerge_F_obs                ? 
_reflns_shell.Rmerge_I_all                ? 
_reflns_shell.Rmerge_I_obs                1.241 
_reflns_shell.meanI_over_sigI_gt          ? 
_reflns_shell.meanI_over_uI_all           ? 
_reflns_shell.meanI_over_uI_gt            ? 
_reflns_shell.number_measured_gt          ? 
_reflns_shell.number_unique_gt            ? 
_reflns_shell.percent_possible_gt         ? 
_reflns_shell.Rmerge_F_gt                 ? 
_reflns_shell.Rmerge_I_gt                 ? 
_reflns_shell.pdbx_redundancy             17.8 
_reflns_shell.pdbx_Rsym_value             ? 
_reflns_shell.pdbx_chi_squared            ? 
_reflns_shell.pdbx_netI_over_sigmaI_all   ? 
_reflns_shell.pdbx_netI_over_sigmaI_obs   ? 
_reflns_shell.pdbx_Rrim_I_all             ? 
_reflns_shell.pdbx_Rpim_I_all             ? 
_reflns_shell.pdbx_rejects                ? 
_reflns_shell.pdbx_ordinal                1 
_reflns_shell.pdbx_diffrn_id              1 
_reflns_shell.pdbx_CC_half                0.826 
_reflns_shell.pdbx_R_split                ? 
# 
_refine.aniso_B[1][1]                            0.68 
_refine.aniso_B[1][2]                            0.34 
_refine.aniso_B[1][3]                            0.00 
_refine.aniso_B[2][2]                            0.68 
_refine.aniso_B[2][3]                            0.00 
_refine.aniso_B[3][3]                            -2.19 
_refine.B_iso_max                                ? 
_refine.B_iso_mean                               78.071 
_refine.B_iso_min                                ? 
_refine.correlation_coeff_Fo_to_Fc               0.948 
_refine.correlation_coeff_Fo_to_Fc_free          0.950 
_refine.details                                  'HYDROGENS HAVE BEEN ADDED IN THE RIDING POSITIONS' 
_refine.diff_density_max                         ? 
_refine.diff_density_max_esd                     ? 
_refine.diff_density_min                         ? 
_refine.diff_density_min_esd                     ? 
_refine.diff_density_rms                         ? 
_refine.diff_density_rms_esd                     ? 
_refine.entry_id                                 6EO2 
_refine.pdbx_refine_id                           'X-RAY DIFFRACTION' 
_refine.ls_abs_structure_details                 ? 
_refine.ls_abs_structure_Flack                   ? 
_refine.ls_abs_structure_Flack_esd               ? 
_refine.ls_abs_structure_Rogers                  ? 
_refine.ls_abs_structure_Rogers_esd              ? 
_refine.ls_d_res_high                            2.60 
_refine.ls_d_res_low                             80.50 
_refine.ls_extinction_coef                       ? 
_refine.ls_extinction_coef_esd                   ? 
_refine.ls_extinction_expression                 ? 
_refine.ls_extinction_method                     ? 
_refine.ls_goodness_of_fit_all                   ? 
_refine.ls_goodness_of_fit_all_esd               ? 
_refine.ls_goodness_of_fit_obs                   ? 
_refine.ls_goodness_of_fit_obs_esd               ? 
_refine.ls_hydrogen_treatment                    ? 
_refine.ls_matrix_type                           ? 
_refine.ls_number_constraints                    ? 
_refine.ls_number_parameters                     ? 
_refine.ls_number_reflns_all                     ? 
_refine.ls_number_reflns_obs                     9177 
_refine.ls_number_reflns_R_free                  491 
_refine.ls_number_reflns_R_work                  ? 
_refine.ls_number_restraints                     ? 
_refine.ls_percent_reflns_obs                    96.43 
_refine.ls_percent_reflns_R_free                 5.1 
_refine.ls_R_factor_all                          ? 
_refine.ls_R_factor_obs                          0.22059 
_refine.ls_R_factor_R_free                       0.24587 
_refine.ls_R_factor_R_free_error                 ? 
_refine.ls_R_factor_R_free_error_details         ? 
_refine.ls_R_factor_R_work                       0.21914 
_refine.ls_R_Fsqd_factor_obs                     ? 
_refine.ls_R_I_factor_obs                        ? 
_refine.ls_redundancy_reflns_all                 ? 
_refine.ls_redundancy_reflns_obs                 ? 
_refine.ls_restrained_S_all                      ? 
_refine.ls_restrained_S_obs                      ? 
_refine.ls_shift_over_esd_max                    ? 
_refine.ls_shift_over_esd_mean                   ? 
_refine.ls_structure_factor_coef                 ? 
_refine.ls_weighting_details                     ? 
_refine.ls_weighting_scheme                      ? 
_refine.ls_wR_factor_all                         ? 
_refine.ls_wR_factor_obs                         ? 
_refine.ls_wR_factor_R_free                      ? 
_refine.ls_wR_factor_R_work                      ? 
_refine.occupancy_max                            ? 
_refine.occupancy_min                            ? 
_refine.solvent_model_details                    MASK 
_refine.solvent_model_param_bsol                 ? 
_refine.solvent_model_param_ksol                 ? 
_refine.ls_R_factor_gt                           ? 
_refine.ls_goodness_of_fit_gt                    ? 
_refine.ls_goodness_of_fit_ref                   ? 
_refine.ls_shift_over_su_max                     ? 
_refine.ls_shift_over_su_max_lt                  ? 
_refine.ls_shift_over_su_mean                    ? 
_refine.ls_shift_over_su_mean_lt                 ? 
_refine.pdbx_ls_sigma_I                          ? 
_refine.pdbx_ls_sigma_F                          ? 
_refine.pdbx_ls_sigma_Fsqd                       ? 
_refine.pdbx_data_cutoff_high_absF               ? 
_refine.pdbx_data_cutoff_high_rms_absF           ? 
_refine.pdbx_data_cutoff_low_absF                ? 
_refine.pdbx_isotropic_thermal_model             ? 
_refine.pdbx_ls_cross_valid_method               THROUGHOUT 
_refine.pdbx_method_to_determine_struct          'MOLECULAR REPLACEMENT' 
_refine.pdbx_starting_model                      ? 
_refine.pdbx_stereochemistry_target_values       'MAXIMUM LIKELIHOOD' 
_refine.pdbx_R_Free_selection_details            RANDOM 
_refine.pdbx_stereochem_target_val_spec_case     ? 
_refine.pdbx_overall_ESU_R                       0.436 
_refine.pdbx_overall_ESU_R_Free                  0.273 
_refine.pdbx_solvent_vdw_probe_radii             1.20 
_refine.pdbx_solvent_ion_probe_radii             0.80 
_refine.pdbx_solvent_shrinkage_radii             0.80 
_refine.pdbx_real_space_R                        ? 
_refine.pdbx_density_correlation                 ? 
_refine.pdbx_pd_number_of_powder_patterns        ? 
_refine.pdbx_pd_number_of_points                 ? 
_refine.pdbx_pd_meas_number_of_points            ? 
_refine.pdbx_pd_proc_ls_prof_R_factor            ? 
_refine.pdbx_pd_proc_ls_prof_wR_factor           ? 
_refine.pdbx_pd_Marquardt_correlation_coeff      ? 
_refine.pdbx_pd_Fsqrd_R_factor                   ? 
_refine.pdbx_pd_ls_matrix_band_width             ? 
_refine.pdbx_overall_phase_error                 ? 
_refine.pdbx_overall_SU_R_free_Cruickshank_DPI   ? 
_refine.pdbx_overall_SU_R_free_Blow_DPI          ? 
_refine.pdbx_overall_SU_R_Blow_DPI               ? 
_refine.pdbx_TLS_residual_ADP_flag               ? 
_refine.pdbx_diffrn_id                           1 
_refine.overall_SU_B                             11.248 
_refine.overall_SU_ML                            0.234 
_refine.overall_SU_R_Cruickshank_DPI             ? 
_refine.overall_SU_R_free                        ? 
_refine.overall_FOM_free_R_set                   ? 
_refine.overall_FOM_work_R_set                   ? 
_refine.pdbx_average_fsc_overall                 ? 
_refine.pdbx_average_fsc_work                    ? 
_refine.pdbx_average_fsc_free                    ? 
# 
_refine_hist.pdbx_refine_id                   'X-RAY DIFFRACTION' 
_refine_hist.cycle_id                         1 
_refine_hist.pdbx_number_atoms_protein        1566 
_refine_hist.pdbx_number_atoms_nucleic_acid   0 
_refine_hist.pdbx_number_atoms_ligand         0 
_refine_hist.number_atoms_solvent             12 
_refine_hist.number_atoms_total               1578 
_refine_hist.d_res_high                       2.60 
_refine_hist.d_res_low                        80.50 
# 
loop_
_refine_ls_restr.pdbx_refine_id 
_refine_ls_restr.criterion 
_refine_ls_restr.dev_ideal 
_refine_ls_restr.dev_ideal_target 
_refine_ls_restr.number 
_refine_ls_restr.rejects 
_refine_ls_restr.type 
_refine_ls_restr.weight 
_refine_ls_restr.pdbx_restraint_function 
'X-RAY DIFFRACTION' ? 0.006  0.019  1589 ? r_bond_refined_d             ? ? 
'X-RAY DIFFRACTION' ? 0.001  0.020  1621 ? r_bond_other_d               ? ? 
'X-RAY DIFFRACTION' ? 1.018  1.993  2153 ? r_angle_refined_deg          ? ? 
'X-RAY DIFFRACTION' ? 0.705  3.000  3736 ? r_angle_other_deg            ? ? 
'X-RAY DIFFRACTION' ? 5.634  5.000  207  ? r_dihedral_angle_1_deg       ? ? 
'X-RAY DIFFRACTION' ? 37.267 25.714 56   ? r_dihedral_angle_2_deg       ? ? 
'X-RAY DIFFRACTION' ? 15.046 15.000 290  ? r_dihedral_angle_3_deg       ? ? 
'X-RAY DIFFRACTION' ? 22.723 15.000 5    ? r_dihedral_angle_4_deg       ? ? 
'X-RAY DIFFRACTION' ? 0.056  0.200  263  ? r_chiral_restr               ? ? 
'X-RAY DIFFRACTION' ? 0.004  0.021  1765 ? r_gen_planes_refined         ? ? 
'X-RAY DIFFRACTION' ? 0.001  0.020  314  ? r_gen_planes_other           ? ? 
'X-RAY DIFFRACTION' ? ?      ?      ?    ? r_nbd_refined                ? ? 
'X-RAY DIFFRACTION' ? ?      ?      ?    ? r_nbd_other                  ? ? 
'X-RAY DIFFRACTION' ? ?      ?      ?    ? r_nbtor_refined              ? ? 
'X-RAY DIFFRACTION' ? ?      ?      ?    ? r_nbtor_other                ? ? 
'X-RAY DIFFRACTION' ? ?      ?      ?    ? r_xyhbond_nbd_refined        ? ? 
'X-RAY DIFFRACTION' ? ?      ?      ?    ? r_xyhbond_nbd_other          ? ? 
'X-RAY DIFFRACTION' ? ?      ?      ?    ? r_metal_ion_refined          ? ? 
'X-RAY DIFFRACTION' ? ?      ?      ?    ? r_metal_ion_other            ? ? 
'X-RAY DIFFRACTION' ? ?      ?      ?    ? r_symmetry_vdw_refined       ? ? 
'X-RAY DIFFRACTION' ? ?      ?      ?    ? r_symmetry_vdw_other         ? ? 
'X-RAY DIFFRACTION' ? ?      ?      ?    ? r_symmetry_hbond_refined     ? ? 
'X-RAY DIFFRACTION' ? ?      ?      ?    ? r_symmetry_hbond_other       ? ? 
'X-RAY DIFFRACTION' ? ?      ?      ?    ? r_symmetry_metal_ion_refined ? ? 
'X-RAY DIFFRACTION' ? ?      ?      ?    ? r_symmetry_metal_ion_other   ? ? 
'X-RAY DIFFRACTION' ? 3.399  7.749  831  ? r_mcbond_it                  ? ? 
'X-RAY DIFFRACTION' ? 3.400  7.746  830  ? r_mcbond_other               ? ? 
'X-RAY DIFFRACTION' ? 5.429  11.623 1037 ? r_mcangle_it                 ? ? 
'X-RAY DIFFRACTION' ? 5.427  11.626 1038 ? r_mcangle_other              ? ? 
'X-RAY DIFFRACTION' ? 3.603  7.933  756  ? r_scbond_it                  ? ? 
'X-RAY DIFFRACTION' ? 3.601  7.934  757  ? r_scbond_other               ? ? 
'X-RAY DIFFRACTION' ? ?      ?      ?    ? r_scangle_it                 ? ? 
'X-RAY DIFFRACTION' ? 5.942  11.757 1117 ? r_scangle_other              ? ? 
'X-RAY DIFFRACTION' ? 8.642  59.690 1721 ? r_long_range_B_refined       ? ? 
'X-RAY DIFFRACTION' ? 8.642  59.709 1721 ? r_long_range_B_other         ? ? 
'X-RAY DIFFRACTION' ? ?      ?      ?    ? r_rigid_bond_restr           ? ? 
'X-RAY DIFFRACTION' ? ?      ?      ?    ? r_sphericity_free            ? ? 
'X-RAY DIFFRACTION' ? ?      ?      ?    ? r_sphericity_bonded          ? ? 
# 
_refine_ls_shell.pdbx_refine_id                   'X-RAY DIFFRACTION' 
_refine_ls_shell.d_res_high                       2.600 
_refine_ls_shell.d_res_low                        2.667 
_refine_ls_shell.number_reflns_all                ? 
_refine_ls_shell.number_reflns_obs                ? 
_refine_ls_shell.number_reflns_R_free             36 
_refine_ls_shell.number_reflns_R_work             630 
_refine_ls_shell.percent_reflns_obs               91.86 
_refine_ls_shell.percent_reflns_R_free            ? 
_refine_ls_shell.R_factor_all                     ? 
_refine_ls_shell.R_factor_obs                     ? 
_refine_ls_shell.R_factor_R_free                  0.363 
_refine_ls_shell.R_factor_R_free_error            ? 
_refine_ls_shell.R_factor_R_work                  0.341 
_refine_ls_shell.redundancy_reflns_all            ? 
_refine_ls_shell.redundancy_reflns_obs            ? 
_refine_ls_shell.wR_factor_all                    ? 
_refine_ls_shell.wR_factor_obs                    ? 
_refine_ls_shell.wR_factor_R_free                 ? 
_refine_ls_shell.wR_factor_R_work                 ? 
_refine_ls_shell.pdbx_total_number_of_bins_used   20 
_refine_ls_shell.pdbx_phase_error                 ? 
_refine_ls_shell.pdbx_fsc_work                    ? 
_refine_ls_shell.pdbx_fsc_free                    ? 
# 
_struct.entry_id                     6EO2 
_struct.title                        
'Conformational dynamism for DNA interaction in Salmonella typhimurium RcsB response regulator. S207C crossed' 
_struct.pdbx_model_details           ? 
_struct.pdbx_formula_weight          ? 
_struct.pdbx_formula_weight_method   ? 
_struct.pdbx_model_type_details      ? 
_struct.pdbx_CASP_flag               N 
# 
_struct_keywords.entry_id        6EO2 
_struct_keywords.text            'Transcriptional factor, DNA BINDING PROTEIN' 
_struct_keywords.pdbx_keywords   'DNA BINDING PROTEIN' 
# 
loop_
_struct_asym.id 
_struct_asym.pdbx_blank_PDB_chainid_flag 
_struct_asym.pdbx_modified 
_struct_asym.entity_id 
_struct_asym.details 
A N N 1 ? 
B N N 2 ? 
# 
_struct_ref.id                         1 
_struct_ref.db_name                    UNP 
_struct_ref.db_code                    RCSB_SALTY 
_struct_ref.pdbx_db_accession          P58663 
_struct_ref.pdbx_db_isoform            ? 
_struct_ref.entity_id                  1 
_struct_ref.pdbx_seq_one_letter_code   
;MNNMNVIIADDHPIVLFGIRKSLEQIEWVNVVGEFEDSTALINNLPKLDAHVLITDLSMPGDKYGDGITLIKYIKRHFPS
LSIIVLTMNNNPAILSAVLDLDIEGIVLKQGAPTDLPKALAALQKGKKFTPESVSRLLEKISAGGYGDKRLSPKESEVLR
LFAEGFLVTEIAKKLNRSIKTISSQKKSAMMKLGVENDIALLNYLSSVTL
;
_struct_ref.pdbx_align_begin           1 
# 
_struct_ref_seq.align_id                      1 
_struct_ref_seq.ref_id                        1 
_struct_ref_seq.pdbx_PDB_id_code              6EO2 
_struct_ref_seq.pdbx_strand_id                A 
_struct_ref_seq.seq_align_beg                 1 
_struct_ref_seq.pdbx_seq_align_beg_ins_code   ? 
_struct_ref_seq.seq_align_end                 210 
_struct_ref_seq.pdbx_seq_align_end_ins_code   ? 
_struct_ref_seq.pdbx_db_accession             P58663 
_struct_ref_seq.db_align_beg                  1 
_struct_ref_seq.pdbx_db_align_beg_ins_code    ? 
_struct_ref_seq.db_align_end                  210 
_struct_ref_seq.pdbx_db_align_end_ins_code    ? 
_struct_ref_seq.pdbx_auth_seq_align_beg       1 
_struct_ref_seq.pdbx_auth_seq_align_end       210 
# 
_struct_ref_seq_dif.align_id                     1 
_struct_ref_seq_dif.pdbx_pdb_id_code             6EO2 
_struct_ref_seq_dif.mon_id                       CYS 
_struct_ref_seq_dif.pdbx_pdb_strand_id           A 
_struct_ref_seq_dif.seq_num                      207 
_struct_ref_seq_dif.pdbx_pdb_ins_code            ? 
_struct_ref_seq_dif.pdbx_seq_db_name             UNP 
_struct_ref_seq_dif.pdbx_seq_db_accession_code   P58663 
_struct_ref_seq_dif.db_mon_id                    SER 
_struct_ref_seq_dif.pdbx_seq_db_seq_num          207 
_struct_ref_seq_dif.details                      'engineered mutation' 
_struct_ref_seq_dif.pdbx_auth_seq_num            207 
_struct_ref_seq_dif.pdbx_ordinal                 1 
# 
loop_
_pdbx_struct_assembly.id 
_pdbx_struct_assembly.details 
_pdbx_struct_assembly.method_details 
_pdbx_struct_assembly.oligomeric_details 
_pdbx_struct_assembly.oligomeric_count 
1 author_and_software_defined_assembly PISA dimeric   2 
2 author_and_software_defined_assembly PISA hexameric 6 
# 
loop_
_pdbx_struct_assembly_prop.biol_id 
_pdbx_struct_assembly_prop.type 
_pdbx_struct_assembly_prop.value 
_pdbx_struct_assembly_prop.details 
1 'ABSA (A^2)' 3140  ? 
1 MORE         -14   ? 
1 'SSA (A^2)'  19750 ? 
2 'ABSA (A^2)' 14760 ? 
2 MORE         -55   ? 
2 'SSA (A^2)'  53910 ? 
# 
loop_
_pdbx_struct_assembly_gen.assembly_id 
_pdbx_struct_assembly_gen.oper_expression 
_pdbx_struct_assembly_gen.asym_id_list 
1 1,5         A,B 
2 1,2,3,4,5,6 A,B 
# 
_pdbx_struct_assembly_auth_evidence.id                     1 
_pdbx_struct_assembly_auth_evidence.assembly_id            1 
_pdbx_struct_assembly_auth_evidence.experimental_support   'gel filtration' 
_pdbx_struct_assembly_auth_evidence.details                'Formation of the dimer tied by a disulphide bond' 
# 
loop_
_pdbx_struct_oper_list.id 
_pdbx_struct_oper_list.type 
_pdbx_struct_oper_list.name 
_pdbx_struct_oper_list.symmetry_operation 
_pdbx_struct_oper_list.matrix[1][1] 
_pdbx_struct_oper_list.matrix[1][2] 
_pdbx_struct_oper_list.matrix[1][3] 
_pdbx_struct_oper_list.vector[1] 
_pdbx_struct_oper_list.matrix[2][1] 
_pdbx_struct_oper_list.matrix[2][2] 
_pdbx_struct_oper_list.matrix[2][3] 
_pdbx_struct_oper_list.vector[2] 
_pdbx_struct_oper_list.matrix[3][1] 
_pdbx_struct_oper_list.matrix[3][2] 
_pdbx_struct_oper_list.matrix[3][3] 
_pdbx_struct_oper_list.vector[3] 
1 'identity operation'         1_555  x,y,z           1.0000000000  0.0000000000  0.0000000000  0.0000000000   0.0000000000  1.0000000000  0.0000000000  0.0000000000  0.0000000000  0.0000000000  1.0000000000  0.0000000000   
2 'crystal symmetry operation' 2_565  -y,x-y+1,z      0.4928444667  -0.7699716934 0.4052751202  20.5098240647  0.1283556490  -0.3963404737 -0.9090869355 6.2809515637  0.8605981402  0.5000578170  -0.0965039930 -28.9888194355 
3 'crystal symmetry operation' 3_455  -x+y-1,-x,z     0.4928444667  0.1283556490  0.8605981402  14.0333751765  -0.7699716934 -0.3963404737 0.5000578170  32.7774650481 0.4052751202  -0.9090869355 -0.0965039930 -5.3997272334  
4 'crystal symmetry operation' 10_554 -y,-x,-z-1/2    -0.6494712578 0.7400308434  -0.1747610828 -12.8857641191 0.7400308434  0.5623416379  -0.3689528874 -0.5121122304 -0.1747610828 -0.3689528874 -0.9128703801 -28.0143007521 
5 'crystal symmetry operation' 11_454 -x+y-1,y,-z-1/2 -0.3755002394 0.1193796635  -0.9191017714 -16.4920899944 0.1193796635  -0.9771793282 -0.1756959204 28.8933393926 -0.9191017714 -0.1756959204 0.3526795677  -7.4529604128  
6 'crystal symmetry operation' 12_564 x,x-y+1,-z-1/2  -0.9607174362 -0.2177944626 -0.1720104062 3.1999593355   -0.2177944626 0.2075186377  0.9536779263  30.2973965716 -0.1720104062 0.9536779263  -0.2468012015 -37.6308779122 
# 
loop_
_struct_conf.conf_type_id 
_struct_conf.id 
_struct_conf.pdbx_PDB_helix_id 
_struct_conf.beg_label_comp_id 
_struct_conf.beg_label_asym_id 
_struct_conf.beg_label_seq_id 
_struct_conf.pdbx_beg_PDB_ins_code 
_struct_conf.end_label_comp_id 
_struct_conf.end_label_asym_id 
_struct_conf.end_label_seq_id 
_struct_conf.pdbx_end_PDB_ins_code 
_struct_conf.beg_auth_comp_id 
_struct_conf.beg_auth_asym_id 
_struct_conf.beg_auth_seq_id 
_struct_conf.end_auth_comp_id 
_struct_conf.end_auth_asym_id 
_struct_conf.end_auth_seq_id 
_struct_conf.pdbx_PDB_helix_class 
_struct_conf.details 
_struct_conf.pdbx_PDB_helix_length 
HELX_P HELX_P1  AA1 HIS A 12  ? GLN A 25  ? HIS A 12  GLN A 25  1 ? 14 
HELX_P HELX_P2  AA2 ASP A 37  ? LEU A 45  ? ASP A 37  LEU A 45  1 ? 9  
HELX_P HELX_P3  AA3 PRO A 46  ? LEU A 48  ? PRO A 46  LEU A 48  5 ? 3  
HELX_P HELX_P4  AA4 ASP A 66  ? PHE A 78  ? ASP A 66  PHE A 78  1 ? 13 
HELX_P HELX_P5  AA5 ASN A 91  ? ASP A 100 ? ASN A 91  ASP A 100 1 ? 10 
HELX_P HELX_P6  AA6 THR A 114 ? LYS A 125 ? THR A 114 LYS A 125 1 ? 12 
HELX_P HELX_P7  AA7 PRO A 131 ? ILE A 141 ? PRO A 131 ILE A 141 1 ? 11 
HELX_P HELX_P8  AA8 SER A 152 ? GLU A 164 ? SER A 152 GLU A 164 1 ? 13 
HELX_P HELX_P9  AA9 LEU A 167 ? ASN A 176 ? LEU A 167 ASN A 176 1 ? 10 
HELX_P HELX_P10 AB1 SER A 178 ? GLY A 194 ? SER A 178 GLY A 194 1 ? 17 
HELX_P HELX_P11 AB2 ASN A 197 ? SER A 206 ? ASN A 197 SER A 206 1 ? 10 
# 
_struct_conf_type.id          HELX_P 
_struct_conf_type.criteria    ? 
_struct_conf_type.reference   ? 
# 
_struct_conn.id                            disulf1 
_struct_conn.conn_type_id                  disulf 
_struct_conn.pdbx_leaving_atom_flag        ? 
_struct_conn.pdbx_PDB_id                   ? 
_struct_conn.ptnr1_label_asym_id           A 
_struct_conn.ptnr1_label_comp_id           CYS 
_struct_conn.ptnr1_label_seq_id            207 
_struct_conn.ptnr1_label_atom_id           SG 
_struct_conn.pdbx_ptnr1_label_alt_id       ? 
_struct_conn.pdbx_ptnr1_PDB_ins_code       ? 
_struct_conn.pdbx_ptnr1_standard_comp_id   ? 
_struct_conn.ptnr1_symmetry                1_555 
_struct_conn.ptnr2_label_asym_id           A 
_struct_conn.ptnr2_label_comp_id           CYS 
_struct_conn.ptnr2_label_seq_id            207 
_struct_conn.ptnr2_label_atom_id           SG 
_struct_conn.pdbx_ptnr2_label_alt_id       ? 
_struct_conn.pdbx_ptnr2_PDB_ins_code       ? 
_struct_conn.ptnr1_auth_asym_id            A 
_struct_conn.ptnr1_auth_comp_id            CYS 
_struct_conn.ptnr1_auth_seq_id             207 
_struct_conn.ptnr2_auth_asym_id            A 
_struct_conn.ptnr2_auth_comp_id            CYS 
_struct_conn.ptnr2_auth_seq_id             207 
_struct_conn.ptnr2_symmetry                11_454 
_struct_conn.pdbx_ptnr3_label_atom_id      ? 
_struct_conn.pdbx_ptnr3_label_seq_id       ? 
_struct_conn.pdbx_ptnr3_label_comp_id      ? 
_struct_conn.pdbx_ptnr3_label_asym_id      ? 
_struct_conn.pdbx_ptnr3_label_alt_id       ? 
_struct_conn.pdbx_ptnr3_PDB_ins_code       ? 
_struct_conn.details                       ? 
_struct_conn.pdbx_dist_value               2.227 
_struct_conn.pdbx_value_order              ? 
_struct_conn.pdbx_role                     ? 
# 
_struct_conn_type.id          disulf 
_struct_conn_type.criteria    ? 
_struct_conn_type.reference   ? 
# 
_pdbx_modification_feature.ordinal                            1 
_pdbx_modification_feature.label_comp_id                      CYS 
_pdbx_modification_feature.label_asym_id                      A 
_pdbx_modification_feature.label_seq_id                       207 
_pdbx_modification_feature.label_alt_id                       ? 
_pdbx_modification_feature.modified_residue_label_comp_id     CYS 
_pdbx_modification_feature.modified_residue_label_asym_id     A 
_pdbx_modification_feature.modified_residue_label_seq_id      207 
_pdbx_modification_feature.modified_residue_label_alt_id      ? 
_pdbx_modification_feature.auth_comp_id                       CYS 
_pdbx_modification_feature.auth_asym_id                       A 
_pdbx_modification_feature.auth_seq_id                        207 
_pdbx_modification_feature.PDB_ins_code                       ? 
_pdbx_modification_feature.symmetry                           1_555 
_pdbx_modification_feature.modified_residue_auth_comp_id      CYS 
_pdbx_modification_feature.modified_residue_auth_asym_id      A 
_pdbx_modification_feature.modified_residue_auth_seq_id       207 
_pdbx_modification_feature.modified_residue_PDB_ins_code      ? 
_pdbx_modification_feature.modified_residue_symmetry          11_454 
_pdbx_modification_feature.comp_id_linking_atom               SG 
_pdbx_modification_feature.modified_residue_id_linking_atom   SG 
_pdbx_modification_feature.modified_residue_id                . 
_pdbx_modification_feature.ref_pcm_id                         . 
_pdbx_modification_feature.ref_comp_id                        . 
_pdbx_modification_feature.type                               None 
_pdbx_modification_feature.category                           'Disulfide bridge' 
# 
_struct_sheet.id               AA1 
_struct_sheet.type             ? 
_struct_sheet.number_strands   5 
_struct_sheet.details          ? 
# 
loop_
_struct_sheet_order.sheet_id 
_struct_sheet_order.range_id_1 
_struct_sheet_order.range_id_2 
_struct_sheet_order.offset 
_struct_sheet_order.sense 
AA1 1 2 ? parallel 
AA1 2 3 ? parallel 
AA1 3 4 ? parallel 
AA1 4 5 ? parallel 
# 
loop_
_struct_sheet_range.sheet_id 
_struct_sheet_range.id 
_struct_sheet_range.beg_label_comp_id 
_struct_sheet_range.beg_label_asym_id 
_struct_sheet_range.beg_label_seq_id 
_struct_sheet_range.pdbx_beg_PDB_ins_code 
_struct_sheet_range.end_label_comp_id 
_struct_sheet_range.end_label_asym_id 
_struct_sheet_range.end_label_seq_id 
_struct_sheet_range.pdbx_end_PDB_ins_code 
_struct_sheet_range.beg_auth_comp_id 
_struct_sheet_range.beg_auth_asym_id 
_struct_sheet_range.beg_auth_seq_id 
_struct_sheet_range.end_auth_comp_id 
_struct_sheet_range.end_auth_asym_id 
_struct_sheet_range.end_auth_seq_id 
AA1 1 VAL A 29  ? PHE A 35  ? VAL A 29  PHE A 35  
AA1 2 MET A 4   ? ALA A 9   ? MET A 4   ALA A 9   
AA1 3 VAL A 52  ? ASP A 56  ? VAL A 52  ASP A 56  
AA1 4 SER A 82  ? THR A 87  ? SER A 82  THR A 87  
AA1 5 GLY A 105 ? LEU A 108 ? GLY A 105 LEU A 108 
# 
loop_
_pdbx_struct_sheet_hbond.sheet_id 
_pdbx_struct_sheet_hbond.range_id_1 
_pdbx_struct_sheet_hbond.range_id_2 
_pdbx_struct_sheet_hbond.range_1_label_atom_id 
_pdbx_struct_sheet_hbond.range_1_label_comp_id 
_pdbx_struct_sheet_hbond.range_1_label_asym_id 
_pdbx_struct_sheet_hbond.range_1_label_seq_id 
_pdbx_struct_sheet_hbond.range_1_PDB_ins_code 
_pdbx_struct_sheet_hbond.range_1_auth_atom_id 
_pdbx_struct_sheet_hbond.range_1_auth_comp_id 
_pdbx_struct_sheet_hbond.range_1_auth_asym_id 
_pdbx_struct_sheet_hbond.range_1_auth_seq_id 
_pdbx_struct_sheet_hbond.range_2_label_atom_id 
_pdbx_struct_sheet_hbond.range_2_label_comp_id 
_pdbx_struct_sheet_hbond.range_2_label_asym_id 
_pdbx_struct_sheet_hbond.range_2_label_seq_id 
_pdbx_struct_sheet_hbond.range_2_PDB_ins_code 
_pdbx_struct_sheet_hbond.range_2_auth_atom_id 
_pdbx_struct_sheet_hbond.range_2_auth_comp_id 
_pdbx_struct_sheet_hbond.range_2_auth_asym_id 
_pdbx_struct_sheet_hbond.range_2_auth_seq_id 
AA1 1 2 O ASN A 30 ? O ASN A 30 N VAL A 6   ? N VAL A 6   
AA1 2 3 N ILE A 7  ? N ILE A 7  O ILE A 54  ? O ILE A 54  
AA1 3 4 N THR A 55 ? N THR A 55 O LEU A 86  ? O LEU A 86  
AA1 4 5 N VAL A 85 ? N VAL A 85 O VAL A 107 ? O VAL A 107 
# 
_pdbx_entry_details.entry_id                   6EO2 
_pdbx_entry_details.compound_details           ? 
_pdbx_entry_details.source_details             ? 
_pdbx_entry_details.nonpolymer_details         ? 
_pdbx_entry_details.sequence_details           ? 
_pdbx_entry_details.has_ligand_of_interest     ? 
_pdbx_entry_details.has_protein_modification   Y 
# 
loop_
_pdbx_validate_torsion.id 
_pdbx_validate_torsion.PDB_model_num 
_pdbx_validate_torsion.auth_comp_id 
_pdbx_validate_torsion.auth_asym_id 
_pdbx_validate_torsion.auth_seq_id 
_pdbx_validate_torsion.PDB_ins_code 
_pdbx_validate_torsion.label_alt_id 
_pdbx_validate_torsion.phi 
_pdbx_validate_torsion.psi 
1 1 SER A 58  ? ? -97.10  46.71  
2 1 LYS A 63  ? ? -123.35 -51.47 
3 1 ASP A 102 ? ? 51.63   70.81  
4 1 ILE A 141 ? ? -79.94  49.47  
# 
loop_
_pdbx_unobs_or_zero_occ_residues.id 
_pdbx_unobs_or_zero_occ_residues.PDB_model_num 
_pdbx_unobs_or_zero_occ_residues.polymer_flag 
_pdbx_unobs_or_zero_occ_residues.occupancy_flag 
_pdbx_unobs_or_zero_occ_residues.auth_asym_id 
_pdbx_unobs_or_zero_occ_residues.auth_comp_id 
_pdbx_unobs_or_zero_occ_residues.auth_seq_id 
_pdbx_unobs_or_zero_occ_residues.PDB_ins_code 
_pdbx_unobs_or_zero_occ_residues.label_asym_id 
_pdbx_unobs_or_zero_occ_residues.label_comp_id 
_pdbx_unobs_or_zero_occ_residues.label_seq_id 
1 1 Y 1 A THR 209 ? A THR 209 
2 1 Y 1 A LEU 210 ? A LEU 210 
# 
loop_
_chem_comp_atom.comp_id 
_chem_comp_atom.atom_id 
_chem_comp_atom.type_symbol 
_chem_comp_atom.pdbx_aromatic_flag 
_chem_comp_atom.pdbx_stereo_config 
_chem_comp_atom.pdbx_ordinal 
ALA N    N N N 1   
ALA CA   C N S 2   
ALA C    C N N 3   
ALA O    O N N 4   
ALA CB   C N N 5   
ALA OXT  O N N 6   
ALA H    H N N 7   
ALA H2   H N N 8   
ALA HA   H N N 9   
ALA HB1  H N N 10  
ALA HB2  H N N 11  
ALA HB3  H N N 12  
ALA HXT  H N N 13  
ARG N    N N N 14  
ARG CA   C N S 15  
ARG C    C N N 16  
ARG O    O N N 17  
ARG CB   C N N 18  
ARG CG   C N N 19  
ARG CD   C N N 20  
ARG NE   N N N 21  
ARG CZ   C N N 22  
ARG NH1  N N N 23  
ARG NH2  N N N 24  
ARG OXT  O N N 25  
ARG H    H N N 26  
ARG H2   H N N 27  
ARG HA   H N N 28  
ARG HB2  H N N 29  
ARG HB3  H N N 30  
ARG HG2  H N N 31  
ARG HG3  H N N 32  
ARG HD2  H N N 33  
ARG HD3  H N N 34  
ARG HE   H N N 35  
ARG HH11 H N N 36  
ARG HH12 H N N 37  
ARG HH21 H N N 38  
ARG HH22 H N N 39  
ARG HXT  H N N 40  
ASN N    N N N 41  
ASN CA   C N S 42  
ASN C    C N N 43  
ASN O    O N N 44  
ASN CB   C N N 45  
ASN CG   C N N 46  
ASN OD1  O N N 47  
ASN ND2  N N N 48  
ASN OXT  O N N 49  
ASN H    H N N 50  
ASN H2   H N N 51  
ASN HA   H N N 52  
ASN HB2  H N N 53  
ASN HB3  H N N 54  
ASN HD21 H N N 55  
ASN HD22 H N N 56  
ASN HXT  H N N 57  
ASP N    N N N 58  
ASP CA   C N S 59  
ASP C    C N N 60  
ASP O    O N N 61  
ASP CB   C N N 62  
ASP CG   C N N 63  
ASP OD1  O N N 64  
ASP OD2  O N N 65  
ASP OXT  O N N 66  
ASP H    H N N 67  
ASP H2   H N N 68  
ASP HA   H N N 69  
ASP HB2  H N N 70  
ASP HB3  H N N 71  
ASP HD2  H N N 72  
ASP HXT  H N N 73  
CYS N    N N N 74  
CYS CA   C N R 75  
CYS C    C N N 76  
CYS O    O N N 77  
CYS CB   C N N 78  
CYS SG   S N N 79  
CYS OXT  O N N 80  
CYS H    H N N 81  
CYS H2   H N N 82  
CYS HA   H N N 83  
CYS HB2  H N N 84  
CYS HB3  H N N 85  
CYS HG   H N N 86  
CYS HXT  H N N 87  
GLN N    N N N 88  
GLN CA   C N S 89  
GLN C    C N N 90  
GLN O    O N N 91  
GLN CB   C N N 92  
GLN CG   C N N 93  
GLN CD   C N N 94  
GLN OE1  O N N 95  
GLN NE2  N N N 96  
GLN OXT  O N N 97  
GLN H    H N N 98  
GLN H2   H N N 99  
GLN HA   H N N 100 
GLN HB2  H N N 101 
GLN HB3  H N N 102 
GLN HG2  H N N 103 
GLN HG3  H N N 104 
GLN HE21 H N N 105 
GLN HE22 H N N 106 
GLN HXT  H N N 107 
GLU N    N N N 108 
GLU CA   C N S 109 
GLU C    C N N 110 
GLU O    O N N 111 
GLU CB   C N N 112 
GLU CG   C N N 113 
GLU CD   C N N 114 
GLU OE1  O N N 115 
GLU OE2  O N N 116 
GLU OXT  O N N 117 
GLU H    H N N 118 
GLU H2   H N N 119 
GLU HA   H N N 120 
GLU HB2  H N N 121 
GLU HB3  H N N 122 
GLU HG2  H N N 123 
GLU HG3  H N N 124 
GLU HE2  H N N 125 
GLU HXT  H N N 126 
GLY N    N N N 127 
GLY CA   C N N 128 
GLY C    C N N 129 
GLY O    O N N 130 
GLY OXT  O N N 131 
GLY H    H N N 132 
GLY H2   H N N 133 
GLY HA2  H N N 134 
GLY HA3  H N N 135 
GLY HXT  H N N 136 
HIS N    N N N 137 
HIS CA   C N S 138 
HIS C    C N N 139 
HIS O    O N N 140 
HIS CB   C N N 141 
HIS CG   C Y N 142 
HIS ND1  N Y N 143 
HIS CD2  C Y N 144 
HIS CE1  C Y N 145 
HIS NE2  N Y N 146 
HIS OXT  O N N 147 
HIS H    H N N 148 
HIS H2   H N N 149 
HIS HA   H N N 150 
HIS HB2  H N N 151 
HIS HB3  H N N 152 
HIS HD1  H N N 153 
HIS HD2  H N N 154 
HIS HE1  H N N 155 
HIS HE2  H N N 156 
HIS HXT  H N N 157 
HOH O    O N N 158 
HOH H1   H N N 159 
HOH H2   H N N 160 
ILE N    N N N 161 
ILE CA   C N S 162 
ILE C    C N N 163 
ILE O    O N N 164 
ILE CB   C N S 165 
ILE CG1  C N N 166 
ILE CG2  C N N 167 
ILE CD1  C N N 168 
ILE OXT  O N N 169 
ILE H    H N N 170 
ILE H2   H N N 171 
ILE HA   H N N 172 
ILE HB   H N N 173 
ILE HG12 H N N 174 
ILE HG13 H N N 175 
ILE HG21 H N N 176 
ILE HG22 H N N 177 
ILE HG23 H N N 178 
ILE HD11 H N N 179 
ILE HD12 H N N 180 
ILE HD13 H N N 181 
ILE HXT  H N N 182 
LEU N    N N N 183 
LEU CA   C N S 184 
LEU C    C N N 185 
LEU O    O N N 186 
LEU CB   C N N 187 
LEU CG   C N N 188 
LEU CD1  C N N 189 
LEU CD2  C N N 190 
LEU OXT  O N N 191 
LEU H    H N N 192 
LEU H2   H N N 193 
LEU HA   H N N 194 
LEU HB2  H N N 195 
LEU HB3  H N N 196 
LEU HG   H N N 197 
LEU HD11 H N N 198 
LEU HD12 H N N 199 
LEU HD13 H N N 200 
LEU HD21 H N N 201 
LEU HD22 H N N 202 
LEU HD23 H N N 203 
LEU HXT  H N N 204 
LYS N    N N N 205 
LYS CA   C N S 206 
LYS C    C N N 207 
LYS O    O N N 208 
LYS CB   C N N 209 
LYS CG   C N N 210 
LYS CD   C N N 211 
LYS CE   C N N 212 
LYS NZ   N N N 213 
LYS OXT  O N N 214 
LYS H    H N N 215 
LYS H2   H N N 216 
LYS HA   H N N 217 
LYS HB2  H N N 218 
LYS HB3  H N N 219 
LYS HG2  H N N 220 
LYS HG3  H N N 221 
LYS HD2  H N N 222 
LYS HD3  H N N 223 
LYS HE2  H N N 224 
LYS HE3  H N N 225 
LYS HZ1  H N N 226 
LYS HZ2  H N N 227 
LYS HZ3  H N N 228 
LYS HXT  H N N 229 
MET N    N N N 230 
MET CA   C N S 231 
MET C    C N N 232 
MET O    O N N 233 
MET CB   C N N 234 
MET CG   C N N 235 
MET SD   S N N 236 
MET CE   C N N 237 
MET OXT  O N N 238 
MET H    H N N 239 
MET H2   H N N 240 
MET HA   H N N 241 
MET HB2  H N N 242 
MET HB3  H N N 243 
MET HG2  H N N 244 
MET HG3  H N N 245 
MET HE1  H N N 246 
MET HE2  H N N 247 
MET HE3  H N N 248 
MET HXT  H N N 249 
PHE N    N N N 250 
PHE CA   C N S 251 
PHE C    C N N 252 
PHE O    O N N 253 
PHE CB   C N N 254 
PHE CG   C Y N 255 
PHE CD1  C Y N 256 
PHE CD2  C Y N 257 
PHE CE1  C Y N 258 
PHE CE2  C Y N 259 
PHE CZ   C Y N 260 
PHE OXT  O N N 261 
PHE H    H N N 262 
PHE H2   H N N 263 
PHE HA   H N N 264 
PHE HB2  H N N 265 
PHE HB3  H N N 266 
PHE HD1  H N N 267 
PHE HD2  H N N 268 
PHE HE1  H N N 269 
PHE HE2  H N N 270 
PHE HZ   H N N 271 
PHE HXT  H N N 272 
PRO N    N N N 273 
PRO CA   C N S 274 
PRO C    C N N 275 
PRO O    O N N 276 
PRO CB   C N N 277 
PRO CG   C N N 278 
PRO CD   C N N 279 
PRO OXT  O N N 280 
PRO H    H N N 281 
PRO HA   H N N 282 
PRO HB2  H N N 283 
PRO HB3  H N N 284 
PRO HG2  H N N 285 
PRO HG3  H N N 286 
PRO HD2  H N N 287 
PRO HD3  H N N 288 
PRO HXT  H N N 289 
SER N    N N N 290 
SER CA   C N S 291 
SER C    C N N 292 
SER O    O N N 293 
SER CB   C N N 294 
SER OG   O N N 295 
SER OXT  O N N 296 
SER H    H N N 297 
SER H2   H N N 298 
SER HA   H N N 299 
SER HB2  H N N 300 
SER HB3  H N N 301 
SER HG   H N N 302 
SER HXT  H N N 303 
THR N    N N N 304 
THR CA   C N S 305 
THR C    C N N 306 
THR O    O N N 307 
THR CB   C N R 308 
THR OG1  O N N 309 
THR CG2  C N N 310 
THR OXT  O N N 311 
THR H    H N N 312 
THR H2   H N N 313 
THR HA   H N N 314 
THR HB   H N N 315 
THR HG1  H N N 316 
THR HG21 H N N 317 
THR HG22 H N N 318 
THR HG23 H N N 319 
THR HXT  H N N 320 
TRP N    N N N 321 
TRP CA   C N S 322 
TRP C    C N N 323 
TRP O    O N N 324 
TRP CB   C N N 325 
TRP CG   C Y N 326 
TRP CD1  C Y N 327 
TRP CD2  C Y N 328 
TRP NE1  N Y N 329 
TRP CE2  C Y N 330 
TRP CE3  C Y N 331 
TRP CZ2  C Y N 332 
TRP CZ3  C Y N 333 
TRP CH2  C Y N 334 
TRP OXT  O N N 335 
TRP H    H N N 336 
TRP H2   H N N 337 
TRP HA   H N N 338 
TRP HB2  H N N 339 
TRP HB3  H N N 340 
TRP HD1  H N N 341 
TRP HE1  H N N 342 
TRP HE3  H N N 343 
TRP HZ2  H N N 344 
TRP HZ3  H N N 345 
TRP HH2  H N N 346 
TRP HXT  H N N 347 
TYR N    N N N 348 
TYR CA   C N S 349 
TYR C    C N N 350 
TYR O    O N N 351 
TYR CB   C N N 352 
TYR CG   C Y N 353 
TYR CD1  C Y N 354 
TYR CD2  C Y N 355 
TYR CE1  C Y N 356 
TYR CE2  C Y N 357 
TYR CZ   C Y N 358 
TYR OH   O N N 359 
TYR OXT  O N N 360 
TYR H    H N N 361 
TYR H2   H N N 362 
TYR HA   H N N 363 
TYR HB2  H N N 364 
TYR HB3  H N N 365 
TYR HD1  H N N 366 
TYR HD2  H N N 367 
TYR HE1  H N N 368 
TYR HE2  H N N 369 
TYR HH   H N N 370 
TYR HXT  H N N 371 
VAL N    N N N 372 
VAL CA   C N S 373 
VAL C    C N N 374 
VAL O    O N N 375 
VAL CB   C N N 376 
VAL CG1  C N N 377 
VAL CG2  C N N 378 
VAL OXT  O N N 379 
VAL H    H N N 380 
VAL H2   H N N 381 
VAL HA   H N N 382 
VAL HB   H N N 383 
VAL HG11 H N N 384 
VAL HG12 H N N 385 
VAL HG13 H N N 386 
VAL HG21 H N N 387 
VAL HG22 H N N 388 
VAL HG23 H N N 389 
VAL HXT  H N N 390 
# 
loop_
_chem_comp_bond.comp_id 
_chem_comp_bond.atom_id_1 
_chem_comp_bond.atom_id_2 
_chem_comp_bond.value_order 
_chem_comp_bond.pdbx_aromatic_flag 
_chem_comp_bond.pdbx_stereo_config 
_chem_comp_bond.pdbx_ordinal 
ALA N   CA   sing N N 1   
ALA N   H    sing N N 2   
ALA N   H2   sing N N 3   
ALA CA  C    sing N N 4   
ALA CA  CB   sing N N 5   
ALA CA  HA   sing N N 6   
ALA C   O    doub N N 7   
ALA C   OXT  sing N N 8   
ALA CB  HB1  sing N N 9   
ALA CB  HB2  sing N N 10  
ALA CB  HB3  sing N N 11  
ALA OXT HXT  sing N N 12  
ARG N   CA   sing N N 13  
ARG N   H    sing N N 14  
ARG N   H2   sing N N 15  
ARG CA  C    sing N N 16  
ARG CA  CB   sing N N 17  
ARG CA  HA   sing N N 18  
ARG C   O    doub N N 19  
ARG C   OXT  sing N N 20  
ARG CB  CG   sing N N 21  
ARG CB  HB2  sing N N 22  
ARG CB  HB3  sing N N 23  
ARG CG  CD   sing N N 24  
ARG CG  HG2  sing N N 25  
ARG CG  HG3  sing N N 26  
ARG CD  NE   sing N N 27  
ARG CD  HD2  sing N N 28  
ARG CD  HD3  sing N N 29  
ARG NE  CZ   sing N N 30  
ARG NE  HE   sing N N 31  
ARG CZ  NH1  sing N N 32  
ARG CZ  NH2  doub N N 33  
ARG NH1 HH11 sing N N 34  
ARG NH1 HH12 sing N N 35  
ARG NH2 HH21 sing N N 36  
ARG NH2 HH22 sing N N 37  
ARG OXT HXT  sing N N 38  
ASN N   CA   sing N N 39  
ASN N   H    sing N N 40  
ASN N   H2   sing N N 41  
ASN CA  C    sing N N 42  
ASN CA  CB   sing N N 43  
ASN CA  HA   sing N N 44  
ASN C   O    doub N N 45  
ASN C   OXT  sing N N 46  
ASN CB  CG   sing N N 47  
ASN CB  HB2  sing N N 48  
ASN CB  HB3  sing N N 49  
ASN CG  OD1  doub N N 50  
ASN CG  ND2  sing N N 51  
ASN ND2 HD21 sing N N 52  
ASN ND2 HD22 sing N N 53  
ASN OXT HXT  sing N N 54  
ASP N   CA   sing N N 55  
ASP N   H    sing N N 56  
ASP N   H2   sing N N 57  
ASP CA  C    sing N N 58  
ASP CA  CB   sing N N 59  
ASP CA  HA   sing N N 60  
ASP C   O    doub N N 61  
ASP C   OXT  sing N N 62  
ASP CB  CG   sing N N 63  
ASP CB  HB2  sing N N 64  
ASP CB  HB3  sing N N 65  
ASP CG  OD1  doub N N 66  
ASP CG  OD2  sing N N 67  
ASP OD2 HD2  sing N N 68  
ASP OXT HXT  sing N N 69  
CYS N   CA   sing N N 70  
CYS N   H    sing N N 71  
CYS N   H2   sing N N 72  
CYS CA  C    sing N N 73  
CYS CA  CB   sing N N 74  
CYS CA  HA   sing N N 75  
CYS C   O    doub N N 76  
CYS C   OXT  sing N N 77  
CYS CB  SG   sing N N 78  
CYS CB  HB2  sing N N 79  
CYS CB  HB3  sing N N 80  
CYS SG  HG   sing N N 81  
CYS OXT HXT  sing N N 82  
GLN N   CA   sing N N 83  
GLN N   H    sing N N 84  
GLN N   H2   sing N N 85  
GLN CA  C    sing N N 86  
GLN CA  CB   sing N N 87  
GLN CA  HA   sing N N 88  
GLN C   O    doub N N 89  
GLN C   OXT  sing N N 90  
GLN CB  CG   sing N N 91  
GLN CB  HB2  sing N N 92  
GLN CB  HB3  sing N N 93  
GLN CG  CD   sing N N 94  
GLN CG  HG2  sing N N 95  
GLN CG  HG3  sing N N 96  
GLN CD  OE1  doub N N 97  
GLN CD  NE2  sing N N 98  
GLN NE2 HE21 sing N N 99  
GLN NE2 HE22 sing N N 100 
GLN OXT HXT  sing N N 101 
GLU N   CA   sing N N 102 
GLU N   H    sing N N 103 
GLU N   H2   sing N N 104 
GLU CA  C    sing N N 105 
GLU CA  CB   sing N N 106 
GLU CA  HA   sing N N 107 
GLU C   O    doub N N 108 
GLU C   OXT  sing N N 109 
GLU CB  CG   sing N N 110 
GLU CB  HB2  sing N N 111 
GLU CB  HB3  sing N N 112 
GLU CG  CD   sing N N 113 
GLU CG  HG2  sing N N 114 
GLU CG  HG3  sing N N 115 
GLU CD  OE1  doub N N 116 
GLU CD  OE2  sing N N 117 
GLU OE2 HE2  sing N N 118 
GLU OXT HXT  sing N N 119 
GLY N   CA   sing N N 120 
GLY N   H    sing N N 121 
GLY N   H2   sing N N 122 
GLY CA  C    sing N N 123 
GLY CA  HA2  sing N N 124 
GLY CA  HA3  sing N N 125 
GLY C   O    doub N N 126 
GLY C   OXT  sing N N 127 
GLY OXT HXT  sing N N 128 
HIS N   CA   sing N N 129 
HIS N   H    sing N N 130 
HIS N   H2   sing N N 131 
HIS CA  C    sing N N 132 
HIS CA  CB   sing N N 133 
HIS CA  HA   sing N N 134 
HIS C   O    doub N N 135 
HIS C   OXT  sing N N 136 
HIS CB  CG   sing N N 137 
HIS CB  HB2  sing N N 138 
HIS CB  HB3  sing N N 139 
HIS CG  ND1  sing Y N 140 
HIS CG  CD2  doub Y N 141 
HIS ND1 CE1  doub Y N 142 
HIS ND1 HD1  sing N N 143 
HIS CD2 NE2  sing Y N 144 
HIS CD2 HD2  sing N N 145 
HIS CE1 NE2  sing Y N 146 
HIS CE1 HE1  sing N N 147 
HIS NE2 HE2  sing N N 148 
HIS OXT HXT  sing N N 149 
HOH O   H1   sing N N 150 
HOH O   H2   sing N N 151 
ILE N   CA   sing N N 152 
ILE N   H    sing N N 153 
ILE N   H2   sing N N 154 
ILE CA  C    sing N N 155 
ILE CA  CB   sing N N 156 
ILE CA  HA   sing N N 157 
ILE C   O    doub N N 158 
ILE C   OXT  sing N N 159 
ILE CB  CG1  sing N N 160 
ILE CB  CG2  sing N N 161 
ILE CB  HB   sing N N 162 
ILE CG1 CD1  sing N N 163 
ILE CG1 HG12 sing N N 164 
ILE CG1 HG13 sing N N 165 
ILE CG2 HG21 sing N N 166 
ILE CG2 HG22 sing N N 167 
ILE CG2 HG23 sing N N 168 
ILE CD1 HD11 sing N N 169 
ILE CD1 HD12 sing N N 170 
ILE CD1 HD13 sing N N 171 
ILE OXT HXT  sing N N 172 
LEU N   CA   sing N N 173 
LEU N   H    sing N N 174 
LEU N   H2   sing N N 175 
LEU CA  C    sing N N 176 
LEU CA  CB   sing N N 177 
LEU CA  HA   sing N N 178 
LEU C   O    doub N N 179 
LEU C   OXT  sing N N 180 
LEU CB  CG   sing N N 181 
LEU CB  HB2  sing N N 182 
LEU CB  HB3  sing N N 183 
LEU CG  CD1  sing N N 184 
LEU CG  CD2  sing N N 185 
LEU CG  HG   sing N N 186 
LEU CD1 HD11 sing N N 187 
LEU CD1 HD12 sing N N 188 
LEU CD1 HD13 sing N N 189 
LEU CD2 HD21 sing N N 190 
LEU CD2 HD22 sing N N 191 
LEU CD2 HD23 sing N N 192 
LEU OXT HXT  sing N N 193 
LYS N   CA   sing N N 194 
LYS N   H    sing N N 195 
LYS N   H2   sing N N 196 
LYS CA  C    sing N N 197 
LYS CA  CB   sing N N 198 
LYS CA  HA   sing N N 199 
LYS C   O    doub N N 200 
LYS C   OXT  sing N N 201 
LYS CB  CG   sing N N 202 
LYS CB  HB2  sing N N 203 
LYS CB  HB3  sing N N 204 
LYS CG  CD   sing N N 205 
LYS CG  HG2  sing N N 206 
LYS CG  HG3  sing N N 207 
LYS CD  CE   sing N N 208 
LYS CD  HD2  sing N N 209 
LYS CD  HD3  sing N N 210 
LYS CE  NZ   sing N N 211 
LYS CE  HE2  sing N N 212 
LYS CE  HE3  sing N N 213 
LYS NZ  HZ1  sing N N 214 
LYS NZ  HZ2  sing N N 215 
LYS NZ  HZ3  sing N N 216 
LYS OXT HXT  sing N N 217 
MET N   CA   sing N N 218 
MET N   H    sing N N 219 
MET N   H2   sing N N 220 
MET CA  C    sing N N 221 
MET CA  CB   sing N N 222 
MET CA  HA   sing N N 223 
MET C   O    doub N N 224 
MET C   OXT  sing N N 225 
MET CB  CG   sing N N 226 
MET CB  HB2  sing N N 227 
MET CB  HB3  sing N N 228 
MET CG  SD   sing N N 229 
MET CG  HG2  sing N N 230 
MET CG  HG3  sing N N 231 
MET SD  CE   sing N N 232 
MET CE  HE1  sing N N 233 
MET CE  HE2  sing N N 234 
MET CE  HE3  sing N N 235 
MET OXT HXT  sing N N 236 
PHE N   CA   sing N N 237 
PHE N   H    sing N N 238 
PHE N   H2   sing N N 239 
PHE CA  C    sing N N 240 
PHE CA  CB   sing N N 241 
PHE CA  HA   sing N N 242 
PHE C   O    doub N N 243 
PHE C   OXT  sing N N 244 
PHE CB  CG   sing N N 245 
PHE CB  HB2  sing N N 246 
PHE CB  HB3  sing N N 247 
PHE CG  CD1  doub Y N 248 
PHE CG  CD2  sing Y N 249 
PHE CD1 CE1  sing Y N 250 
PHE CD1 HD1  sing N N 251 
PHE CD2 CE2  doub Y N 252 
PHE CD2 HD2  sing N N 253 
PHE CE1 CZ   doub Y N 254 
PHE CE1 HE1  sing N N 255 
PHE CE2 CZ   sing Y N 256 
PHE CE2 HE2  sing N N 257 
PHE CZ  HZ   sing N N 258 
PHE OXT HXT  sing N N 259 
PRO N   CA   sing N N 260 
PRO N   CD   sing N N 261 
PRO N   H    sing N N 262 
PRO CA  C    sing N N 263 
PRO CA  CB   sing N N 264 
PRO CA  HA   sing N N 265 
PRO C   O    doub N N 266 
PRO C   OXT  sing N N 267 
PRO CB  CG   sing N N 268 
PRO CB  HB2  sing N N 269 
PRO CB  HB3  sing N N 270 
PRO CG  CD   sing N N 271 
PRO CG  HG2  sing N N 272 
PRO CG  HG3  sing N N 273 
PRO CD  HD2  sing N N 274 
PRO CD  HD3  sing N N 275 
PRO OXT HXT  sing N N 276 
SER N   CA   sing N N 277 
SER N   H    sing N N 278 
SER N   H2   sing N N 279 
SER CA  C    sing N N 280 
SER CA  CB   sing N N 281 
SER CA  HA   sing N N 282 
SER C   O    doub N N 283 
SER C   OXT  sing N N 284 
SER CB  OG   sing N N 285 
SER CB  HB2  sing N N 286 
SER CB  HB3  sing N N 287 
SER OG  HG   sing N N 288 
SER OXT HXT  sing N N 289 
THR N   CA   sing N N 290 
THR N   H    sing N N 291 
THR N   H2   sing N N 292 
THR CA  C    sing N N 293 
THR CA  CB   sing N N 294 
THR CA  HA   sing N N 295 
THR C   O    doub N N 296 
THR C   OXT  sing N N 297 
THR CB  OG1  sing N N 298 
THR CB  CG2  sing N N 299 
THR CB  HB   sing N N 300 
THR OG1 HG1  sing N N 301 
THR CG2 HG21 sing N N 302 
THR CG2 HG22 sing N N 303 
THR CG2 HG23 sing N N 304 
THR OXT HXT  sing N N 305 
TRP N   CA   sing N N 306 
TRP N   H    sing N N 307 
TRP N   H2   sing N N 308 
TRP CA  C    sing N N 309 
TRP CA  CB   sing N N 310 
TRP CA  HA   sing N N 311 
TRP C   O    doub N N 312 
TRP C   OXT  sing N N 313 
TRP CB  CG   sing N N 314 
TRP CB  HB2  sing N N 315 
TRP CB  HB3  sing N N 316 
TRP CG  CD1  doub Y N 317 
TRP CG  CD2  sing Y N 318 
TRP CD1 NE1  sing Y N 319 
TRP CD1 HD1  sing N N 320 
TRP CD2 CE2  doub Y N 321 
TRP CD2 CE3  sing Y N 322 
TRP NE1 CE2  sing Y N 323 
TRP NE1 HE1  sing N N 324 
TRP CE2 CZ2  sing Y N 325 
TRP CE3 CZ3  doub Y N 326 
TRP CE3 HE3  sing N N 327 
TRP CZ2 CH2  doub Y N 328 
TRP CZ2 HZ2  sing N N 329 
TRP CZ3 CH2  sing Y N 330 
TRP CZ3 HZ3  sing N N 331 
TRP CH2 HH2  sing N N 332 
TRP OXT HXT  sing N N 333 
TYR N   CA   sing N N 334 
TYR N   H    sing N N 335 
TYR N   H2   sing N N 336 
TYR CA  C    sing N N 337 
TYR CA  CB   sing N N 338 
TYR CA  HA   sing N N 339 
TYR C   O    doub N N 340 
TYR C   OXT  sing N N 341 
TYR CB  CG   sing N N 342 
TYR CB  HB2  sing N N 343 
TYR CB  HB3  sing N N 344 
TYR CG  CD1  doub Y N 345 
TYR CG  CD2  sing Y N 346 
TYR CD1 CE1  sing Y N 347 
TYR CD1 HD1  sing N N 348 
TYR CD2 CE2  doub Y N 349 
TYR CD2 HD2  sing N N 350 
TYR CE1 CZ   doub Y N 351 
TYR CE1 HE1  sing N N 352 
TYR CE2 CZ   sing Y N 353 
TYR CE2 HE2  sing N N 354 
TYR CZ  OH   sing N N 355 
TYR OH  HH   sing N N 356 
TYR OXT HXT  sing N N 357 
VAL N   CA   sing N N 358 
VAL N   H    sing N N 359 
VAL N   H2   sing N N 360 
VAL CA  C    sing N N 361 
VAL CA  CB   sing N N 362 
VAL CA  HA   sing N N 363 
VAL C   O    doub N N 364 
VAL C   OXT  sing N N 365 
VAL CB  CG1  sing N N 366 
VAL CB  CG2  sing N N 367 
VAL CB  HB   sing N N 368 
VAL CG1 HG11 sing N N 369 
VAL CG1 HG12 sing N N 370 
VAL CG1 HG13 sing N N 371 
VAL CG2 HG21 sing N N 372 
VAL CG2 HG22 sing N N 373 
VAL CG2 HG23 sing N N 374 
VAL OXT HXT  sing N N 375 
# 
loop_
_pdbx_audit_support.funding_organization 
_pdbx_audit_support.country 
_pdbx_audit_support.grant_number 
_pdbx_audit_support.ordinal 
'Spanish Ministry of Economy and Competitiveness' Spain BFU2016-78606-P 1 
'Spanish Ministry of Economy and Competitiveness' Spain BIO2013-42619-P 2 
'Spanish Ministry of Economy and Competitiveness' Spain BIO2016-78571-P 3 
# 
_atom_sites.entry_id                    6EO2 
_atom_sites.fract_transf_matrix[1][1]   0.00174087 
_atom_sites.fract_transf_matrix[1][2]   -0.00965236 
_atom_sites.fract_transf_matrix[1][3]   -0.00762315 
_atom_sites.fract_transf_matrix[2][1]   0.00694189 
_atom_sites.fract_transf_matrix[2][2]   0.00132701 
_atom_sites.fract_transf_matrix[2][3]   -0.01021666 
_atom_sites.fract_transf_matrix[3][1]   0.00673961 
_atom_sites.fract_transf_matrix[3][2]   -0.00217771 
_atom_sites.fract_transf_matrix[3][3]   0.00429649 
_atom_sites.fract_transf_vector[1]      -0.315089 
_atom_sites.fract_transf_vector[2]      0.119025 
_atom_sites.fract_transf_vector[3]      -0.146967 
# 
loop_
_atom_type.symbol 
C 
N 
O 
S 
# 
loop_
_atom_site.group_PDB 
_atom_site.id 
_atom_site.type_symbol 
_atom_site.label_atom_id 
_atom_site.label_alt_id 
_atom_site.label_comp_id 
_atom_site.label_asym_id 
_atom_site.label_entity_id 
_atom_site.label_seq_id 
_atom_site.pdbx_PDB_ins_code 
_atom_site.Cartn_x 
_atom_site.Cartn_y 
_atom_site.Cartn_z 
_atom_site.occupancy 
_atom_site.B_iso_or_equiv 
_atom_site.pdbx_formal_charge 
_atom_site.auth_seq_id 
_atom_site.auth_comp_id 
_atom_site.auth_asym_id 
_atom_site.auth_atom_id 
_atom_site.pdbx_PDB_model_num 
ATOM   1    N N   . MET A 1 1   ? 26.046  -23.193 -6.495  1.00 103.60 ? 1   MET A N   1 
ATOM   2    C CA  . MET A 1 1   ? 27.159  -22.319 -6.968  1.00 103.11 ? 1   MET A CA  1 
ATOM   3    C C   . MET A 1 1   ? 26.691  -20.871 -7.156  1.00 110.39 ? 1   MET A C   1 
ATOM   4    O O   . MET A 1 1   ? 27.393  -19.938 -6.758  1.00 116.36 ? 1   MET A O   1 
ATOM   5    C CB  . MET A 1 1   ? 27.757  -22.868 -8.258  1.00 100.27 ? 1   MET A CB  1 
ATOM   6    N N   . ASN A 1 2   ? 25.512  -20.684 -7.756  1.00 109.16 ? 2   ASN A N   1 
ATOM   7    C CA  . ASN A 1 2   ? 24.942  -19.344 -7.971  1.00 108.10 ? 2   ASN A CA  1 
ATOM   8    C C   . ASN A 1 2   ? 23.673  -19.118 -7.141  1.00 106.13 ? 2   ASN A C   1 
ATOM   9    O O   . ASN A 1 2   ? 22.613  -19.694 -7.423  1.00 111.65 ? 2   ASN A O   1 
ATOM   10   C CB  . ASN A 1 2   ? 24.639  -19.123 -9.456  1.00 111.19 ? 2   ASN A CB  1 
ATOM   11   C CG  . ASN A 1 2   ? 23.975  -17.781 -9.725  1.00 109.20 ? 2   ASN A CG  1 
ATOM   12   O OD1 . ASN A 1 2   ? 24.449  -16.742 -9.272  1.00 106.98 ? 2   ASN A OD1 1 
ATOM   13   N ND2 . ASN A 1 2   ? 22.872  -17.802 -10.465 1.00 108.46 ? 2   ASN A ND2 1 
ATOM   14   N N   . ASN A 1 3   ? 23.777  -18.259 -6.132  1.00 98.18  ? 3   ASN A N   1 
ATOM   15   C CA  . ASN A 1 3   ? 22.683  -18.061 -5.186  1.00 96.95  ? 3   ASN A CA  1 
ATOM   16   C C   . ASN A 1 3   ? 22.282  -16.598 -4.996  1.00 89.23  ? 3   ASN A C   1 
ATOM   17   O O   . ASN A 1 3   ? 23.017  -15.678 -5.363  1.00 82.95  ? 3   ASN A O   1 
ATOM   18   C CB  . ASN A 1 3   ? 23.019  -18.716 -3.839  1.00 98.25  ? 3   ASN A CB  1 
ATOM   19   C CG  . ASN A 1 3   ? 24.335  -18.244 -3.256  1.00 99.06  ? 3   ASN A CG  1 
ATOM   20   O OD1 . ASN A 1 3   ? 24.690  -17.066 -3.340  1.00 101.16 ? 3   ASN A OD1 1 
ATOM   21   N ND2 . ASN A 1 3   ? 25.055  -19.163 -2.632  1.00 94.47  ? 3   ASN A ND2 1 
ATOM   22   N N   . MET A 1 4   ? 21.103  -16.412 -4.412  1.00 79.58  ? 4   MET A N   1 
ATOM   23   C CA  . MET A 1 4   ? 20.523  -15.092 -4.199  1.00 73.33  ? 4   MET A CA  1 
ATOM   24   C C   . MET A 1 4   ? 21.073  -14.424 -2.938  1.00 65.73  ? 4   MET A C   1 
ATOM   25   O O   . MET A 1 4   ? 20.717  -14.793 -1.825  1.00 63.14  ? 4   MET A O   1 
ATOM   26   C CB  . MET A 1 4   ? 19.004  -15.236 -4.086  1.00 75.93  ? 4   MET A CB  1 
ATOM   27   C CG  . MET A 1 4   ? 18.234  -13.944 -3.915  1.00 74.36  ? 4   MET A CG  1 
ATOM   28   S SD  . MET A 1 4   ? 16.466  -14.281 -3.850  1.00 75.73  ? 4   MET A SD  1 
ATOM   29   C CE  . MET A 1 4   ? 16.110  -14.600 -5.575  1.00 75.45  ? 4   MET A CE  1 
ATOM   30   N N   . ASN A 1 5   ? 21.974  -13.471 -3.125  1.00 62.01  ? 5   ASN A N   1 
ATOM   31   C CA  . ASN A 1 5   ? 22.350  -12.535 -2.067  1.00 65.40  ? 5   ASN A CA  1 
ATOM   32   C C   . ASN A 1 5   ? 21.222  -11.602 -1.609  1.00 63.79  ? 5   ASN A C   1 
ATOM   33   O O   . ASN A 1 5   ? 20.732  -10.772 -2.381  1.00 60.83  ? 5   ASN A O   1 
ATOM   34   C CB  . ASN A 1 5   ? 23.547  -11.710 -2.510  1.00 68.05  ? 5   ASN A CB  1 
ATOM   35   C CG  . ASN A 1 5   ? 24.780  -12.559 -2.699  1.00 69.46  ? 5   ASN A CG  1 
ATOM   36   O OD1 . ASN A 1 5   ? 24.833  -13.698 -2.237  1.00 71.42  ? 5   ASN A OD1 1 
ATOM   37   N ND2 . ASN A 1 5   ? 25.777  -12.014 -3.382  1.00 70.68  ? 5   ASN A ND2 1 
ATOM   38   N N   . VAL A 1 6   ? 20.841  -11.741 -0.338  1.00 62.09  ? 6   VAL A N   1 
ATOM   39   C CA  . VAL A 1 6   ? 19.727  -11.001 0.249   1.00 61.49  ? 6   VAL A CA  1 
ATOM   40   C C   . VAL A 1 6   ? 20.197  -10.068 1.362   1.00 60.35  ? 6   VAL A C   1 
ATOM   41   O O   . VAL A 1 6   ? 21.055  -10.430 2.162   1.00 60.90  ? 6   VAL A O   1 
ATOM   42   C CB  . VAL A 1 6   ? 18.692  -11.962 0.853   1.00 61.99  ? 6   VAL A CB  1 
ATOM   43   C CG1 . VAL A 1 6   ? 17.563  -11.193 1.524   1.00 65.20  ? 6   VAL A CG1 1 
ATOM   44   C CG2 . VAL A 1 6   ? 18.144  -12.899 -0.215  1.00 62.73  ? 6   VAL A CG2 1 
ATOM   45   N N   . ILE A 1 7   ? 19.638  -8.862  1.401   1.00 61.74  ? 7   ILE A N   1 
ATOM   46   C CA  . ILE A 1 7   ? 19.794  -7.968  2.557   1.00 59.98  ? 7   ILE A CA  1 
ATOM   47   C C   . ILE A 1 7   ? 18.447  -7.879  3.260   1.00 56.79  ? 7   ILE A C   1 
ATOM   48   O O   . ILE A 1 7   ? 17.404  -7.904  2.619   1.00 53.74  ? 7   ILE A O   1 
ATOM   49   C CB  . ILE A 1 7   ? 20.280  -6.569  2.146   1.00 59.70  ? 7   ILE A CB  1 
ATOM   50   C CG1 . ILE A 1 7   ? 21.714  -6.658  1.612   1.00 60.61  ? 7   ILE A CG1 1 
ATOM   51   C CG2 . ILE A 1 7   ? 20.214  -5.607  3.327   1.00 59.83  ? 7   ILE A CG2 1 
ATOM   52   C CD1 . ILE A 1 7   ? 22.273  -5.349  1.084   1.00 61.72  ? 7   ILE A CD1 1 
ATOM   53   N N   . ILE A 1 8   ? 18.464  -7.814  4.581   1.00 58.89  ? 8   ILE A N   1 
ATOM   54   C CA  . ILE A 1 8   ? 17.215  -7.749  5.328   1.00 62.38  ? 8   ILE A CA  1 
ATOM   55   C C   . ILE A 1 8   ? 17.264  -6.611  6.325   1.00 62.43  ? 8   ILE A C   1 
ATOM   56   O O   . ILE A 1 8   ? 18.248  -6.447  7.043   1.00 61.25  ? 8   ILE A O   1 
ATOM   57   C CB  . ILE A 1 8   ? 16.857  -9.096  5.999   1.00 64.23  ? 8   ILE A CB  1 
ATOM   58   C CG1 . ILE A 1 8   ? 17.926  -9.542  6.989   1.00 68.23  ? 8   ILE A CG1 1 
ATOM   59   C CG2 . ILE A 1 8   ? 16.691  -10.179 4.943   1.00 65.26  ? 8   ILE A CG2 1 
ATOM   60   C CD1 . ILE A 1 8   ? 17.653  -10.911 7.571   1.00 69.06  ? 8   ILE A CD1 1 
ATOM   61   N N   . ALA A 1 9   ? 16.199  -5.814  6.334   1.00 62.48  ? 9   ALA A N   1 
ATOM   62   C CA  . ALA A 1 9   ? 16.127  -4.618  7.153   1.00 62.28  ? 9   ALA A CA  1 
ATOM   63   C C   . ALA A 1 9   ? 14.796  -4.548  7.897   1.00 63.40  ? 9   ALA A C   1 
ATOM   64   O O   . ALA A 1 9   ? 13.727  -4.591  7.280   1.00 62.47  ? 9   ALA A O   1 
ATOM   65   C CB  . ALA A 1 9   ? 16.309  -3.389  6.282   1.00 62.37  ? 9   ALA A CB  1 
ATOM   66   N N   . ASP A 1 10  ? 14.868  -4.440  9.221   1.00 63.14  ? 10  ASP A N   1 
ATOM   67   C CA  . ASP A 1 10  ? 13.682  -4.199  10.027  1.00 67.11  ? 10  ASP A CA  1 
ATOM   68   C C   . ASP A 1 10  ? 14.045  -3.485  11.316  1.00 70.35  ? 10  ASP A C   1 
ATOM   69   O O   . ASP A 1 10  ? 15.147  -3.635  11.838  1.00 69.51  ? 10  ASP A O   1 
ATOM   70   C CB  . ASP A 1 10  ? 12.964  -5.512  10.353  1.00 72.27  ? 10  ASP A CB  1 
ATOM   71   C CG  . ASP A 1 10  ? 11.552  -5.292  10.895  1.00 73.15  ? 10  ASP A CG  1 
ATOM   72   O OD1 . ASP A 1 10  ? 10.614  -5.177  10.080  1.00 68.23  ? 10  ASP A OD1 1 
ATOM   73   O OD2 . ASP A 1 10  ? 11.385  -5.223  12.134  1.00 76.79  ? 10  ASP A OD2 1 
ATOM   74   N N   . ASP A 1 11  ? 13.087  -2.720  11.824  1.00 76.08  ? 11  ASP A N   1 
ATOM   75   C CA  . ASP A 1 11  ? 13.235  -2.003  13.081  1.00 80.42  ? 11  ASP A CA  1 
ATOM   76   C C   . ASP A 1 11  ? 13.507  -2.952  14.259  1.00 79.89  ? 11  ASP A C   1 
ATOM   77   O O   . ASP A 1 11  ? 14.352  -2.665  15.096  1.00 81.23  ? 11  ASP A O   1 
ATOM   78   C CB  . ASP A 1 11  ? 11.960  -1.181  13.346  1.00 82.78  ? 11  ASP A CB  1 
ATOM   79   C CG  . ASP A 1 11  ? 12.248  0.183   13.943  1.00 88.69  ? 11  ASP A CG  1 
ATOM   80   O OD1 . ASP A 1 11  ? 13.339  0.756   13.696  1.00 92.04  ? 11  ASP A OD1 1 
ATOM   81   O OD2 . ASP A 1 11  ? 11.357  0.697   14.647  1.00 90.96  ? 11  ASP A OD2 1 
ATOM   82   N N   . HIS A 1 12  ? 12.803  -4.084  14.296  1.00 82.16  ? 12  HIS A N   1 
ATOM   83   C CA  . HIS A 1 12  ? 12.817  -5.000  15.442  1.00 83.03  ? 12  HIS A CA  1 
ATOM   84   C C   . HIS A 1 12  ? 13.672  -6.246  15.171  1.00 77.05  ? 12  HIS A C   1 
ATOM   85   O O   . HIS A 1 12  ? 13.495  -6.898  14.150  1.00 76.88  ? 12  HIS A O   1 
ATOM   86   C CB  . HIS A 1 12  ? 11.379  -5.417  15.766  1.00 89.69  ? 12  HIS A CB  1 
ATOM   87   C CG  . HIS A 1 12  ? 11.158  -5.777  17.205  1.00 102.17 ? 12  HIS A CG  1 
ATOM   88   N ND1 . HIS A 1 12  ? 11.217  -7.076  17.665  1.00 105.24 ? 12  HIS A ND1 1 
ATOM   89   C CD2 . HIS A 1 12  ? 10.859  -5.013  18.283  1.00 105.00 ? 12  HIS A CD2 1 
ATOM   90   C CE1 . HIS A 1 12  ? 10.973  -7.097  18.962  1.00 103.96 ? 12  HIS A CE1 1 
ATOM   91   N NE2 . HIS A 1 12  ? 10.753  -5.858  19.363  1.00 107.93 ? 12  HIS A NE2 1 
ATOM   92   N N   . PRO A 1 13  ? 14.587  -6.597  16.094  1.00 76.97  ? 13  PRO A N   1 
ATOM   93   C CA  . PRO A 1 13  ? 15.460  -7.765  15.872  1.00 74.90  ? 13  PRO A CA  1 
ATOM   94   C C   . PRO A 1 13  ? 14.800  -9.156  15.965  1.00 72.55  ? 13  PRO A C   1 
ATOM   95   O O   . PRO A 1 13  ? 15.350  -10.124 15.443  1.00 71.24  ? 13  PRO A O   1 
ATOM   96   C CB  . PRO A 1 13  ? 16.538  -7.622  16.963  1.00 75.79  ? 13  PRO A CB  1 
ATOM   97   C CG  . PRO A 1 13  ? 16.441  -6.221  17.456  1.00 77.38  ? 13  PRO A CG  1 
ATOM   98   C CD  . PRO A 1 13  ? 14.998  -5.839  17.291  1.00 81.37  ? 13  PRO A CD  1 
ATOM   99   N N   . ILE A 1 14  ? 13.661  -9.268  16.637  1.00 72.65  ? 14  ILE A N   1 
ATOM   100  C CA  . ILE A 1 14  ? 12.903  -10.527 16.657  1.00 73.82  ? 14  ILE A CA  1 
ATOM   101  C C   . ILE A 1 14  ? 12.305  -10.836 15.274  1.00 71.24  ? 14  ILE A C   1 
ATOM   102  O O   . ILE A 1 14  ? 12.072  -12.000 14.929  1.00 69.28  ? 14  ILE A O   1 
ATOM   103  C CB  . ILE A 1 14  ? 11.800  -10.522 17.750  1.00 78.83  ? 14  ILE A CB  1 
ATOM   104  C CG1 . ILE A 1 14  ? 11.807  -11.831 18.560  1.00 82.03  ? 14  ILE A CG1 1 
ATOM   105  C CG2 . ILE A 1 14  ? 10.412  -10.234 17.175  1.00 81.83  ? 14  ILE A CG2 1 
ATOM   106  C CD1 . ILE A 1 14  ? 11.750  -13.110 17.754  1.00 87.67  ? 14  ILE A CD1 1 
ATOM   107  N N   . VAL A 1 15  ? 12.056  -9.795  14.485  1.00 66.45  ? 15  VAL A N   1 
ATOM   108  C CA  . VAL A 1 15  ? 11.675  -9.975  13.085  1.00 66.99  ? 15  VAL A CA  1 
ATOM   109  C C   . VAL A 1 15  ? 12.904  -10.381 12.263  1.00 65.58  ? 15  VAL A C   1 
ATOM   110  O O   . VAL A 1 15  ? 12.875  -11.372 11.539  1.00 68.78  ? 15  VAL A O   1 
ATOM   111  C CB  . VAL A 1 15  ? 11.047  -8.699  12.495  1.00 64.81  ? 15  VAL A CB  1 
ATOM   112  C CG1 . VAL A 1 15  ? 10.736  -8.902  11.023  1.00 64.90  ? 15  VAL A CG1 1 
ATOM   113  C CG2 . VAL A 1 15  ? 9.796   -8.320  13.266  1.00 65.79  ? 15  VAL A CG2 1 
ATOM   114  N N   . LEU A 1 16  ? 13.983  -9.619  12.385  1.00 63.02  ? 16  LEU A N   1 
ATOM   115  C CA  . LEU A 1 16  ? 15.252  -9.989  11.772  1.00 65.63  ? 16  LEU A CA  1 
ATOM   116  C C   . LEU A 1 16  ? 15.633  -11.435 12.093  1.00 70.49  ? 16  LEU A C   1 
ATOM   117  O O   . LEU A 1 16  ? 16.123  -12.165 11.231  1.00 75.30  ? 16  LEU A O   1 
ATOM   118  C CB  . LEU A 1 16  ? 16.370  -9.052  12.240  1.00 65.27  ? 16  LEU A CB  1 
ATOM   119  C CG  . LEU A 1 16  ? 16.381  -7.636  11.664  1.00 66.69  ? 16  LEU A CG  1 
ATOM   120  C CD1 . LEU A 1 16  ? 17.503  -6.826  12.284  1.00 68.32  ? 16  LEU A CD1 1 
ATOM   121  C CD2 . LEU A 1 16  ? 16.529  -7.669  10.154  1.00 67.98  ? 16  LEU A CD2 1 
ATOM   122  N N   . PHE A 1 17  ? 15.414  -11.844 13.335  1.00 70.83  ? 17  PHE A N   1 
ATOM   123  C CA  . PHE A 1 17  ? 15.660  -13.217 13.735  1.00 71.36  ? 17  PHE A CA  1 
ATOM   124  C C   . PHE A 1 17  ? 14.756  -14.184 12.967  1.00 68.40  ? 17  PHE A C   1 
ATOM   125  O O   . PHE A 1 17  ? 15.237  -15.145 12.378  1.00 70.33  ? 17  PHE A O   1 
ATOM   126  C CB  . PHE A 1 17  ? 15.439  -13.368 15.241  1.00 74.55  ? 17  PHE A CB  1 
ATOM   127  C CG  . PHE A 1 17  ? 15.524  -14.781 15.723  1.00 74.60  ? 17  PHE A CG  1 
ATOM   128  C CD1 . PHE A 1 17  ? 16.752  -15.354 16.011  1.00 75.14  ? 17  PHE A CD1 1 
ATOM   129  C CD2 . PHE A 1 17  ? 14.370  -15.543 15.882  1.00 75.56  ? 17  PHE A CD2 1 
ATOM   130  C CE1 . PHE A 1 17  ? 16.830  -16.666 16.446  1.00 75.62  ? 17  PHE A CE1 1 
ATOM   131  C CE2 . PHE A 1 17  ? 14.442  -16.852 16.323  1.00 72.83  ? 17  PHE A CE2 1 
ATOM   132  C CZ  . PHE A 1 17  ? 15.672  -17.413 16.605  1.00 71.74  ? 17  PHE A CZ  1 
ATOM   133  N N   . GLY A 1 18  ? 13.454  -13.921 12.975  1.00 67.93  ? 18  GLY A N   1 
ATOM   134  C CA  . GLY A 1 18  ? 12.474  -14.814 12.358  1.00 68.91  ? 18  GLY A CA  1 
ATOM   135  C C   . GLY A 1 18  ? 12.684  -15.018 10.870  1.00 72.55  ? 18  GLY A C   1 
ATOM   136  O O   . GLY A 1 18  ? 12.494  -16.123 10.351  1.00 75.63  ? 18  GLY A O   1 
ATOM   137  N N   . ILE A 1 19  ? 13.080  -13.947 10.189  1.00 71.47  ? 19  ILE A N   1 
ATOM   138  C CA  . ILE A 1 19  ? 13.397  -13.999 8.768   1.00 68.96  ? 19  ILE A CA  1 
ATOM   139  C C   . ILE A 1 19  ? 14.650  -14.829 8.526   1.00 72.15  ? 19  ILE A C   1 
ATOM   140  O O   . ILE A 1 19  ? 14.711  -15.595 7.568   1.00 76.40  ? 19  ILE A O   1 
ATOM   141  C CB  . ILE A 1 19  ? 13.623  -12.582 8.190   1.00 70.96  ? 19  ILE A CB  1 
ATOM   142  C CG1 . ILE A 1 19  ? 12.331  -11.758 8.233   1.00 70.92  ? 19  ILE A CG1 1 
ATOM   143  C CG2 . ILE A 1 19  ? 14.142  -12.648 6.755   1.00 74.24  ? 19  ILE A CG2 1 
ATOM   144  C CD1 . ILE A 1 19  ? 12.555  -10.268 8.031   1.00 71.03  ? 19  ILE A CD1 1 
ATOM   145  N N   . ARG A 1 20  ? 15.654  -14.667 9.382   1.00 74.27  ? 20  ARG A N   1 
ATOM   146  C CA  . ARG A 1 20  ? 16.919  -15.377 9.215   1.00 78.50  ? 20  ARG A CA  1 
ATOM   147  C C   . ARG A 1 20  ? 16.729  -16.889 9.365   1.00 82.07  ? 20  ARG A C   1 
ATOM   148  O O   . ARG A 1 20  ? 17.407  -17.663 8.694   1.00 83.69  ? 20  ARG A O   1 
ATOM   149  C CB  . ARG A 1 20  ? 17.974  -14.867 10.204  1.00 81.21  ? 20  ARG A CB  1 
ATOM   150  C CG  . ARG A 1 20  ? 19.408  -15.027 9.707   1.00 88.55  ? 20  ARG A CG  1 
ATOM   151  C CD  . ARG A 1 20  ? 20.444  -14.716 10.780  1.00 88.64  ? 20  ARG A CD  1 
ATOM   152  N NE  . ARG A 1 20  ? 20.203  -13.427 11.441  1.00 93.78  ? 20  ARG A NE  1 
ATOM   153  C CZ  . ARG A 1 20  ? 19.656  -13.269 12.653  1.00 96.77  ? 20  ARG A CZ  1 
ATOM   154  N NH1 . ARG A 1 20  ? 19.478  -12.046 13.141  1.00 93.31  ? 20  ARG A NH1 1 
ATOM   155  N NH2 . ARG A 1 20  ? 19.281  -14.316 13.390  1.00 99.68  ? 20  ARG A NH2 1 
ATOM   156  N N   . LYS A 1 21  ? 15.803  -17.296 10.236  1.00 87.59  ? 21  LYS A N   1 
ATOM   157  C CA  . LYS A 1 21  ? 15.451  -18.713 10.403  1.00 91.39  ? 21  LYS A CA  1 
ATOM   158  C C   . LYS A 1 21  ? 14.793  -19.255 9.155   1.00 86.92  ? 21  LYS A C   1 
ATOM   159  O O   . LYS A 1 21  ? 15.202  -20.287 8.622   1.00 90.15  ? 21  LYS A O   1 
ATOM   160  C CB  . LYS A 1 21  ? 14.502  -18.924 11.590  1.00 92.29  ? 21  LYS A CB  1 
ATOM   161  C CG  . LYS A 1 21  ? 15.135  -18.664 12.945  1.00 102.24 ? 21  LYS A CG  1 
ATOM   162  C CD  . LYS A 1 21  ? 16.210  -19.692 13.290  1.00 107.78 ? 21  LYS A CD  1 
ATOM   163  C CE  . LYS A 1 21  ? 17.244  -19.133 14.256  1.00 110.53 ? 21  LYS A CE  1 
ATOM   164  N NZ  . LYS A 1 21  ? 18.574  -19.777 14.086  1.00 112.86 ? 21  LYS A NZ  1 
ATOM   165  N N   . SER A 1 22  ? 13.760  -18.557 8.705   1.00 81.70  ? 22  SER A N   1 
ATOM   166  C CA  . SER A 1 22  ? 13.057  -18.937 7.498   1.00 82.41  ? 22  SER A CA  1 
ATOM   167  C C   . SER A 1 22  ? 14.025  -19.101 6.324   1.00 84.58  ? 22  SER A C   1 
ATOM   168  O O   . SER A 1 22  ? 13.898  -20.044 5.540   1.00 93.73  ? 22  SER A O   1 
ATOM   169  C CB  . SER A 1 22  ? 11.987  -17.901 7.168   1.00 83.97  ? 22  SER A CB  1 
ATOM   170  O OG  . SER A 1 22  ? 11.445  -18.132 5.882   1.00 92.49  ? 22  SER A OG  1 
ATOM   171  N N   . LEU A 1 23  ? 15.005  -18.207 6.223   1.00 83.08  ? 23  LEU A N   1 
ATOM   172  C CA  . LEU A 1 23  ? 15.881  -18.163 5.052   1.00 86.16  ? 23  LEU A CA  1 
ATOM   173  C C   . LEU A 1 23  ? 17.103  -19.077 5.091   1.00 89.51  ? 23  LEU A C   1 
ATOM   174  O O   . LEU A 1 23  ? 17.705  -19.320 4.047   1.00 92.51  ? 23  LEU A O   1 
ATOM   175  C CB  . LEU A 1 23  ? 16.342  -16.728 4.767   1.00 83.00  ? 23  LEU A CB  1 
ATOM   176  C CG  . LEU A 1 23  ? 15.277  -15.693 4.374   1.00 80.08  ? 23  LEU A CG  1 
ATOM   177  C CD1 . LEU A 1 23  ? 15.913  -14.637 3.484   1.00 79.23  ? 23  LEU A CD1 1 
ATOM   178  C CD2 . LEU A 1 23  ? 14.068  -16.311 3.682   1.00 81.07  ? 23  LEU A CD2 1 
ATOM   179  N N   . GLU A 1 24  ? 17.494  -19.576 6.259   1.00 95.23  ? 24  GLU A N   1 
ATOM   180  C CA  . GLU A 1 24  ? 18.589  -20.554 6.288   1.00 100.43 ? 24  GLU A CA  1 
ATOM   181  C C   . GLU A 1 24  ? 18.086  -21.981 6.061   1.00 97.00  ? 24  GLU A C   1 
ATOM   182  O O   . GLU A 1 24  ? 18.883  -22.898 5.885   1.00 99.73  ? 24  GLU A O   1 
ATOM   183  C CB  . GLU A 1 24  ? 19.475  -20.419 7.533   1.00 105.74 ? 24  GLU A CB  1 
ATOM   184  C CG  . GLU A 1 24  ? 18.821  -20.659 8.881   1.00 108.47 ? 24  GLU A CG  1 
ATOM   185  C CD  . GLU A 1 24  ? 19.607  -20.018 10.018  1.00 117.08 ? 24  GLU A CD  1 
ATOM   186  O OE1 . GLU A 1 24  ? 20.702  -19.457 9.771   1.00 115.49 ? 24  GLU A OE1 1 
ATOM   187  O OE2 . GLU A 1 24  ? 19.126  -20.067 11.170  1.00 125.08 ? 24  GLU A OE2 1 
ATOM   188  N N   . GLN A 1 25  ? 16.765  -22.148 6.018   1.00 93.60  ? 25  GLN A N   1 
ATOM   189  C CA  . GLN A 1 25  ? 16.156  -23.361 5.472   1.00 92.32  ? 25  GLN A CA  1 
ATOM   190  C C   . GLN A 1 25  ? 15.946  -23.249 3.955   1.00 88.76  ? 25  GLN A C   1 
ATOM   191  O O   . GLN A 1 25  ? 15.045  -23.883 3.403   1.00 87.97  ? 25  GLN A O   1 
ATOM   192  C CB  . GLN A 1 25  ? 14.833  -23.665 6.190   1.00 97.23  ? 25  GLN A CB  1 
ATOM   193  C CG  . GLN A 1 25  ? 15.022  -24.154 7.623   1.00 102.91 ? 25  GLN A CG  1 
ATOM   194  C CD  . GLN A 1 25  ? 15.772  -25.482 7.700   1.00 105.85 ? 25  GLN A CD  1 
ATOM   195  O OE1 . GLN A 1 25  ? 16.883  -25.559 8.236   1.00 103.11 ? 25  GLN A OE1 1 
ATOM   196  N NE2 . GLN A 1 25  ? 15.173  -26.530 7.143   1.00 106.25 ? 25  GLN A NE2 1 
ATOM   197  N N   . ILE A 1 26  ? 16.778  -22.435 3.298   1.00 82.01  ? 26  ILE A N   1 
ATOM   198  C CA  . ILE A 1 26  ? 16.804  -22.299 1.840   1.00 79.07  ? 26  ILE A CA  1 
ATOM   199  C C   . ILE A 1 26  ? 18.282  -22.188 1.440   1.00 81.99  ? 26  ILE A C   1 
ATOM   200  O O   . ILE A 1 26  ? 18.938  -21.188 1.750   1.00 83.34  ? 26  ILE A O   1 
ATOM   201  C CB  . ILE A 1 26  ? 16.015  -21.056 1.343   1.00 75.46  ? 26  ILE A CB  1 
ATOM   202  C CG1 . ILE A 1 26  ? 14.679  -20.919 2.082   1.00 76.59  ? 26  ILE A CG1 1 
ATOM   203  C CG2 . ILE A 1 26  ? 15.765  -21.142 -0.156  1.00 73.86  ? 26  ILE A CG2 1 
ATOM   204  C CD1 . ILE A 1 26  ? 13.713  -19.916 1.483   1.00 77.00  ? 26  ILE A CD1 1 
ATOM   205  N N   . GLU A 1 27  ? 18.804  -23.220 0.777   1.00 82.20  ? 27  GLU A N   1 
ATOM   206  C CA  . GLU A 1 27  ? 20.252  -23.347 0.544   1.00 80.86  ? 27  GLU A CA  1 
ATOM   207  C C   . GLU A 1 27  ? 20.787  -22.314 -0.444  1.00 79.16  ? 27  GLU A C   1 
ATOM   208  O O   . GLU A 1 27  ? 21.941  -21.903 -0.349  1.00 77.20  ? 27  GLU A O   1 
ATOM   209  C CB  . GLU A 1 27  ? 20.598  -24.754 0.067   1.00 82.72  ? 27  GLU A CB  1 
ATOM   210  N N   . TRP A 1 28  ? 19.937  -21.887 -1.374  1.00 80.44  ? 28  TRP A N   1 
ATOM   211  C CA  . TRP A 1 28  ? 20.344  -20.960 -2.438  1.00 76.90  ? 28  TRP A CA  1 
ATOM   212  C C   . TRP A 1 28  ? 20.161  -19.476 -2.085  1.00 78.30  ? 28  TRP A C   1 
ATOM   213  O O   . TRP A 1 28  ? 20.250  -18.614 -2.969  1.00 78.68  ? 28  TRP A O   1 
ATOM   214  C CB  . TRP A 1 28  ? 19.604  -21.286 -3.736  1.00 75.45  ? 28  TRP A CB  1 
ATOM   215  C CG  . TRP A 1 28  ? 18.132  -21.367 -3.590  1.00 77.10  ? 28  TRP A CG  1 
ATOM   216  C CD1 . TRP A 1 28  ? 17.404  -22.482 -3.311  1.00 79.06  ? 28  TRP A CD1 1 
ATOM   217  C CD2 . TRP A 1 28  ? 17.190  -20.292 -3.723  1.00 79.44  ? 28  TRP A CD2 1 
ATOM   218  N NE1 . TRP A 1 28  ? 16.066  -22.174 -3.255  1.00 81.07  ? 28  TRP A NE1 1 
ATOM   219  C CE2 . TRP A 1 28  ? 15.906  -20.838 -3.514  1.00 79.01  ? 28  TRP A CE2 1 
ATOM   220  C CE3 . TRP A 1 28  ? 17.305  -18.924 -4.004  1.00 79.75  ? 28  TRP A CE3 1 
ATOM   221  C CZ2 . TRP A 1 28  ? 14.745  -20.064 -3.566  1.00 79.03  ? 28  TRP A CZ2 1 
ATOM   222  C CZ3 . TRP A 1 28  ? 16.151  -18.156 -4.058  1.00 80.78  ? 28  TRP A CZ3 1 
ATOM   223  C CH2 . TRP A 1 28  ? 14.886  -18.730 -3.840  1.00 82.14  ? 28  TRP A CH2 1 
ATOM   224  N N   . VAL A 1 29  ? 19.914  -19.179 -0.807  1.00 75.42  ? 29  VAL A N   1 
ATOM   225  C CA  . VAL A 1 29  ? 19.902  -17.805 -0.316  1.00 71.50  ? 29  VAL A CA  1 
ATOM   226  C C   . VAL A 1 29  ? 21.095  -17.572 0.602   1.00 71.25  ? 29  VAL A C   1 
ATOM   227  O O   . VAL A 1 29  ? 21.336  -18.347 1.519   1.00 74.75  ? 29  VAL A O   1 
ATOM   228  C CB  . VAL A 1 29  ? 18.613  -17.494 0.463   1.00 73.25  ? 29  VAL A CB  1 
ATOM   229  C CG1 . VAL A 1 29  ? 18.699  -16.122 1.113   1.00 76.32  ? 29  VAL A CG1 1 
ATOM   230  C CG2 . VAL A 1 29  ? 17.404  -17.571 -0.456  1.00 75.69  ? 29  VAL A CG2 1 
ATOM   231  N N   . ASN A 1 30  ? 21.837  -16.503 0.340   1.00 71.82  ? 30  ASN A N   1 
ATOM   232  C CA  . ASN A 1 30  ? 22.893  -16.041 1.226   1.00 71.47  ? 30  ASN A CA  1 
ATOM   233  C C   . ASN A 1 30  ? 22.522  -14.649 1.751   1.00 70.28  ? 30  ASN A C   1 
ATOM   234  O O   . ASN A 1 30  ? 22.365  -13.711 0.972   1.00 66.11  ? 30  ASN A O   1 
ATOM   235  C CB  . ASN A 1 30  ? 24.221  -16.002 0.461   1.00 76.21  ? 30  ASN A CB  1 
ATOM   236  C CG  . ASN A 1 30  ? 25.387  -15.512 1.311   1.00 78.72  ? 30  ASN A CG  1 
ATOM   237  O OD1 . ASN A 1 30  ? 25.435  -15.733 2.518   1.00 84.22  ? 30  ASN A OD1 1 
ATOM   238  N ND2 . ASN A 1 30  ? 26.340  -14.843 0.672   1.00 81.91  ? 30  ASN A ND2 1 
ATOM   239  N N   . VAL A 1 31  ? 22.361  -14.518 3.066   1.00 67.42  ? 31  VAL A N   1 
ATOM   240  C CA  . VAL A 1 31  ? 22.105  -13.217 3.675   1.00 64.06  ? 31  VAL A CA  1 
ATOM   241  C C   . VAL A 1 31  ? 23.431  -12.475 3.821   1.00 65.53  ? 31  VAL A C   1 
ATOM   242  O O   . VAL A 1 31  ? 24.316  -12.924 4.546   1.00 64.52  ? 31  VAL A O   1 
ATOM   243  C CB  . VAL A 1 31  ? 21.438  -13.351 5.055   1.00 63.15  ? 31  VAL A CB  1 
ATOM   244  C CG1 . VAL A 1 31  ? 21.293  -11.986 5.716   1.00 61.98  ? 31  VAL A CG1 1 
ATOM   245  C CG2 . VAL A 1 31  ? 20.081  -14.029 4.926   1.00 63.84  ? 31  VAL A CG2 1 
ATOM   246  N N   . VAL A 1 32  ? 23.559  -11.338 3.140   1.00 67.25  ? 32  VAL A N   1 
ATOM   247  C CA  . VAL A 1 32  ? 24.825  -10.597 3.097   1.00 64.68  ? 32  VAL A CA  1 
ATOM   248  C C   . VAL A 1 32  ? 24.840  -9.365  3.998   1.00 61.92  ? 32  VAL A C   1 
ATOM   249  O O   . VAL A 1 32  ? 25.837  -8.654  4.062   1.00 66.00  ? 32  VAL A O   1 
ATOM   250  C CB  . VAL A 1 32  ? 25.214  -10.211 1.649   1.00 66.87  ? 32  VAL A CB  1 
ATOM   251  C CG1 . VAL A 1 32  ? 25.509  -11.467 0.841   1.00 68.01  ? 32  VAL A CG1 1 
ATOM   252  C CG2 . VAL A 1 32  ? 24.126  -9.381  0.971   1.00 69.22  ? 32  VAL A CG2 1 
ATOM   253  N N   . GLY A 1 33  ? 23.749  -9.122  4.713   1.00 60.67  ? 33  GLY A N   1 
ATOM   254  C CA  . GLY A 1 33  ? 23.712  -8.021  5.673   1.00 59.64  ? 33  GLY A CA  1 
ATOM   255  C C   . GLY A 1 33  ? 22.341  -7.837  6.283   1.00 59.83  ? 33  GLY A C   1 
ATOM   256  O O   . GLY A 1 33  ? 21.329  -8.199  5.670   1.00 61.69  ? 33  GLY A O   1 
ATOM   257  N N   . GLU A 1 34  ? 22.304  -7.298  7.502   1.00 62.91  ? 34  GLU A N   1 
ATOM   258  C CA  . GLU A 1 34  ? 21.034  -6.941  8.135   1.00 67.24  ? 34  GLU A CA  1 
ATOM   259  C C   . GLU A 1 34  ? 21.125  -5.608  8.860   1.00 62.92  ? 34  GLU A C   1 
ATOM   260  O O   . GLU A 1 34  ? 22.149  -5.294  9.451   1.00 65.33  ? 34  GLU A O   1 
ATOM   261  C CB  . GLU A 1 34  ? 20.534  -8.053  9.059   1.00 72.36  ? 34  GLU A CB  1 
ATOM   262  C CG  . GLU A 1 34  ? 21.536  -8.580  10.067  1.00 80.21  ? 34  GLU A CG  1 
ATOM   263  C CD  . GLU A 1 34  ? 20.985  -9.775  10.838  1.00 87.99  ? 34  GLU A CD  1 
ATOM   264  O OE1 . GLU A 1 34  ? 21.001  -10.916 10.293  1.00 81.92  ? 34  GLU A OE1 1 
ATOM   265  O OE2 . GLU A 1 34  ? 20.531  -9.564  11.991  1.00 85.39  ? 34  GLU A OE2 1 
ATOM   266  N N   . PHE A 1 35  ? 20.049  -4.823  8.793   1.00 60.85  ? 35  PHE A N   1 
ATOM   267  C CA  . PHE A 1 35  ? 20.060  -3.446  9.296   1.00 59.23  ? 35  PHE A CA  1 
ATOM   268  C C   . PHE A 1 35  ? 18.796  -3.103  10.064  1.00 57.62  ? 35  PHE A C   1 
ATOM   269  O O   . PHE A 1 35  ? 17.740  -3.657  9.800   1.00 57.25  ? 35  PHE A O   1 
ATOM   270  C CB  . PHE A 1 35  ? 20.254  -2.475  8.129   1.00 58.14  ? 35  PHE A CB  1 
ATOM   271  C CG  . PHE A 1 35  ? 21.521  -2.713  7.370   1.00 55.42  ? 35  PHE A CG  1 
ATOM   272  C CD1 . PHE A 1 35  ? 22.708  -2.148  7.791   1.00 56.59  ? 35  PHE A CD1 1 
ATOM   273  C CD2 . PHE A 1 35  ? 21.535  -3.541  6.255   1.00 55.74  ? 35  PHE A CD2 1 
ATOM   274  C CE1 . PHE A 1 35  ? 23.886  -2.385  7.097   1.00 60.08  ? 35  PHE A CE1 1 
ATOM   275  C CE2 . PHE A 1 35  ? 22.707  -3.787  5.558   1.00 53.14  ? 35  PHE A CE2 1 
ATOM   276  C CZ  . PHE A 1 35  ? 23.883  -3.204  5.975   1.00 54.39  ? 35  PHE A CZ  1 
ATOM   277  N N   . GLU A 1 36  ? 18.923  -2.186  11.020  1.00 62.67  ? 36  GLU A N   1 
ATOM   278  C CA  . GLU A 1 36  ? 17.813  -1.792  11.898  1.00 64.62  ? 36  GLU A CA  1 
ATOM   279  C C   . GLU A 1 36  ? 17.378  -0.339  11.727  1.00 61.75  ? 36  GLU A C   1 
ATOM   280  O O   . GLU A 1 36  ? 16.432  0.102   12.376  1.00 66.09  ? 36  GLU A O   1 
ATOM   281  C CB  . GLU A 1 36  ? 18.196  -2.005  13.362  1.00 73.41  ? 36  GLU A CB  1 
ATOM   282  C CG  . GLU A 1 36  ? 18.698  -3.399  13.694  1.00 81.35  ? 36  GLU A CG  1 
ATOM   283  C CD  . GLU A 1 36  ? 18.816  -3.624  15.194  1.00 91.53  ? 36  GLU A CD  1 
ATOM   284  O OE1 . GLU A 1 36  ? 19.832  -4.221  15.624  1.00 90.46  ? 36  GLU A OE1 1 
ATOM   285  O OE2 . GLU A 1 36  ? 17.894  -3.197  15.937  1.00 91.17  ? 36  GLU A OE2 1 
ATOM   286  N N   . ASP A 1 37  ? 18.082  0.417   10.896  1.00 62.42  ? 37  ASP A N   1 
ATOM   287  C CA  . ASP A 1 37  ? 17.619  1.747   10.506  1.00 66.23  ? 37  ASP A CA  1 
ATOM   288  C C   . ASP A 1 37  ? 17.985  2.030   9.053   1.00 61.66  ? 37  ASP A C   1 
ATOM   289  O O   . ASP A 1 37  ? 18.953  1.471   8.513   1.00 59.74  ? 37  ASP A O   1 
ATOM   290  C CB  . ASP A 1 37  ? 18.198  2.827   11.418  1.00 67.32  ? 37  ASP A CB  1 
ATOM   291  C CG  . ASP A 1 37  ? 19.688  2.961   11.271  1.00 70.08  ? 37  ASP A CG  1 
ATOM   292  O OD1 . ASP A 1 37  ? 20.397  1.954   11.498  1.00 75.74  ? 37  ASP A OD1 1 
ATOM   293  O OD2 . ASP A 1 37  ? 20.145  4.064   10.913  1.00 71.83  ? 37  ASP A OD2 1 
ATOM   294  N N   . SER A 1 38  ? 17.205  2.910   8.436   1.00 58.37  ? 38  SER A N   1 
ATOM   295  C CA  . SER A 1 38  ? 17.326  3.173   7.013   1.00 60.11  ? 38  SER A CA  1 
ATOM   296  C C   . SER A 1 38  ? 18.657  3.836   6.672   1.00 57.12  ? 38  SER A C   1 
ATOM   297  O O   . SER A 1 38  ? 19.209  3.601   5.617   1.00 59.67  ? 38  SER A O   1 
ATOM   298  C CB  . SER A 1 38  ? 16.155  4.036   6.535   1.00 61.74  ? 38  SER A CB  1 
ATOM   299  O OG  . SER A 1 38  ? 16.139  5.279   7.205   1.00 61.10  ? 38  SER A OG  1 
ATOM   300  N N   . THR A 1 39  ? 19.177  4.650   7.574   1.00 55.72  ? 39  THR A N   1 
ATOM   301  C CA  . THR A 1 39  ? 20.444  5.332   7.344   1.00 55.07  ? 39  THR A CA  1 
ATOM   302  C C   . THR A 1 39  ? 21.639  4.387   7.191   1.00 54.66  ? 39  THR A C   1 
ATOM   303  O O   . THR A 1 39  ? 22.498  4.604   6.341   1.00 58.02  ? 39  THR A O   1 
ATOM   304  C CB  . THR A 1 39  ? 20.734  6.336   8.471   1.00 54.99  ? 39  THR A CB  1 
ATOM   305  O OG1 . THR A 1 39  ? 19.715  7.351   8.480   1.00 55.55  ? 39  THR A OG1 1 
ATOM   306  C CG2 . THR A 1 39  ? 22.105  6.983   8.279   1.00 54.09  ? 39  THR A CG2 1 
ATOM   307  N N   . ALA A 1 40  ? 21.706  3.345   8.006   1.00 54.04  ? 40  ALA A N   1 
ATOM   308  C CA  . ALA A 1 40  ? 22.815  2.400   7.900   1.00 54.53  ? 40  ALA A CA  1 
ATOM   309  C C   . ALA A 1 40  ? 22.634  1.562   6.639   1.00 55.73  ? 40  ALA A C   1 
ATOM   310  O O   . ALA A 1 40  ? 23.606  1.246   5.946   1.00 54.86  ? 40  ALA A O   1 
ATOM   311  C CB  . ALA A 1 40  ? 22.899  1.512   9.137   1.00 53.00  ? 40  ALA A CB  1 
ATOM   312  N N   . LEU A 1 41  ? 21.382  1.210   6.352   1.00 54.01  ? 41  LEU A N   1 
ATOM   313  C CA  . LEU A 1 41  ? 21.040  0.470   5.136   1.00 52.49  ? 41  LEU A CA  1 
ATOM   314  C C   . LEU A 1 41  ? 21.526  1.206   3.894   1.00 53.47  ? 41  LEU A C   1 
ATOM   315  O O   . LEU A 1 41  ? 22.295  0.658   3.087   1.00 51.66  ? 41  LEU A O   1 
ATOM   316  C CB  . LEU A 1 41  ? 19.526  0.269   5.051   1.00 50.41  ? 41  LEU A CB  1 
ATOM   317  C CG  . LEU A 1 41  ? 19.000  -0.391  3.777   1.00 51.73  ? 41  LEU A CG  1 
ATOM   318  C CD1 . LEU A 1 41  ? 19.514  -1.817  3.666   1.00 54.33  ? 41  LEU A CD1 1 
ATOM   319  C CD2 . LEU A 1 41  ? 17.482  -0.365  3.755   1.00 51.06  ? 41  LEU A CD2 1 
ATOM   320  N N   . ILE A 1 42  ? 21.072  2.450   3.749   1.00 53.89  ? 42  ILE A N   1 
ATOM   321  C CA  . ILE A 1 42  ? 21.333  3.214   2.545   1.00 55.71  ? 42  ILE A CA  1 
ATOM   322  C C   . ILE A 1 42  ? 22.834  3.409   2.426   1.00 57.69  ? 42  ILE A C   1 
ATOM   323  O O   . ILE A 1 42  ? 23.404  3.238   1.349   1.00 63.59  ? 42  ILE A O   1 
ATOM   324  C CB  . ILE A 1 42  ? 20.651  4.597   2.564   1.00 57.28  ? 42  ILE A CB  1 
ATOM   325  C CG1 . ILE A 1 42  ? 19.120  4.486   2.657   1.00 55.31  ? 42  ILE A CG1 1 
ATOM   326  C CG2 . ILE A 1 42  ? 21.060  5.403   1.338   1.00 56.84  ? 42  ILE A CG2 1 
ATOM   327  C CD1 . ILE A 1 42  ? 18.498  3.492   1.715   1.00 57.85  ? 42  ILE A CD1 1 
ATOM   328  N N   . ASN A 1 43  ? 23.472  3.748   3.541   1.00 55.01  ? 43  ASN A N   1 
ATOM   329  C CA  . ASN A 1 43  ? 24.903  4.013   3.531   1.00 55.40  ? 43  ASN A CA  1 
ATOM   330  C C   . ASN A 1 43  ? 25.756  2.778   3.243   1.00 55.47  ? 43  ASN A C   1 
ATOM   331  O O   . ASN A 1 43  ? 26.868  2.924   2.742   1.00 56.54  ? 43  ASN A O   1 
ATOM   332  C CB  . ASN A 1 43  ? 25.338  4.704   4.831   1.00 55.53  ? 43  ASN A CB  1 
ATOM   333  C CG  . ASN A 1 43  ? 24.754  6.106   4.965   1.00 58.70  ? 43  ASN A CG  1 
ATOM   334  O OD1 . ASN A 1 43  ? 24.140  6.621   4.034   1.00 61.86  ? 43  ASN A OD1 1 
ATOM   335  N ND2 . ASN A 1 43  ? 24.935  6.725   6.130   1.00 58.62  ? 43  ASN A ND2 1 
ATOM   336  N N   . ASN A 1 44  ? 25.244  1.579   3.527   1.00 55.61  ? 44  ASN A N   1 
ATOM   337  C CA  . ASN A 1 44  ? 25.970  0.334   3.215   1.00 60.47  ? 44  ASN A CA  1 
ATOM   338  C C   . ASN A 1 44  ? 25.585  -0.359  1.916   1.00 63.02  ? 44  ASN A C   1 
ATOM   339  O O   . ASN A 1 44  ? 26.307  -1.263  1.482   1.00 66.18  ? 44  ASN A O   1 
ATOM   340  C CB  . ASN A 1 44  ? 25.839  -0.677  4.354   1.00 64.48  ? 44  ASN A CB  1 
ATOM   341  C CG  . ASN A 1 44  ? 26.618  -0.258  5.577   1.00 70.97  ? 44  ASN A CG  1 
ATOM   342  O OD1 . ASN A 1 44  ? 26.175  0.603   6.344   1.00 71.79  ? 44  ASN A OD1 1 
ATOM   343  N ND2 . ASN A 1 44  ? 27.799  -0.844  5.756   1.00 74.36  ? 44  ASN A ND2 1 
ATOM   344  N N   . LEU A 1 45  ? 24.473  0.041   1.294   1.00 59.18  ? 45  LEU A N   1 
ATOM   345  C CA  . LEU A 1 45  ? 24.051  -0.586  0.039   1.00 58.33  ? 45  LEU A CA  1 
ATOM   346  C C   . LEU A 1 45  ? 25.097  -0.516  -1.085  1.00 60.64  ? 45  LEU A C   1 
ATOM   347  O O   . LEU A 1 45  ? 25.234  -1.473  -1.844  1.00 66.17  ? 45  LEU A O   1 
ATOM   348  C CB  . LEU A 1 45  ? 22.720  -0.006  -0.457  1.00 58.37  ? 45  LEU A CB  1 
ATOM   349  C CG  . LEU A 1 45  ? 21.464  -0.731  0.030   1.00 56.37  ? 45  LEU A CG  1 
ATOM   350  C CD1 . LEU A 1 45  ? 20.213  0.069   -0.298  1.00 55.69  ? 45  LEU A CD1 1 
ATOM   351  C CD2 . LEU A 1 45  ? 21.388  -2.125  -0.566  1.00 55.52  ? 45  LEU A CD2 1 
ATOM   352  N N   . PRO A 1 46  ? 25.826  0.610   -1.205  1.00 59.41  ? 46  PRO A N   1 
ATOM   353  C CA  . PRO A 1 46  ? 26.906  0.695   -2.202  1.00 61.72  ? 46  PRO A CA  1 
ATOM   354  C C   . PRO A 1 46  ? 28.074  -0.284  -1.978  1.00 67.97  ? 46  PRO A C   1 
ATOM   355  O O   . PRO A 1 46  ? 28.738  -0.677  -2.943  1.00 69.25  ? 46  PRO A O   1 
ATOM   356  C CB  . PRO A 1 46  ? 27.398  2.136   -2.064  1.00 58.75  ? 46  PRO A CB  1 
ATOM   357  C CG  . PRO A 1 46  ? 26.236  2.879   -1.511  1.00 59.93  ? 46  PRO A CG  1 
ATOM   358  C CD  . PRO A 1 46  ? 25.545  1.919   -0.592  1.00 58.83  ? 46  PRO A CD  1 
ATOM   359  N N   . LYS A 1 47  ? 28.319  -0.651  -0.718  1.00 74.68  ? 47  LYS A N   1 
ATOM   360  C CA  . LYS A 1 47  ? 29.397  -1.575  -0.337  1.00 75.75  ? 47  LYS A CA  1 
ATOM   361  C C   . LYS A 1 47  ? 29.032  -3.055  -0.487  1.00 73.62  ? 47  LYS A C   1 
ATOM   362  O O   . LYS A 1 47  ? 29.918  -3.898  -0.414  1.00 74.39  ? 47  LYS A O   1 
ATOM   363  C CB  . LYS A 1 47  ? 29.773  -1.380  1.137   1.00 80.12  ? 47  LYS A CB  1 
ATOM   364  C CG  . LYS A 1 47  ? 30.252  0.003   1.560   1.00 86.98  ? 47  LYS A CG  1 
ATOM   365  C CD  . LYS A 1 47  ? 30.044  0.190   3.067   1.00 93.78  ? 47  LYS A CD  1 
ATOM   366  C CE  . LYS A 1 47  ? 31.238  0.828   3.764   1.00 95.03  ? 47  LYS A CE  1 
ATOM   367  N NZ  . LYS A 1 47  ? 31.564  2.169   3.211   1.00 96.21  ? 47  LYS A NZ  1 
ATOM   368  N N   . LEU A 1 48  ? 27.747  -3.381  -0.641  1.00 70.48  ? 48  LEU A N   1 
ATOM   369  C CA  . LEU A 1 48  ? 27.291  -4.781  -0.574  1.00 69.82  ? 48  LEU A CA  1 
ATOM   370  C C   . LEU A 1 48  ? 26.736  -5.275  -1.892  1.00 70.75  ? 48  LEU A C   1 
ATOM   371  O O   . LEU A 1 48  ? 25.875  -4.623  -2.466  1.00 76.02  ? 48  LEU A O   1 
ATOM   372  C CB  . LEU A 1 48  ? 26.191  -4.930  0.476   1.00 65.81  ? 48  LEU A CB  1 
ATOM   373  C CG  . LEU A 1 48  ? 26.595  -4.686  1.927   1.00 66.95  ? 48  LEU A CG  1 
ATOM   374  C CD1 . LEU A 1 48  ? 25.346  -4.523  2.786   1.00 64.21  ? 48  LEU A CD1 1 
ATOM   375  C CD2 . LEU A 1 48  ? 27.485  -5.814  2.440   1.00 66.47  ? 48  LEU A CD2 1 
ATOM   376  N N   . ASP A 1 49  ? 27.197  -6.430  -2.363  1.00 75.35  ? 49  ASP A N   1 
ATOM   377  C CA  . ASP A 1 49  ? 26.626  -7.002  -3.583  1.00 82.90  ? 49  ASP A CA  1 
ATOM   378  C C   . ASP A 1 49  ? 25.417  -7.846  -3.213  1.00 78.04  ? 49  ASP A C   1 
ATOM   379  O O   . ASP A 1 49  ? 25.538  -8.942  -2.675  1.00 81.20  ? 49  ASP A O   1 
ATOM   380  C CB  . ASP A 1 49  ? 27.652  -7.754  -4.461  1.00 89.87  ? 49  ASP A CB  1 
ATOM   381  C CG  . ASP A 1 49  ? 28.444  -8.809  -3.709  1.00 96.64  ? 49  ASP A CG  1 
ATOM   382  O OD1 . ASP A 1 49  ? 28.320  -8.911  -2.463  1.00 105.53 ? 49  ASP A OD1 1 
ATOM   383  O OD2 . ASP A 1 49  ? 29.205  -9.535  -4.385  1.00 98.16  ? 49  ASP A OD2 1 
ATOM   384  N N   . ALA A 1 50  ? 24.245  -7.285  -3.491  1.00 76.11  ? 50  ALA A N   1 
ATOM   385  C CA  . ALA A 1 50  ? 22.968  -7.866  -3.113  1.00 72.30  ? 50  ALA A CA  1 
ATOM   386  C C   . ALA A 1 50  ? 22.063  -7.848  -4.325  1.00 68.79  ? 50  ALA A C   1 
ATOM   387  O O   . ALA A 1 50  ? 22.084  -6.891  -5.086  1.00 75.37  ? 50  ALA A O   1 
ATOM   388  C CB  . ALA A 1 50  ? 22.350  -7.050  -1.989  1.00 68.18  ? 50  ALA A CB  1 
ATOM   389  N N   . HIS A 1 51  ? 21.281  -8.903  -4.510  1.00 65.86  ? 51  HIS A N   1 
ATOM   390  C CA  . HIS A 1 51  ? 20.274  -8.934  -5.560  1.00 65.01  ? 51  HIS A CA  1 
ATOM   391  C C   . HIS A 1 51  ? 18.940  -8.447  -5.048  1.00 66.41  ? 51  HIS A C   1 
ATOM   392  O O   . HIS A 1 51  ? 18.170  -7.869  -5.811  1.00 65.71  ? 51  HIS A O   1 
ATOM   393  C CB  . HIS A 1 51  ? 20.098  -10.347 -6.103  1.00 67.76  ? 51  HIS A CB  1 
ATOM   394  C CG  . HIS A 1 51  ? 21.371  -10.960 -6.580  1.00 71.85  ? 51  HIS A CG  1 
ATOM   395  N ND1 . HIS A 1 51  ? 21.975  -12.004 -5.921  1.00 71.85  ? 51  HIS A ND1 1 
ATOM   396  C CD2 . HIS A 1 51  ? 22.180  -10.648 -7.618  1.00 73.49  ? 51  HIS A CD2 1 
ATOM   397  C CE1 . HIS A 1 51  ? 23.095  -12.327 -6.544  1.00 71.54  ? 51  HIS A CE1 1 
ATOM   398  N NE2 . HIS A 1 51  ? 23.243  -11.518 -7.577  1.00 72.46  ? 51  HIS A NE2 1 
ATOM   399  N N   . VAL A 1 52  ? 18.655  -8.699  -3.767  1.00 66.11  ? 52  VAL A N   1 
ATOM   400  C CA  . VAL A 1 52  ? 17.341  -8.388  -3.204  1.00 64.94  ? 52  VAL A CA  1 
ATOM   401  C C   . VAL A 1 52  ? 17.423  -7.845  -1.789  1.00 60.91  ? 52  VAL A C   1 
ATOM   402  O O   . VAL A 1 52  ? 18.242  -8.276  -0.978  1.00 59.90  ? 52  VAL A O   1 
ATOM   403  C CB  . VAL A 1 52  ? 16.382  -9.605  -3.277  1.00 68.36  ? 52  VAL A CB  1 
ATOM   404  C CG1 . VAL A 1 52  ? 17.114  -10.887 -2.961  1.00 74.38  ? 52  VAL A CG1 1 
ATOM   405  C CG2 . VAL A 1 52  ? 15.182  -9.439  -2.355  1.00 67.72  ? 52  VAL A CG2 1 
ATOM   406  N N   . LEU A 1 53  ? 16.551  -6.877  -1.529  1.00 59.98  ? 53  LEU A N   1 
ATOM   407  C CA  . LEU A 1 53  ? 16.336  -6.299  -0.214  1.00 56.76  ? 53  LEU A CA  1 
ATOM   408  C C   . LEU A 1 53  ? 14.944  -6.676  0.261   1.00 55.90  ? 53  LEU A C   1 
ATOM   409  O O   . LEU A 1 53  ? 13.961  -6.482  -0.455  1.00 52.19  ? 53  LEU A O   1 
ATOM   410  C CB  . LEU A 1 53  ? 16.428  -4.779  -0.302  1.00 60.88  ? 53  LEU A CB  1 
ATOM   411  C CG  . LEU A 1 53  ? 15.984  -3.950  0.905   1.00 63.97  ? 53  LEU A CG  1 
ATOM   412  C CD1 . LEU A 1 53  ? 16.850  -4.258  2.117   1.00 65.82  ? 53  LEU A CD1 1 
ATOM   413  C CD2 . LEU A 1 53  ? 16.052  -2.468  0.570   1.00 66.05  ? 53  LEU A CD2 1 
ATOM   414  N N   . ILE A 1 54  ? 14.866  -7.222  1.468   1.00 58.90  ? 54  ILE A N   1 
ATOM   415  C CA  . ILE A 1 54  ? 13.589  -7.436  2.147   1.00 59.09  ? 54  ILE A CA  1 
ATOM   416  C C   . ILE A 1 54  ? 13.518  -6.406  3.255   1.00 59.12  ? 54  ILE A C   1 
ATOM   417  O O   . ILE A 1 54  ? 14.400  -6.374  4.123   1.00 55.88  ? 54  ILE A O   1 
ATOM   418  C CB  . ILE A 1 54  ? 13.506  -8.843  2.756   1.00 58.65  ? 54  ILE A CB  1 
ATOM   419  C CG1 . ILE A 1 54  ? 13.639  -9.901  1.652   1.00 61.45  ? 54  ILE A CG1 1 
ATOM   420  C CG2 . ILE A 1 54  ? 12.204  -9.008  3.516   1.00 59.14  ? 54  ILE A CG2 1 
ATOM   421  C CD1 . ILE A 1 54  ? 14.039  -11.275 2.150   1.00 62.19  ? 54  ILE A CD1 1 
ATOM   422  N N   . THR A 1 55  ? 12.500  -5.550  3.225   1.00 58.34  ? 55  THR A N   1 
ATOM   423  C CA  . THR A 1 55  ? 12.476  -4.390  4.126   1.00 57.86  ? 55  THR A CA  1 
ATOM   424  C C   . THR A 1 55  ? 11.098  -4.065  4.655   1.00 59.01  ? 55  THR A C   1 
ATOM   425  O O   . THR A 1 55  ? 10.081  -4.347  4.014   1.00 56.10  ? 55  THR A O   1 
ATOM   426  C CB  . THR A 1 55  ? 13.075  -3.117  3.465   1.00 60.09  ? 55  THR A CB  1 
ATOM   427  O OG1 . THR A 1 55  ? 13.257  -2.094  4.457   1.00 58.99  ? 55  THR A OG1 1 
ATOM   428  C CG2 . THR A 1 55  ? 12.183  -2.582  2.336   1.00 58.94  ? 55  THR A CG2 1 
ATOM   429  N N   . ASP A 1 56  ? 11.089  -3.467  5.843   1.00 64.82  ? 56  ASP A N   1 
ATOM   430  C CA  . ASP A 1 56  ? 9.862   -3.054  6.503   1.00 69.54  ? 56  ASP A CA  1 
ATOM   431  C C   . ASP A 1 56  ? 9.369   -1.790  5.832   1.00 70.10  ? 56  ASP A C   1 
ATOM   432  O O   . ASP A 1 56  ? 10.166  -0.959  5.388   1.00 74.04  ? 56  ASP A O   1 
ATOM   433  C CB  . ASP A 1 56  ? 10.128  -2.790  7.991   1.00 76.54  ? 56  ASP A CB  1 
ATOM   434  C CG  . ASP A 1 56  ? 8.848   -2.580  8.809   1.00 81.37  ? 56  ASP A CG  1 
ATOM   435  O OD1 . ASP A 1 56  ? 7.713   -2.829  8.312   1.00 72.76  ? 56  ASP A OD1 1 
ATOM   436  O OD2 . ASP A 1 56  ? 9.005   -2.147  9.978   1.00 85.93  ? 56  ASP A OD2 1 
ATOM   437  N N   . LEU A 1 57  ? 8.057   -1.643  5.754   1.00 70.43  ? 57  LEU A N   1 
ATOM   438  C CA  . LEU A 1 57  ? 7.474   -0.437  5.195   1.00 70.13  ? 57  LEU A CA  1 
ATOM   439  C C   . LEU A 1 57  ? 7.712   0.729   6.137   1.00 72.59  ? 57  LEU A C   1 
ATOM   440  O O   . LEU A 1 57  ? 8.126   1.794   5.726   1.00 74.79  ? 57  LEU A O   1 
ATOM   441  C CB  . LEU A 1 57  ? 5.980   -0.638  4.987   1.00 71.38  ? 57  LEU A CB  1 
ATOM   442  C CG  . LEU A 1 57  ? 5.203   0.528   4.393   1.00 71.74  ? 57  LEU A CG  1 
ATOM   443  C CD1 . LEU A 1 57  ? 5.929   1.128   3.198   1.00 74.60  ? 57  LEU A CD1 1 
ATOM   444  C CD2 . LEU A 1 57  ? 3.820   0.034   4.007   1.00 72.38  ? 57  LEU A CD2 1 
ATOM   445  N N   . SER A 1 58  ? 7.485   0.487   7.420   1.00 78.80  ? 58  SER A N   1 
ATOM   446  C CA  . SER A 1 58  ? 7.507   1.527   8.428   1.00 78.36  ? 58  SER A CA  1 
ATOM   447  C C   . SER A 1 58  ? 8.838   1.634   9.180   1.00 78.06  ? 58  SER A C   1 
ATOM   448  O O   . SER A 1 58  ? 8.848   1.730   10.403  1.00 80.08  ? 58  SER A O   1 
ATOM   449  C CB  . SER A 1 58  ? 6.396   1.225   9.430   1.00 78.68  ? 58  SER A CB  1 
ATOM   450  O OG  . SER A 1 58  ? 6.744   0.107   10.229  1.00 77.58  ? 58  SER A OG  1 
ATOM   451  N N   . MET A 1 59  ? 9.960   1.628   8.472   1.00 79.84  ? 59  MET A N   1 
ATOM   452  C CA  . MET A 1 59  ? 11.252  1.756   9.144   1.00 82.14  ? 59  MET A CA  1 
ATOM   453  C C   . MET A 1 59  ? 11.621  3.225   9.351   1.00 88.55  ? 59  MET A C   1 
ATOM   454  O O   . MET A 1 59  ? 11.420  4.055   8.448   1.00 86.00  ? 59  MET A O   1 
ATOM   455  C CB  . MET A 1 59  ? 12.344  1.059   8.344   1.00 83.73  ? 59  MET A CB  1 
ATOM   456  C CG  . MET A 1 59  ? 13.488  0.573   9.212   1.00 86.77  ? 59  MET A CG  1 
ATOM   457  S SD  . MET A 1 59  ? 14.569  -0.548  8.334   1.00 85.31  ? 59  MET A SD  1 
ATOM   458  C CE  . MET A 1 59  ? 15.063  0.563   7.020   1.00 83.42  ? 59  MET A CE  1 
ATOM   459  N N   . PRO A 1 60  ? 12.186  3.552   10.532  1.00 95.70  ? 60  PRO A N   1 
ATOM   460  C CA  . PRO A 1 60  ? 12.517  4.938   10.844  1.00 96.84  ? 60  PRO A CA  1 
ATOM   461  C C   . PRO A 1 60  ? 13.758  5.420   10.110  1.00 96.11  ? 60  PRO A C   1 
ATOM   462  O O   . PRO A 1 60  ? 14.838  4.821   10.244  1.00 85.28  ? 60  PRO A O   1 
ATOM   463  C CB  . PRO A 1 60  ? 12.798  4.894   12.347  1.00 102.20 ? 60  PRO A CB  1 
ATOM   464  C CG  . PRO A 1 60  ? 13.353  3.532   12.575  1.00 98.36  ? 60  PRO A CG  1 
ATOM   465  C CD  . PRO A 1 60  ? 12.595  2.643   11.625  1.00 97.68  ? 60  PRO A CD  1 
ATOM   466  N N   . GLY A 1 61  ? 13.587  6.490   9.337   1.00 94.91  ? 61  GLY A N   1 
ATOM   467  C CA  . GLY A 1 61  ? 14.697  7.169   8.689   1.00 91.38  ? 61  GLY A CA  1 
ATOM   468  C C   . GLY A 1 61  ? 14.835  8.607   9.137   1.00 83.05  ? 61  GLY A C   1 
ATOM   469  O O   . GLY A 1 61  ? 13.932  9.417   8.919   1.00 83.64  ? 61  GLY A O   1 
ATOM   470  N N   . ASP A 1 62  ? 15.969  8.927   9.752   1.00 75.79  ? 62  ASP A N   1 
ATOM   471  C CA  . ASP A 1 62  ? 16.278  10.316  10.118  1.00 80.00  ? 62  ASP A CA  1 
ATOM   472  C C   . ASP A 1 62  ? 16.854  11.149  8.959   1.00 73.52  ? 62  ASP A C   1 
ATOM   473  O O   . ASP A 1 62  ? 16.963  12.363  9.080   1.00 73.06  ? 62  ASP A O   1 
ATOM   474  C CB  . ASP A 1 62  ? 17.231  10.372  11.327  1.00 85.97  ? 62  ASP A CB  1 
ATOM   475  C CG  . ASP A 1 62  ? 18.636  9.837   11.015  1.00 93.26  ? 62  ASP A CG  1 
ATOM   476  O OD1 . ASP A 1 62  ? 18.767  8.639   10.671  1.00 92.56  ? 62  ASP A OD1 1 
ATOM   477  O OD2 . ASP A 1 62  ? 19.611  10.618  11.134  1.00 101.40 ? 62  ASP A OD2 1 
ATOM   478  N N   . LYS A 1 63  ? 17.219  10.500  7.852   1.00 68.38  ? 63  LYS A N   1 
ATOM   479  C CA  . LYS A 1 63  ? 17.859  11.171  6.714   1.00 65.10  ? 63  LYS A CA  1 
ATOM   480  C C   . LYS A 1 63  ? 17.128  11.001  5.391   1.00 62.00  ? 63  LYS A C   1 
ATOM   481  O O   . LYS A 1 63  ? 16.873  11.980  4.701   1.00 63.71  ? 63  LYS A O   1 
ATOM   482  C CB  . LYS A 1 63  ? 19.278  10.631  6.524   1.00 68.79  ? 63  LYS A CB  1 
ATOM   483  C CG  . LYS A 1 63  ? 20.371  11.519  7.076   1.00 68.74  ? 63  LYS A CG  1 
ATOM   484  C CD  . LYS A 1 63  ? 21.723  10.848  6.941   1.00 73.45  ? 63  LYS A CD  1 
ATOM   485  C CE  . LYS A 1 63  ? 22.710  11.406  7.943   1.00 77.10  ? 63  LYS A CE  1 
ATOM   486  N NZ  . LYS A 1 63  ? 22.361  11.053  9.353   1.00 84.60  ? 63  LYS A NZ  1 
ATOM   487  N N   . TYR A 1 64  ? 16.820  9.755   5.035   1.00 60.57  ? 64  TYR A N   1 
ATOM   488  C CA  . TYR A 1 64  ? 16.411  9.402   3.675   1.00 58.97  ? 64  TYR A CA  1 
ATOM   489  C C   . TYR A 1 64  ? 14.899  9.180   3.476   1.00 60.00  ? 64  TYR A C   1 
ATOM   490  O O   . TYR A 1 64  ? 14.469  8.640   2.450   1.00 57.25  ? 64  TYR A O   1 
ATOM   491  C CB  . TYR A 1 64  ? 17.188  8.161   3.232   1.00 56.78  ? 64  TYR A CB  1 
ATOM   492  C CG  . TYR A 1 64  ? 18.688  8.332   3.309   1.00 55.64  ? 64  TYR A CG  1 
ATOM   493  C CD1 . TYR A 1 64  ? 19.345  9.249   2.494   1.00 55.27  ? 64  TYR A CD1 1 
ATOM   494  C CD2 . TYR A 1 64  ? 19.457  7.567   4.181   1.00 56.96  ? 64  TYR A CD2 1 
ATOM   495  C CE1 . TYR A 1 64  ? 20.720  9.414   2.558   1.00 52.02  ? 64  TYR A CE1 1 
ATOM   496  C CE2 . TYR A 1 64  ? 20.837  7.723   4.247   1.00 58.05  ? 64  TYR A CE2 1 
ATOM   497  C CZ  . TYR A 1 64  ? 21.460  8.649   3.431   1.00 53.75  ? 64  TYR A CZ  1 
ATOM   498  O OH  . TYR A 1 64  ? 22.822  8.801   3.491   1.00 52.81  ? 64  TYR A OH  1 
ATOM   499  N N   . GLY A 1 65  ? 14.095  9.609   4.446   1.00 61.95  ? 65  GLY A N   1 
ATOM   500  C CA  . GLY A 1 65  ? 12.641  9.534   4.333   1.00 59.12  ? 65  GLY A CA  1 
ATOM   501  C C   . GLY A 1 65  ? 12.055  8.423   5.163   1.00 59.02  ? 65  GLY A C   1 
ATOM   502  O O   . GLY A 1 65  ? 12.776  7.643   5.777   1.00 68.54  ? 65  GLY A O   1 
ATOM   503  N N   . ASP A 1 66  ? 10.732  8.359   5.175   1.00 63.12  ? 66  ASP A N   1 
ATOM   504  C CA  . ASP A 1 66  ? 9.997   7.350   5.928   1.00 64.03  ? 66  ASP A CA  1 
ATOM   505  C C   . ASP A 1 66  ? 9.022   6.607   5.027   1.00 64.82  ? 66  ASP A C   1 
ATOM   506  O O   . ASP A 1 66  ? 8.523   7.156   4.031   1.00 65.05  ? 66  ASP A O   1 
ATOM   507  C CB  . ASP A 1 66  ? 9.197   8.010   7.045   1.00 64.84  ? 66  ASP A CB  1 
ATOM   508  C CG  . ASP A 1 66  ? 10.065  8.746   8.031   1.00 68.06  ? 66  ASP A CG  1 
ATOM   509  O OD1 . ASP A 1 66  ? 10.788  8.082   8.816   1.00 76.72  ? 66  ASP A OD1 1 
ATOM   510  O OD2 . ASP A 1 66  ? 10.004  9.990   8.028   1.00 60.23  ? 66  ASP A OD2 1 
ATOM   511  N N   . GLY A 1 67  ? 8.745   5.357   5.382   1.00 61.12  ? 67  GLY A N   1 
ATOM   512  C CA  . GLY A 1 67  ? 7.650   4.629   4.774   1.00 58.96  ? 67  GLY A CA  1 
ATOM   513  C C   . GLY A 1 67  ? 7.779   4.533   3.279   1.00 57.51  ? 67  GLY A C   1 
ATOM   514  O O   . GLY A 1 67  ? 8.839   4.222   2.771   1.00 60.74  ? 67  GLY A O   1 
ATOM   515  N N   . ILE A 1 68  ? 6.695   4.837   2.580   1.00 62.37  ? 68  ILE A N   1 
ATOM   516  C CA  . ILE A 1 68  ? 6.615   4.697   1.128   1.00 63.53  ? 68  ILE A CA  1 
ATOM   517  C C   . ILE A 1 68  ? 7.656   5.552   0.422   1.00 66.02  ? 68  ILE A C   1 
ATOM   518  O O   . ILE A 1 68  ? 8.231   5.140   -0.584  1.00 64.91  ? 68  ILE A O   1 
ATOM   519  C CB  . ILE A 1 68  ? 5.201   5.060   0.644   1.00 66.85  ? 68  ILE A CB  1 
ATOM   520  C CG1 . ILE A 1 68  ? 4.231   3.947   1.047   1.00 70.23  ? 68  ILE A CG1 1 
ATOM   521  C CG2 . ILE A 1 68  ? 5.160   5.266   -0.862  1.00 67.88  ? 68  ILE A CG2 1 
ATOM   522  C CD1 . ILE A 1 68  ? 2.778   4.285   0.801   1.00 73.68  ? 68  ILE A CD1 1 
ATOM   523  N N   . THR A 1 69  ? 7.900   6.741   0.961   1.00 68.08  ? 69  THR A N   1 
ATOM   524  C CA  . THR A 1 69  ? 8.898   7.640   0.408   1.00 67.10  ? 69  THR A CA  1 
ATOM   525  C C   . THR A 1 69  ? 10.291  7.042   0.502   1.00 62.81  ? 69  THR A C   1 
ATOM   526  O O   . THR A 1 69  ? 11.115  7.264   -0.379  1.00 67.08  ? 69  THR A O   1 
ATOM   527  C CB  . THR A 1 69  ? 8.845   9.012   1.111   1.00 72.61  ? 69  THR A CB  1 
ATOM   528  O OG1 . THR A 1 69  ? 7.633   9.672   0.731   1.00 72.75  ? 69  THR A OG1 1 
ATOM   529  C CG2 . THR A 1 69  ? 10.047  9.901   0.740   1.00 73.44  ? 69  THR A CG2 1 
ATOM   530  N N   . LEU A 1 70  ? 10.562  6.295   1.567   1.00 57.98  ? 70  LEU A N   1 
ATOM   531  C CA  . LEU A 1 70  ? 11.853  5.629   1.697   1.00 58.22  ? 70  LEU A CA  1 
ATOM   532  C C   . LEU A 1 70  ? 12.010  4.534   0.645   1.00 59.78  ? 70  LEU A C   1 
ATOM   533  O O   . LEU A 1 70  ? 13.109  4.303   0.150   1.00 60.72  ? 70  LEU A O   1 
ATOM   534  C CB  . LEU A 1 70  ? 12.029  5.036   3.094   1.00 59.51  ? 70  LEU A CB  1 
ATOM   535  C CG  . LEU A 1 70  ? 13.314  4.226   3.321   1.00 60.24  ? 70  LEU A CG  1 
ATOM   536  C CD1 . LEU A 1 70  ? 14.549  5.091   3.154   1.00 60.94  ? 70  LEU A CD1 1 
ATOM   537  C CD2 . LEU A 1 70  ? 13.296  3.590   4.695   1.00 61.95  ? 70  LEU A CD2 1 
ATOM   538  N N   . ILE A 1 71  ? 10.907  3.871   0.302   1.00 56.87  ? 71  ILE A N   1 
ATOM   539  C CA  . ILE A 1 71  ? 10.928  2.826   -0.719  1.00 56.34  ? 71  ILE A CA  1 
ATOM   540  C C   . ILE A 1 71  ? 11.160  3.430   -2.102  1.00 57.46  ? 71  ILE A C   1 
ATOM   541  O O   . ILE A 1 71  ? 11.757  2.791   -2.963  1.00 63.12  ? 71  ILE A O   1 
ATOM   542  C CB  . ILE A 1 71  ? 9.617   1.999   -0.742  1.00 54.94  ? 71  ILE A CB  1 
ATOM   543  C CG1 . ILE A 1 71  ? 9.303   1.391   0.638   1.00 54.77  ? 71  ILE A CG1 1 
ATOM   544  C CG2 . ILE A 1 71  ? 9.692   0.905   -1.797  1.00 54.39  ? 71  ILE A CG2 1 
ATOM   545  C CD1 . ILE A 1 71  ? 10.367  0.461   1.186   1.00 54.68  ? 71  ILE A CD1 1 
ATOM   546  N N   . LYS A 1 72  ? 10.669  4.646   -2.317  1.00 60.83  ? 72  LYS A N   1 
ATOM   547  C CA  . LYS A 1 72  ? 10.938  5.378   -3.555  1.00 64.22  ? 72  LYS A CA  1 
ATOM   548  C C   . LYS A 1 72  ? 12.394  5.782   -3.608  1.00 60.54  ? 72  LYS A C   1 
ATOM   549  O O   . LYS A 1 72  ? 13.032  5.677   -4.651  1.00 57.83  ? 72  LYS A O   1 
ATOM   550  C CB  . LYS A 1 72  ? 10.080  6.638   -3.653  1.00 69.25  ? 72  LYS A CB  1 
ATOM   551  C CG  . LYS A 1 72  ? 8.635   6.363   -4.005  1.00 77.34  ? 72  LYS A CG  1 
ATOM   552  C CD  . LYS A 1 72  ? 7.859   7.663   -4.148  1.00 85.76  ? 72  LYS A CD  1 
ATOM   553  C CE  . LYS A 1 72  ? 6.355   7.428   -4.112  1.00 90.68  ? 72  LYS A CE  1 
ATOM   554  N NZ  . LYS A 1 72  ? 5.637   8.596   -3.531  1.00 93.34  ? 72  LYS A NZ  1 
ATOM   555  N N   . TYR A 1 73  ? 12.914  6.261   -2.484  1.00 54.93  ? 73  TYR A N   1 
ATOM   556  C CA  . TYR A 1 73  ? 14.308  6.625   -2.421  1.00 55.43  ? 73  TYR A CA  1 
ATOM   557  C C   . TYR A 1 73  ? 15.169  5.452   -2.878  1.00 56.84  ? 73  TYR A C   1 
ATOM   558  O O   . TYR A 1 73  ? 16.011  5.606   -3.747  1.00 58.14  ? 73  TYR A O   1 
ATOM   559  C CB  . TYR A 1 73  ? 14.707  7.022   -1.014  1.00 56.82  ? 73  TYR A CB  1 
ATOM   560  C CG  . TYR A 1 73  ? 16.101  7.581   -0.945  1.00 56.65  ? 73  TYR A CG  1 
ATOM   561  C CD1 . TYR A 1 73  ? 17.204  6.746   -0.835  1.00 59.19  ? 73  TYR A CD1 1 
ATOM   562  C CD2 . TYR A 1 73  ? 16.318  8.949   -1.013  1.00 59.09  ? 73  TYR A CD2 1 
ATOM   563  C CE1 . TYR A 1 73  ? 18.490  7.260   -0.792  1.00 61.71  ? 73  TYR A CE1 1 
ATOM   564  C CE2 . TYR A 1 73  ? 17.595  9.473   -0.961  1.00 61.04  ? 73  TYR A CE2 1 
ATOM   565  C CZ  . TYR A 1 73  ? 18.677  8.628   -0.846  1.00 62.22  ? 73  TYR A CZ  1 
ATOM   566  O OH  . TYR A 1 73  ? 19.949  9.154   -0.793  1.00 70.19  ? 73  TYR A OH  1 
ATOM   567  N N   . ILE A 1 74  ? 14.934  4.277   -2.308  1.00 55.23  ? 74  ILE A N   1 
ATOM   568  C CA  . ILE A 1 74  ? 15.773  3.118   -2.588  1.00 56.91  ? 74  ILE A CA  1 
ATOM   569  C C   . ILE A 1 74  ? 15.681  2.656   -4.028  1.00 60.24  ? 74  ILE A C   1 
ATOM   570  O O   . ILE A 1 74  ? 16.702  2.324   -4.625  1.00 57.53  ? 74  ILE A O   1 
ATOM   571  C CB  . ILE A 1 74  ? 15.401  1.922   -1.708  1.00 56.03  ? 74  ILE A CB  1 
ATOM   572  C CG1 . ILE A 1 74  ? 15.724  2.208   -0.241  1.00 56.20  ? 74  ILE A CG1 1 
ATOM   573  C CG2 . ILE A 1 74  ? 16.160  0.686   -2.165  1.00 58.02  ? 74  ILE A CG2 1 
ATOM   574  C CD1 . ILE A 1 74  ? 14.870  1.399   0.710   1.00 59.17  ? 74  ILE A CD1 1 
ATOM   575  N N   . LYS A 1 75  ? 14.460  2.592   -4.561  1.00 64.03  ? 75  LYS A N   1 
ATOM   576  C CA  . LYS A 1 75  ? 14.240  2.264   -5.979  1.00 68.81  ? 75  LYS A CA  1 
ATOM   577  C C   . LYS A 1 75  ? 15.062  3.174   -6.883  1.00 65.04  ? 75  LYS A C   1 
ATOM   578  O O   . LYS A 1 75  ? 15.823  2.712   -7.724  1.00 70.56  ? 75  LYS A O   1 
ATOM   579  C CB  . LYS A 1 75  ? 12.762  2.425   -6.344  1.00 75.76  ? 75  LYS A CB  1 
ATOM   580  C CG  . LYS A 1 75  ? 11.924  1.174   -6.167  1.00 82.37  ? 75  LYS A CG  1 
ATOM   581  C CD  . LYS A 1 75  ? 11.949  0.302   -7.415  1.00 88.17  ? 75  LYS A CD  1 
ATOM   582  C CE  . LYS A 1 75  ? 11.057  0.854   -8.516  1.00 91.49  ? 75  LYS A CE  1 
ATOM   583  N NZ  . LYS A 1 75  ? 10.762  -0.158  -9.573  1.00 93.21  ? 75  LYS A NZ  1 
ATOM   584  N N   . ARG A 1 76  ? 14.891  4.474   -6.686  1.00 62.86  ? 76  ARG A N   1 
ATOM   585  C CA  . ARG A 1 76  ? 15.539  5.504   -7.483  1.00 64.06  ? 76  ARG A CA  1 
ATOM   586  C C   . ARG A 1 76  ? 17.064  5.426   -7.425  1.00 60.62  ? 76  ARG A C   1 
ATOM   587  O O   . ARG A 1 76  ? 17.740  5.641   -8.425  1.00 60.50  ? 76  ARG A O   1 
ATOM   588  C CB  . ARG A 1 76  ? 15.068  6.869   -6.984  1.00 72.71  ? 76  ARG A CB  1 
ATOM   589  C CG  . ARG A 1 76  ? 15.640  8.082   -7.707  1.00 86.41  ? 76  ARG A CG  1 
ATOM   590  C CD  . ARG A 1 76  ? 15.739  9.295   -6.786  1.00 97.95  ? 76  ARG A CD  1 
ATOM   591  N NE  . ARG A 1 76  ? 15.055  10.468  -7.325  1.00 114.41 ? 76  ARG A NE  1 
ATOM   592  C CZ  . ARG A 1 76  ? 13.733  10.650  -7.327  1.00 122.17 ? 76  ARG A CZ  1 
ATOM   593  N NH1 . ARG A 1 76  ? 12.914  9.729   -6.820  1.00 124.06 ? 76  ARG A NH1 1 
ATOM   594  N NH2 . ARG A 1 76  ? 13.222  11.766  -7.847  1.00 121.79 ? 76  ARG A NH2 1 
ATOM   595  N N   . HIS A 1 77  ? 17.605  5.110   -6.257  1.00 60.74  ? 77  HIS A N   1 
ATOM   596  C CA  . HIS A 1 77  ? 19.054  5.172   -6.036  1.00 60.91  ? 77  HIS A CA  1 
ATOM   597  C C   . HIS A 1 77  ? 19.783  3.838   -6.243  1.00 59.07  ? 77  HIS A C   1 
ATOM   598  O O   . HIS A 1 77  ? 20.993  3.820   -6.463  1.00 61.20  ? 77  HIS A O   1 
ATOM   599  C CB  . HIS A 1 77  ? 19.335  5.753   -4.647  1.00 60.96  ? 77  HIS A CB  1 
ATOM   600  C CG  . HIS A 1 77  ? 18.972  7.201   -4.533  1.00 64.50  ? 77  HIS A CG  1 
ATOM   601  N ND1 . HIS A 1 77  ? 19.908  8.190   -4.328  1.00 66.56  ? 77  HIS A ND1 1 
ATOM   602  C CD2 . HIS A 1 77  ? 17.778  7.832   -4.645  1.00 65.80  ? 77  HIS A CD2 1 
ATOM   603  C CE1 . HIS A 1 77  ? 19.306  9.367   -4.304  1.00 68.28  ? 77  HIS A CE1 1 
ATOM   604  N NE2 . HIS A 1 77  ? 18.013  9.176   -4.490  1.00 68.82  ? 77  HIS A NE2 1 
ATOM   605  N N   . PHE A 1 78  ? 19.049  2.733   -6.181  1.00 56.69  ? 78  PHE A N   1 
ATOM   606  C CA  . PHE A 1 78  ? 19.611  1.413   -6.427  1.00 57.08  ? 78  PHE A CA  1 
ATOM   607  C C   . PHE A 1 78  ? 18.672  0.664   -7.361  1.00 58.23  ? 78  PHE A C   1 
ATOM   608  O O   . PHE A 1 78  ? 18.085  -0.340  -6.971  1.00 65.03  ? 78  PHE A O   1 
ATOM   609  C CB  . PHE A 1 78  ? 19.822  0.668   -5.098  1.00 54.85  ? 78  PHE A CB  1 
ATOM   610  C CG  . PHE A 1 78  ? 20.690  1.422   -4.134  1.00 54.55  ? 78  PHE A CG  1 
ATOM   611  C CD1 . PHE A 1 78  ? 22.070  1.386   -4.253  1.00 55.04  ? 78  PHE A CD1 1 
ATOM   612  C CD2 . PHE A 1 78  ? 20.126  2.223   -3.149  1.00 54.09  ? 78  PHE A CD2 1 
ATOM   613  C CE1 . PHE A 1 78  ? 22.876  2.108   -3.385  1.00 54.67  ? 78  PHE A CE1 1 
ATOM   614  C CE2 . PHE A 1 78  ? 20.922  2.951   -2.284  1.00 53.72  ? 78  PHE A CE2 1 
ATOM   615  C CZ  . PHE A 1 78  ? 22.302  2.891   -2.400  1.00 54.39  ? 78  PHE A CZ  1 
ATOM   616  N N   . PRO A 1 79  ? 18.527  1.162   -8.603  1.00 58.50  ? 79  PRO A N   1 
ATOM   617  C CA  . PRO A 1 79  ? 17.508  0.672   -9.544  1.00 57.50  ? 79  PRO A CA  1 
ATOM   618  C C   . PRO A 1 79  ? 17.639  -0.794  -9.963  1.00 59.71  ? 79  PRO A C   1 
ATOM   619  O O   . PRO A 1 79  ? 16.630  -1.401  -10.304 1.00 61.32  ? 79  PRO A O   1 
ATOM   620  C CB  . PRO A 1 79  ? 17.659  1.604   -10.753 1.00 57.52  ? 79  PRO A CB  1 
ATOM   621  C CG  . PRO A 1 79  ? 19.012  2.216   -10.617 1.00 59.24  ? 79  PRO A CG  1 
ATOM   622  C CD  . PRO A 1 79  ? 19.269  2.310   -9.151  1.00 58.40  ? 79  PRO A CD  1 
ATOM   623  N N   . SER A 1 80  ? 18.848  -1.361  -9.942  1.00 61.10  ? 80  SER A N   1 
ATOM   624  C CA  . SER A 1 80  ? 19.024  -2.800  -10.233 1.00 61.76  ? 80  SER A CA  1 
ATOM   625  C C   . SER A 1 80  ? 18.556  -3.709  -9.096  1.00 61.26  ? 80  SER A C   1 
ATOM   626  O O   . SER A 1 80  ? 18.433  -4.915  -9.289  1.00 67.37  ? 80  SER A O   1 
ATOM   627  C CB  . SER A 1 80  ? 20.492  -3.145  -10.530 1.00 62.59  ? 80  SER A CB  1 
ATOM   628  O OG  . SER A 1 80  ? 21.015  -2.421  -11.637 1.00 65.50  ? 80  SER A OG  1 
ATOM   629  N N   . LEU A 1 81  ? 18.312  -3.144  -7.914  1.00 62.95  ? 81  LEU A N   1 
ATOM   630  C CA  . LEU A 1 81  ? 18.007  -3.924  -6.707  1.00 61.09  ? 81  LEU A CA  1 
ATOM   631  C C   . LEU A 1 81  ? 16.535  -4.281  -6.600  1.00 59.73  ? 81  LEU A C   1 
ATOM   632  O O   . LEU A 1 81  ? 15.692  -3.393  -6.554  1.00 63.89  ? 81  LEU A O   1 
ATOM   633  C CB  . LEU A 1 81  ? 18.399  -3.120  -5.467  1.00 59.92  ? 81  LEU A CB  1 
ATOM   634  C CG  . LEU A 1 81  ? 18.220  -3.776  -4.098  1.00 61.28  ? 81  LEU A CG  1 
ATOM   635  C CD1 . LEU A 1 81  ? 19.384  -4.697  -3.791  1.00 63.68  ? 81  LEU A CD1 1 
ATOM   636  C CD2 . LEU A 1 81  ? 18.097  -2.710  -3.021  1.00 62.52  ? 81  LEU A CD2 1 
ATOM   637  N N   . SER A 1 82  ? 16.242  -5.576  -6.515  1.00 60.54  ? 82  SER A N   1 
ATOM   638  C CA  . SER A 1 82  ? 14.878  -6.071  -6.275  1.00 60.71  ? 82  SER A CA  1 
ATOM   639  C C   . SER A 1 82  ? 14.453  -5.851  -4.835  1.00 59.68  ? 82  SER A C   1 
ATOM   640  O O   . SER A 1 82  ? 15.234  -6.094  -3.923  1.00 60.35  ? 82  SER A O   1 
ATOM   641  C CB  . SER A 1 82  ? 14.794  -7.571  -6.555  1.00 59.53  ? 82  SER A CB  1 
ATOM   642  O OG  . SER A 1 82  ? 14.854  -7.824  -7.936  1.00 59.37  ? 82  SER A OG  1 
ATOM   643  N N   . ILE A 1 83  ? 13.204  -5.438  -4.632  1.00 58.64  ? 83  ILE A N   1 
ATOM   644  C CA  . ILE A 1 83  ? 12.699  -5.118  -3.296  1.00 59.61  ? 83  ILE A CA  1 
ATOM   645  C C   . ILE A 1 83  ? 11.442  -5.919  -2.974  1.00 59.69  ? 83  ILE A C   1 
ATOM   646  O O   . ILE A 1 83  ? 10.467  -5.874  -3.720  1.00 59.53  ? 83  ILE A O   1 
ATOM   647  C CB  . ILE A 1 83  ? 12.355  -3.614  -3.165  1.00 58.43  ? 83  ILE A CB  1 
ATOM   648  C CG1 . ILE A 1 83  ? 13.608  -2.753  -3.361  1.00 60.96  ? 83  ILE A CG1 1 
ATOM   649  C CG2 . ILE A 1 83  ? 11.724  -3.317  -1.812  1.00 56.72  ? 83  ILE A CG2 1 
ATOM   650  C CD1 . ILE A 1 83  ? 13.319  -1.278  -3.536  1.00 61.41  ? 83  ILE A CD1 1 
ATOM   651  N N   . ILE A 1 84  ? 11.471  -6.641  -1.856  1.00 60.63  ? 84  ILE A N   1 
ATOM   652  C CA  . ILE A 1 84  ? 10.258  -7.193  -1.256  1.00 61.72  ? 84  ILE A CA  1 
ATOM   653  C C   . ILE A 1 84  ? 9.935   -6.379  -0.015  1.00 61.65  ? 84  ILE A C   1 
ATOM   654  O O   . ILE A 1 84  ? 10.803  -6.161  0.829   1.00 64.02  ? 84  ILE A O   1 
ATOM   655  C CB  . ILE A 1 84  ? 10.425  -8.657  -0.841  1.00 62.81  ? 84  ILE A CB  1 
ATOM   656  C CG1 . ILE A 1 84  ? 10.708  -9.515  -2.073  1.00 66.32  ? 84  ILE A CG1 1 
ATOM   657  C CG2 . ILE A 1 84  ? 9.180   -9.135  -0.116  1.00 61.81  ? 84  ILE A CG2 1 
ATOM   658  C CD1 . ILE A 1 84  ? 11.041  -10.957 -1.751  1.00 67.95  ? 84  ILE A CD1 1 
ATOM   659  N N   . VAL A 1 85  ? 8.689   -5.929  0.076   1.00 63.93  ? 85  VAL A N   1 
ATOM   660  C CA  . VAL A 1 85  ? 8.238   -5.086  1.180   1.00 64.80  ? 85  VAL A CA  1 
ATOM   661  C C   . VAL A 1 85  ? 7.492   -5.922  2.194   1.00 65.74  ? 85  VAL A C   1 
ATOM   662  O O   . VAL A 1 85  ? 6.494   -6.564  1.873   1.00 67.92  ? 85  VAL A O   1 
ATOM   663  C CB  . VAL A 1 85  ? 7.344   -3.930  0.686   1.00 64.07  ? 85  VAL A CB  1 
ATOM   664  C CG1 . VAL A 1 85  ? 6.472   -3.370  1.808   1.00 63.46  ? 85  VAL A CG1 1 
ATOM   665  C CG2 . VAL A 1 85  ? 8.213   -2.826  0.098   1.00 64.57  ? 85  VAL A CG2 1 
ATOM   666  N N   . LEU A 1 86  ? 7.980   -5.893  3.425   1.00 68.71  ? 86  LEU A N   1 
ATOM   667  C CA  . LEU A 1 86  ? 7.402   -6.663  4.514   1.00 72.08  ? 86  LEU A CA  1 
ATOM   668  C C   . LEU A 1 86  ? 6.649   -5.696  5.418   1.00 70.38  ? 86  LEU A C   1 
ATOM   669  O O   . LEU A 1 86  ? 7.228   -4.723  5.888   1.00 76.20  ? 86  LEU A O   1 
ATOM   670  C CB  . LEU A 1 86  ? 8.534   -7.358  5.269   1.00 75.66  ? 86  LEU A CB  1 
ATOM   671  C CG  . LEU A 1 86  ? 8.250   -8.517  6.225   1.00 82.00  ? 86  LEU A CG  1 
ATOM   672  C CD1 . LEU A 1 86  ? 7.222   -9.503  5.692   1.00 81.35  ? 86  LEU A CD1 1 
ATOM   673  C CD2 . LEU A 1 86  ? 9.562   -9.235  6.521   1.00 83.14  ? 86  LEU A CD2 1 
ATOM   674  N N   . THR A 1 87  ? 5.360   -5.923  5.644   1.00 67.10  ? 87  THR A N   1 
ATOM   675  C CA  . THR A 1 87  ? 4.614   -5.013  6.503   1.00 66.88  ? 87  THR A CA  1 
ATOM   676  C C   . THR A 1 87  ? 3.488   -5.674  7.258   1.00 67.27  ? 87  THR A C   1 
ATOM   677  O O   . THR A 1 87  ? 3.034   -6.763  6.921   1.00 69.32  ? 87  THR A O   1 
ATOM   678  C CB  . THR A 1 87  ? 4.044   -3.811  5.718   1.00 70.66  ? 87  THR A CB  1 
ATOM   679  O OG1 . THR A 1 87  ? 3.474   -2.864  6.631   1.00 71.35  ? 87  THR A OG1 1 
ATOM   680  C CG2 . THR A 1 87  ? 2.982   -4.250  4.718   1.00 69.71  ? 87  THR A CG2 1 
ATOM   681  N N   . MET A 1 88  ? 3.057   -4.984  8.301   1.00 70.40  ? 88  MET A N   1 
ATOM   682  C CA  . MET A 1 88  ? 1.933   -5.399  9.108   1.00 73.75  ? 88  MET A CA  1 
ATOM   683  C C   . MET A 1 88  ? 0.709   -4.518  8.838   1.00 74.93  ? 88  MET A C   1 
ATOM   684  O O   . MET A 1 88  ? -0.361  -4.743  9.403   1.00 69.65  ? 88  MET A O   1 
ATOM   685  C CB  . MET A 1 88  ? 2.330   -5.303  10.571  1.00 76.82  ? 88  MET A CB  1 
ATOM   686  C CG  . MET A 1 88  ? 1.618   -6.301  11.455  1.00 86.44  ? 88  MET A CG  1 
ATOM   687  S SD  . MET A 1 88  ? 2.508   -6.569  12.991  1.00 98.53  ? 88  MET A SD  1 
ATOM   688  C CE  . MET A 1 88  ? 2.873   -4.884  13.496  1.00 100.30 ? 88  MET A CE  1 
ATOM   689  N N   . ASN A 1 89  ? 0.867   -3.515  7.977   1.00 76.08  ? 89  ASN A N   1 
ATOM   690  C CA  . ASN A 1 89  ? -0.213  -2.600  7.663   1.00 78.83  ? 89  ASN A CA  1 
ATOM   691  C C   . ASN A 1 89  ? -1.102  -3.213  6.599   1.00 80.56  ? 89  ASN A C   1 
ATOM   692  O O   . ASN A 1 89  ? -0.703  -3.336  5.439   1.00 80.35  ? 89  ASN A O   1 
ATOM   693  C CB  . ASN A 1 89  ? 0.341   -1.259  7.176   1.00 79.77  ? 89  ASN A CB  1 
ATOM   694  C CG  . ASN A 1 89  ? -0.704  -0.161  7.184   1.00 79.73  ? 89  ASN A CG  1 
ATOM   695  O OD1 . ASN A 1 89  ? -1.899  -0.425  7.100   1.00 85.61  ? 89  ASN A OD1 1 
ATOM   696  N ND2 . ASN A 1 89  ? -0.253  1.077   7.294   1.00 78.68  ? 89  ASN A ND2 1 
ATOM   697  N N   . ASN A 1 90  ? -2.308  -3.598  7.001   1.00 82.13  ? 90  ASN A N   1 
ATOM   698  C CA  . ASN A 1 90  ? -3.257  -4.221  6.080   1.00 88.57  ? 90  ASN A CA  1 
ATOM   699  C C   . ASN A 1 90  ? -4.358  -3.258  5.611   1.00 86.08  ? 90  ASN A C   1 
ATOM   700  O O   . ASN A 1 90  ? -5.421  -3.688  5.169   1.00 92.37  ? 90  ASN A O   1 
ATOM   701  C CB  . ASN A 1 90  ? -3.841  -5.508  6.683   1.00 90.42  ? 90  ASN A CB  1 
ATOM   702  C CG  . ASN A 1 90  ? -4.580  -5.272  7.983   1.00 96.10  ? 90  ASN A CG  1 
ATOM   703  O OD1 . ASN A 1 90  ? -4.689  -4.139  8.472   1.00 97.00  ? 90  ASN A OD1 1 
ATOM   704  N ND2 . ASN A 1 90  ? -5.092  -6.353  8.560   1.00 99.93  ? 90  ASN A ND2 1 
ATOM   705  N N   . ASN A 1 91  ? -4.086  -1.959  5.710   1.00 82.10  ? 91  ASN A N   1 
ATOM   706  C CA  . ASN A 1 91  ? -4.916  -0.941  5.082   1.00 79.57  ? 91  ASN A CA  1 
ATOM   707  C C   . ASN A 1 91  ? -4.773  -1.026  3.546   1.00 81.16  ? 91  ASN A C   1 
ATOM   708  O O   . ASN A 1 91  ? -3.652  -0.997  3.029   1.00 81.40  ? 91  ASN A O   1 
ATOM   709  C CB  . ASN A 1 91  ? -4.496  0.439   5.584   1.00 76.99  ? 91  ASN A CB  1 
ATOM   710  C CG  . ASN A 1 91  ? -5.431  1.534   5.135   1.00 73.52  ? 91  ASN A CG  1 
ATOM   711  O OD1 . ASN A 1 91  ? -5.789  1.620   3.967   1.00 81.09  ? 91  ASN A OD1 1 
ATOM   712  N ND2 . ASN A 1 91  ? -5.816  2.394   6.062   1.00 72.68  ? 91  ASN A ND2 1 
ATOM   713  N N   . PRO A 1 92  ? -5.902  -1.131  2.815   1.00 79.23  ? 92  PRO A N   1 
ATOM   714  C CA  . PRO A 1 92  ? -5.868  -1.310  1.357   1.00 78.34  ? 92  PRO A CA  1 
ATOM   715  C C   . PRO A 1 92  ? -5.246  -0.149  0.581   1.00 75.99  ? 92  PRO A C   1 
ATOM   716  O O   . PRO A 1 92  ? -4.506  -0.375  -0.378  1.00 81.88  ? 92  PRO A O   1 
ATOM   717  C CB  . PRO A 1 92  ? -7.347  -1.444  0.981   1.00 81.89  ? 92  PRO A CB  1 
ATOM   718  C CG  . PRO A 1 92  ? -8.041  -1.825  2.241   1.00 83.83  ? 92  PRO A CG  1 
ATOM   719  C CD  . PRO A 1 92  ? -7.284  -1.141  3.329   1.00 81.75  ? 92  PRO A CD  1 
ATOM   720  N N   . ALA A 1 93  ? -5.566  1.076   0.981   1.00 71.47  ? 93  ALA A N   1 
ATOM   721  C CA  . ALA A 1 93  ? -4.973  2.276   0.376   1.00 73.35  ? 93  ALA A CA  1 
ATOM   722  C C   . ALA A 1 93  ? -3.444  2.302   0.490   1.00 70.48  ? 93  ALA A C   1 
ATOM   723  O O   . ALA A 1 93  ? -2.752  2.795   -0.409  1.00 71.71  ? 93  ALA A O   1 
ATOM   724  C CB  . ALA A 1 93  ? -5.559  3.528   1.018   1.00 73.36  ? 93  ALA A CB  1 
ATOM   725  N N   . ILE A 1 94  ? -2.931  1.788   1.606   1.00 67.16  ? 94  ILE A N   1 
ATOM   726  C CA  . ILE A 1 94  ? -1.493  1.726   1.844   1.00 66.36  ? 94  ILE A CA  1 
ATOM   727  C C   . ILE A 1 94  ? -0.863  0.643   0.967   1.00 65.73  ? 94  ILE A C   1 
ATOM   728  O O   . ILE A 1 94  ? 0.135   0.881   0.288   1.00 63.13  ? 94  ILE A O   1 
ATOM   729  C CB  . ILE A 1 94  ? -1.189  1.473   3.344   1.00 66.61  ? 94  ILE A CB  1 
ATOM   730  C CG1 . ILE A 1 94  ? -1.615  2.685   4.185   1.00 62.93  ? 94  ILE A CG1 1 
ATOM   731  C CG2 . ILE A 1 94  ? 0.290   1.136   3.572   1.00 65.63  ? 94  ILE A CG2 1 
ATOM   732  C CD1 . ILE A 1 94  ? -0.905  3.980   3.840   1.00 61.85  ? 94  ILE A CD1 1 
ATOM   733  N N   . LEU A 1 95  ? -1.457  -0.540  0.967   1.00 66.90  ? 95  LEU A N   1 
ATOM   734  C CA  . LEU A 1 95  ? -0.947  -1.638  0.146   1.00 69.53  ? 95  LEU A CA  1 
ATOM   735  C C   . LEU A 1 95  ? -0.996  -1.296  -1.342  1.00 71.05  ? 95  LEU A C   1 
ATOM   736  O O   . LEU A 1 95  ? -0.124  -1.702  -2.111  1.00 75.31  ? 95  LEU A O   1 
ATOM   737  C CB  . LEU A 1 95  ? -1.748  -2.913  0.402   1.00 68.35  ? 95  LEU A CB  1 
ATOM   738  C CG  . LEU A 1 95  ? -1.693  -3.445  1.833   1.00 69.18  ? 95  LEU A CG  1 
ATOM   739  C CD1 . LEU A 1 95  ? -2.781  -4.489  2.060   1.00 70.40  ? 95  LEU A CD1 1 
ATOM   740  C CD2 . LEU A 1 95  ? -0.312  -3.997  2.160   1.00 69.86  ? 95  LEU A CD2 1 
ATOM   741  N N   . SER A 1 96  ? -2.017  -0.547  -1.742  1.00 67.58  ? 96  SER A N   1 
ATOM   742  C CA  . SER A 1 96  ? -2.165  -0.146  -3.127  1.00 68.18  ? 96  SER A CA  1 
ATOM   743  C C   . SER A 1 96  ? -1.081  0.863   -3.529  1.00 65.29  ? 96  SER A C   1 
ATOM   744  O O   . SER A 1 96  ? -0.415  0.704   -4.557  1.00 64.96  ? 96  SER A O   1 
ATOM   745  C CB  . SER A 1 96  ? -3.554  0.447   -3.344  1.00 70.88  ? 96  SER A CB  1 
ATOM   746  O OG  . SER A 1 96  ? -3.683  0.903   -4.672  1.00 76.86  ? 96  SER A OG  1 
ATOM   747  N N   . ALA A 1 97  ? -0.911  1.898   -2.715  1.00 61.04  ? 97  ALA A N   1 
ATOM   748  C CA  . ALA A 1 97  ? 0.142   2.882   -2.945  1.00 63.13  ? 97  ALA A CA  1 
ATOM   749  C C   . ALA A 1 97  ? 1.502   2.204   -3.115  1.00 67.33  ? 97  ALA A C   1 
ATOM   750  O O   . ALA A 1 97  ? 2.298   2.586   -3.976  1.00 69.90  ? 97  ALA A O   1 
ATOM   751  C CB  . ALA A 1 97  ? 0.190   3.871   -1.794  1.00 60.28  ? 97  ALA A CB  1 
ATOM   752  N N   . VAL A 1 98  ? 1.750   1.192   -2.289  1.00 71.34  ? 98  VAL A N   1 
ATOM   753  C CA  . VAL A 1 98  ? 3.002   0.441   -2.323  1.00 76.72  ? 98  VAL A CA  1 
ATOM   754  C C   . VAL A 1 98  ? 3.167   -0.246  -3.670  1.00 78.27  ? 98  VAL A C   1 
ATOM   755  O O   . VAL A 1 98  ? 4.214   -0.122  -4.305  1.00 80.62  ? 98  VAL A O   1 
ATOM   756  C CB  . VAL A 1 98  ? 3.076   -0.612  -1.182  1.00 75.48  ? 98  VAL A CB  1 
ATOM   757  C CG1 . VAL A 1 98  ? 4.282   -1.523  -1.354  1.00 78.20  ? 98  VAL A CG1 1 
ATOM   758  C CG2 . VAL A 1 98  ? 3.135   0.064   0.182   1.00 73.80  ? 98  VAL A CG2 1 
ATOM   759  N N   . LEU A 1 99  ? 2.128   -0.957  -4.103  1.00 79.60  ? 99  LEU A N   1 
ATOM   760  C CA  . LEU A 1 99  ? 2.167   -1.693  -5.367  1.00 82.90  ? 99  LEU A CA  1 
ATOM   761  C C   . LEU A 1 99  ? 2.356   -0.805  -6.602  1.00 80.32  ? 99  LEU A C   1 
ATOM   762  O O   . LEU A 1 99  ? 2.831   -1.281  -7.630  1.00 82.20  ? 99  LEU A O   1 
ATOM   763  C CB  . LEU A 1 99  ? 0.912   -2.555  -5.528  1.00 85.54  ? 99  LEU A CB  1 
ATOM   764  C CG  . LEU A 1 99  ? 0.802   -3.741  -4.561  1.00 88.88  ? 99  LEU A CG  1 
ATOM   765  C CD1 . LEU A 1 99  ? -0.567  -4.407  -4.654  1.00 88.20  ? 99  LEU A CD1 1 
ATOM   766  C CD2 . LEU A 1 99  ? 1.914   -4.754  -4.808  1.00 90.28  ? 99  LEU A CD2 1 
ATOM   767  N N   . ASP A 1 100 ? 2.005   0.476   -6.498  1.00 78.69  ? 100 ASP A N   1 
ATOM   768  C CA  . ASP A 1 100 ? 2.283   1.441   -7.567  1.00 80.61  ? 100 ASP A CA  1 
ATOM   769  C C   . ASP A 1 100 ? 3.767   1.801   -7.682  1.00 78.56  ? 100 ASP A C   1 
ATOM   770  O O   . ASP A 1 100 ? 4.144   2.588   -8.551  1.00 79.00  ? 100 ASP A O   1 
ATOM   771  C CB  . ASP A 1 100 ? 1.485   2.740   -7.358  1.00 84.55  ? 100 ASP A CB  1 
ATOM   772  C CG  . ASP A 1 100 ? -0.015  2.542   -7.471  1.00 87.72  ? 100 ASP A CG  1 
ATOM   773  O OD1 . ASP A 1 100 ? -0.463  1.566   -8.115  1.00 90.01  ? 100 ASP A OD1 1 
ATOM   774  O OD2 . ASP A 1 100 ? -0.751  3.383   -6.912  1.00 92.02  ? 100 ASP A OD2 1 
ATOM   775  N N   . LEU A 1 101 ? 4.606   1.255   -6.806  1.00 77.02  ? 101 LEU A N   1 
ATOM   776  C CA  . LEU A 1 101 ? 6.037   1.523   -6.858  1.00 78.67  ? 101 LEU A CA  1 
ATOM   777  C C   . LEU A 1 101 ? 6.768   0.536   -7.756  1.00 79.75  ? 101 LEU A C   1 
ATOM   778  O O   . LEU A 1 101 ? 7.955   0.706   -8.014  1.00 78.11  ? 101 LEU A O   1 
ATOM   779  C CB  . LEU A 1 101 ? 6.630   1.482   -5.455  1.00 78.52  ? 101 LEU A CB  1 
ATOM   780  C CG  . LEU A 1 101 ? 5.948   2.446   -4.484  1.00 81.02  ? 101 LEU A CG  1 
ATOM   781  C CD1 . LEU A 1 101 ? 6.277   2.097   -3.042  1.00 84.71  ? 101 LEU A CD1 1 
ATOM   782  C CD2 . LEU A 1 101 ? 6.337   3.878   -4.804  1.00 79.23  ? 101 LEU A CD2 1 
ATOM   783  N N   . ASP A 1 102 ? 6.059   -0.478  -8.247  1.00 83.35  ? 102 ASP A N   1 
ATOM   784  C CA  . ASP A 1 102 ? 6.667   -1.537  -9.047  1.00 89.16  ? 102 ASP A CA  1 
ATOM   785  C C   . ASP A 1 102 ? 7.873   -2.104  -8.308  1.00 82.66  ? 102 ASP A C   1 
ATOM   786  O O   . ASP A 1 102 ? 9.031   -1.887  -8.665  1.00 83.05  ? 102 ASP A O   1 
ATOM   787  C CB  . ASP A 1 102 ? 7.046   -1.058  -10.455 1.00 97.01  ? 102 ASP A CB  1 
ATOM   788  C CG  . ASP A 1 102 ? 7.440   -2.213  -11.378 1.00 102.51 ? 102 ASP A CG  1 
ATOM   789  O OD1 . ASP A 1 102 ? 6.689   -3.208  -11.449 1.00 108.06 ? 102 ASP A OD1 1 
ATOM   790  O OD2 . ASP A 1 102 ? 8.503   -2.132  -12.024 1.00 107.90 ? 102 ASP A OD2 1 
ATOM   791  N N   . ILE A 1 103 ? 7.557   -2.818  -7.244  1.00 76.76  ? 103 ILE A N   1 
ATOM   792  C CA  . ILE A 1 103 ? 8.532   -3.541  -6.462  1.00 71.67  ? 103 ILE A CA  1 
ATOM   793  C C   . ILE A 1 103 ? 8.275   -5.003  -6.773  1.00 67.50  ? 103 ILE A C   1 
ATOM   794  O O   . ILE A 1 103 ? 7.281   -5.339  -7.396  1.00 66.48  ? 103 ILE A O   1 
ATOM   795  C CB  . ILE A 1 103 ? 8.397   -3.242  -4.951  1.00 71.83  ? 103 ILE A CB  1 
ATOM   796  C CG1 . ILE A 1 103 ? 6.925   -3.188  -4.525  1.00 70.05  ? 103 ILE A CG1 1 
ATOM   797  C CG2 . ILE A 1 103 ? 9.074   -1.921  -4.612  1.00 71.21  ? 103 ILE A CG2 1 
ATOM   798  C CD1 . ILE A 1 103 ? 6.719   -3.206  -3.027  1.00 71.15  ? 103 ILE A CD1 1 
ATOM   799  N N   . GLU A 1 104 ? 9.163   -5.879  -6.344  1.00 72.09  ? 104 GLU A N   1 
ATOM   800  C CA  . GLU A 1 104 ? 9.092   -7.270  -6.770  1.00 75.50  ? 104 GLU A CA  1 
ATOM   801  C C   . GLU A 1 104 ? 8.094   -8.112  -5.960  1.00 76.82  ? 104 GLU A C   1 
ATOM   802  O O   . GLU A 1 104 ? 7.807   -9.246  -6.333  1.00 81.71  ? 104 GLU A O   1 
ATOM   803  C CB  . GLU A 1 104 ? 10.494  -7.888  -6.774  1.00 74.55  ? 104 GLU A CB  1 
ATOM   804  C CG  . GLU A 1 104 ? 11.338  -7.463  -7.971  1.00 79.56  ? 104 GLU A CG  1 
ATOM   805  C CD  . GLU A 1 104 ? 11.392  -5.951  -8.177  1.00 84.85  ? 104 GLU A CD  1 
ATOM   806  O OE1 . GLU A 1 104 ? 11.116  -5.499  -9.313  1.00 87.40  ? 104 GLU A OE1 1 
ATOM   807  O OE2 . GLU A 1 104 ? 11.700  -5.210  -7.208  1.00 82.76  ? 104 GLU A OE2 1 
ATOM   808  N N   . GLY A 1 105 ? 7.554   -7.562  -4.873  1.00 79.73  ? 105 GLY A N   1 
ATOM   809  C CA  . GLY A 1 105 ? 6.492   -8.254  -4.122  1.00 82.32  ? 105 GLY A CA  1 
ATOM   810  C C   . GLY A 1 105 ? 6.171   -7.660  -2.759  1.00 76.65  ? 105 GLY A C   1 
ATOM   811  O O   . GLY A 1 105 ? 6.925   -6.849  -2.242  1.00 73.94  ? 105 GLY A O   1 
ATOM   812  N N   . ILE A 1 106 ? 5.035   -8.064  -2.195  1.00 78.87  ? 106 ILE A N   1 
ATOM   813  C CA  . ILE A 1 106 ? 4.634   -7.686  -0.835  1.00 80.15  ? 106 ILE A CA  1 
ATOM   814  C C   . ILE A 1 106 ? 4.319   -8.930  -0.008  1.00 79.93  ? 106 ILE A C   1 
ATOM   815  O O   . ILE A 1 106 ? 3.716   -9.882  -0.500  1.00 78.34  ? 106 ILE A O   1 
ATOM   816  C CB  . ILE A 1 106 ? 3.386   -6.783  -0.812  1.00 81.69  ? 106 ILE A CB  1 
ATOM   817  C CG1 . ILE A 1 106 ? 3.692   -5.448  -1.472  1.00 87.05  ? 106 ILE A CG1 1 
ATOM   818  C CG2 . ILE A 1 106 ? 2.915   -6.541  0.624   1.00 84.11  ? 106 ILE A CG2 1 
ATOM   819  C CD1 . ILE A 1 106 ? 2.532   -4.473  -1.435  1.00 90.22  ? 106 ILE A CD1 1 
ATOM   820  N N   . VAL A 1 107 ? 4.721   -8.895  1.256   1.00 75.08  ? 107 VAL A N   1 
ATOM   821  C CA  . VAL A 1 107 ? 4.425   -9.949  2.202   1.00 71.76  ? 107 VAL A CA  1 
ATOM   822  C C   . VAL A 1 107 ? 3.909   -9.290  3.476   1.00 68.18  ? 107 VAL A C   1 
ATOM   823  O O   . VAL A 1 107 ? 4.491   -8.322  3.950   1.00 68.27  ? 107 VAL A O   1 
ATOM   824  C CB  . VAL A 1 107 ? 5.696   -10.765 2.518   1.00 72.81  ? 107 VAL A CB  1 
ATOM   825  C CG1 . VAL A 1 107 ? 5.409   -11.827 3.574   1.00 74.65  ? 107 VAL A CG1 1 
ATOM   826  C CG2 . VAL A 1 107 ? 6.268   -11.391 1.250   1.00 69.57  ? 107 VAL A CG2 1 
ATOM   827  N N   . LEU A 1 108 ? 2.806   -9.793  4.018   1.00 69.60  ? 108 LEU A N   1 
ATOM   828  C CA  . LEU A 1 108 ? 2.324   -9.317  5.317   1.00 70.30  ? 108 LEU A CA  1 
ATOM   829  C C   . LEU A 1 108 ? 3.022   -10.117 6.409   1.00 68.42  ? 108 LEU A C   1 
ATOM   830  O O   . LEU A 1 108 ? 3.280   -11.306 6.240   1.00 63.75  ? 108 LEU A O   1 
ATOM   831  C CB  . LEU A 1 108 ? 0.808   -9.458  5.430   1.00 70.08  ? 108 LEU A CB  1 
ATOM   832  C CG  . LEU A 1 108 ? 0.005   -8.577  4.474   1.00 71.55  ? 108 LEU A CG  1 
ATOM   833  C CD1 . LEU A 1 108 ? -1.449  -9.008  4.463   1.00 74.57  ? 108 LEU A CD1 1 
ATOM   834  C CD2 . LEU A 1 108 ? 0.119   -7.113  4.865   1.00 75.26  ? 108 LEU A CD2 1 
ATOM   835  N N   . LYS A 1 109 ? 3.337   -9.470  7.522   1.00 69.35  ? 109 LYS A N   1 
ATOM   836  C CA  . LYS A 1 109 ? 4.050   -10.147 8.606   1.00 71.97  ? 109 LYS A CA  1 
ATOM   837  C C   . LYS A 1 109 ? 3.143   -11.153 9.317   1.00 73.91  ? 109 LYS A C   1 
ATOM   838  O O   . LYS A 1 109 ? 3.576   -12.245 9.656   1.00 67.76  ? 109 LYS A O   1 
ATOM   839  C CB  . LYS A 1 109 ? 4.606   -9.126  9.592   1.00 72.17  ? 109 LYS A CB  1 
ATOM   840  C CG  . LYS A 1 109 ? 5.672   -8.226  8.993   1.00 71.47  ? 109 LYS A CG  1 
ATOM   841  C CD  . LYS A 1 109 ? 6.092   -7.133  9.966   1.00 72.17  ? 109 LYS A CD  1 
ATOM   842  C CE  . LYS A 1 109 ? 7.297   -6.379  9.436   1.00 72.35  ? 109 LYS A CE  1 
ATOM   843  N NZ  . LYS A 1 109 ? 7.806   -5.349  10.378  1.00 75.11  ? 109 LYS A NZ  1 
ATOM   844  N N   . GLN A 1 110 ? 1.882   -10.772 9.509   1.00 83.32  ? 110 GLN A N   1 
ATOM   845  C CA  . GLN A 1 110 ? 0.852   -11.646 10.095  1.00 92.18  ? 110 GLN A CA  1 
ATOM   846  C C   . GLN A 1 110 ? 0.195   -12.585 9.076   1.00 102.40 ? 110 GLN A C   1 
ATOM   847  O O   . GLN A 1 110 ? -0.707  -13.355 9.422   1.00 106.59 ? 110 GLN A O   1 
ATOM   848  C CB  . GLN A 1 110 ? -0.238  -10.819 10.795  1.00 91.28  ? 110 GLN A CB  1 
ATOM   849  C CG  . GLN A 1 110 ? -1.112  -9.962  9.893   1.00 89.22  ? 110 GLN A CG  1 
ATOM   850  C CD  . GLN A 1 110 ? -0.447  -8.658  9.522   1.00 91.52  ? 110 GLN A CD  1 
ATOM   851  O OE1 . GLN A 1 110 ? 0.552   -8.643  8.801   1.00 94.88  ? 110 GLN A OE1 1 
ATOM   852  N NE2 . GLN A 1 110 ? -0.990  -7.554  10.013  1.00 92.40  ? 110 GLN A NE2 1 
ATOM   853  N N   . GLY A 1 111 ? 0.614   -12.488 7.819   1.00 110.78 ? 111 GLY A N   1 
ATOM   854  C CA  . GLY A 1 111 ? 0.246   -13.467 6.807   1.00 112.79 ? 111 GLY A CA  1 
ATOM   855  C C   . GLY A 1 111 ? 1.105   -14.696 6.994   1.00 113.07 ? 111 GLY A C   1 
ATOM   856  O O   . GLY A 1 111 ? 2.116   -14.646 7.705   1.00 110.40 ? 111 GLY A O   1 
ATOM   857  N N   . ALA A 1 112 ? 0.709   -15.785 6.335   1.00 114.93 ? 112 ALA A N   1 
ATOM   858  C CA  . ALA A 1 112 ? 1.314   -17.110 6.518   1.00 113.13 ? 112 ALA A CA  1 
ATOM   859  C C   . ALA A 1 112 ? 2.851   -17.098 6.562   1.00 114.52 ? 112 ALA A C   1 
ATOM   860  O O   . ALA A 1 112 ? 3.497   -16.284 5.880   1.00 103.93 ? 112 ALA A O   1 
ATOM   861  C CB  . ALA A 1 112 ? 0.831   -18.059 5.427   1.00 111.16 ? 112 ALA A CB  1 
ATOM   862  N N   . PRO A 1 113 ? 3.441   -18.014 7.362   1.00 114.14 ? 113 PRO A N   1 
ATOM   863  C CA  . PRO A 1 113 ? 4.902   -18.134 7.471   1.00 110.57 ? 113 PRO A CA  1 
ATOM   864  C C   . PRO A 1 113 ? 5.530   -18.682 6.193   1.00 99.22  ? 113 PRO A C   1 
ATOM   865  O O   . PRO A 1 113 ? 6.745   -18.617 6.017   1.00 88.16  ? 113 PRO A O   1 
ATOM   866  C CB  . PRO A 1 113 ? 5.086   -19.128 8.622   1.00 114.61 ? 113 PRO A CB  1 
ATOM   867  C CG  . PRO A 1 113 ? 3.853   -19.971 8.590   1.00 116.55 ? 113 PRO A CG  1 
ATOM   868  C CD  . PRO A 1 113 ? 2.743   -19.066 8.133   1.00 114.05 ? 113 PRO A CD  1 
ATOM   869  N N   . THR A 1 114 ? 4.687   -19.228 5.324   1.00 95.74  ? 114 THR A N   1 
ATOM   870  C CA  . THR A 1 114 ? 5.112   -19.775 4.046   1.00 98.62  ? 114 THR A CA  1 
ATOM   871  C C   . THR A 1 114 ? 5.237   -18.715 2.931   1.00 94.24  ? 114 THR A C   1 
ATOM   872  O O   . THR A 1 114 ? 5.833   -18.990 1.887   1.00 94.83  ? 114 THR A O   1 
ATOM   873  C CB  . THR A 1 114 ? 4.156   -20.919 3.611   1.00 101.85 ? 114 THR A CB  1 
ATOM   874  O OG1 . THR A 1 114 ? 4.605   -21.493 2.379   1.00 106.05 ? 114 THR A OG1 1 
ATOM   875  C CG2 . THR A 1 114 ? 2.701   -20.428 3.462   1.00 102.81 ? 114 THR A CG2 1 
ATOM   876  N N   . ASP A 1 115 ? 4.705   -17.512 3.152   1.00 89.39  ? 115 ASP A N   1 
ATOM   877  C CA  . ASP A 1 115 ? 4.655   -16.485 2.099   1.00 83.03  ? 115 ASP A CA  1 
ATOM   878  C C   . ASP A 1 115 ? 6.017   -15.930 1.698   1.00 77.14  ? 115 ASP A C   1 
ATOM   879  O O   . ASP A 1 115 ? 6.253   -15.655 0.525   1.00 76.73  ? 115 ASP A O   1 
ATOM   880  C CB  . ASP A 1 115 ? 3.734   -15.337 2.507   1.00 84.45  ? 115 ASP A CB  1 
ATOM   881  C CG  . ASP A 1 115 ? 2.267   -15.715 2.425   1.00 91.75  ? 115 ASP A CG  1 
ATOM   882  O OD1 . ASP A 1 115 ? 1.965   -16.914 2.218   1.00 90.02  ? 115 ASP A OD1 1 
ATOM   883  O OD2 . ASP A 1 115 ? 1.413   -14.808 2.566   1.00 99.69  ? 115 ASP A OD2 1 
ATOM   884  N N   . LEU A 1 116 ? 6.914   -15.774 2.661   1.00 72.34  ? 116 LEU A N   1 
ATOM   885  C CA  . LEU A 1 116 ? 8.229   -15.201 2.379   1.00 72.21  ? 116 LEU A CA  1 
ATOM   886  C C   . LEU A 1 116 ? 9.104   -16.112 1.504   1.00 70.70  ? 116 LEU A C   1 
ATOM   887  O O   . LEU A 1 116 ? 9.717   -15.639 0.549   1.00 71.90  ? 116 LEU A O   1 
ATOM   888  C CB  . LEU A 1 116 ? 8.937   -14.819 3.687   1.00 73.64  ? 116 LEU A CB  1 
ATOM   889  C CG  . LEU A 1 116 ? 10.313  -14.162 3.596   1.00 75.03  ? 116 LEU A CG  1 
ATOM   890  C CD1 . LEU A 1 116 ? 10.300  -13.010 2.597   1.00 74.66  ? 116 LEU A CD1 1 
ATOM   891  C CD2 . LEU A 1 116 ? 10.745  -13.695 4.983   1.00 73.26  ? 116 LEU A CD2 1 
ATOM   892  N N   . PRO A 1 117 ? 9.168   -17.419 1.823   1.00 73.39  ? 117 PRO A N   1 
ATOM   893  C CA  . PRO A 1 117 ? 9.858   -18.341 0.911   1.00 73.05  ? 117 PRO A CA  1 
ATOM   894  C C   . PRO A 1 117 ? 9.206   -18.461 -0.472  1.00 70.20  ? 117 PRO A C   1 
ATOM   895  O O   . PRO A 1 117 ? 9.905   -18.742 -1.441  1.00 69.50  ? 117 PRO A O   1 
ATOM   896  C CB  . PRO A 1 117 ? 9.786   -19.687 1.642   1.00 73.70  ? 117 PRO A CB  1 
ATOM   897  C CG  . PRO A 1 117 ? 9.628   -19.333 3.074   1.00 74.63  ? 117 PRO A CG  1 
ATOM   898  C CD  . PRO A 1 117 ? 8.813   -18.076 3.095   1.00 74.07  ? 117 PRO A CD  1 
ATOM   899  N N   . LYS A 1 118 ? 7.891   -18.270 -0.566  1.00 67.79  ? 118 LYS A N   1 
ATOM   900  C CA  . LYS A 1 118 ? 7.235   -18.230 -1.874  1.00 70.97  ? 118 LYS A CA  1 
ATOM   901  C C   . LYS A 1 118 ? 7.673   -16.991 -2.650  1.00 70.85  ? 118 LYS A C   1 
ATOM   902  O O   . LYS A 1 118 ? 8.029   -17.073 -3.826  1.00 69.67  ? 118 LYS A O   1 
ATOM   903  C CB  . LYS A 1 118 ? 5.717   -18.278 -1.732  1.00 73.66  ? 118 LYS A CB  1 
ATOM   904  C CG  . LYS A 1 118 ? 5.225   -19.658 -1.329  1.00 79.59  ? 118 LYS A CG  1 
ATOM   905  C CD  . LYS A 1 118 ? 3.719   -19.701 -1.165  1.00 84.66  ? 118 LYS A CD  1 
ATOM   906  C CE  . LYS A 1 118 ? 3.247   -21.121 -0.896  1.00 89.05  ? 118 LYS A CE  1 
ATOM   907  N NZ  . LYS A 1 118 ? 1.830   -21.151 -0.433  1.00 92.95  ? 118 LYS A NZ  1 
ATOM   908  N N   . ALA A 1 119 ? 7.679   -15.850 -1.970  1.00 69.11  ? 119 ALA A N   1 
ATOM   909  C CA  . ALA A 1 119 ? 8.115   -14.603 -2.573  1.00 67.51  ? 119 ALA A CA  1 
ATOM   910  C C   . ALA A 1 119 ? 9.491   -14.732 -3.223  1.00 66.90  ? 119 ALA A C   1 
ATOM   911  O O   . ALA A 1 119 ? 9.678   -14.327 -4.367  1.00 67.08  ? 119 ALA A O   1 
ATOM   912  C CB  . ALA A 1 119 ? 8.112   -13.493 -1.536  1.00 67.98  ? 119 ALA A CB  1 
ATOM   913  N N   . LEU A 1 120 ? 10.440  -15.317 -2.501  1.00 66.40  ? 120 LEU A N   1 
ATOM   914  C CA  . LEU A 1 120 ? 11.798  -15.468 -3.011  1.00 67.42  ? 120 LEU A CA  1 
ATOM   915  C C   . LEU A 1 120 ? 11.881  -16.484 -4.150  1.00 68.48  ? 120 LEU A C   1 
ATOM   916  O O   . LEU A 1 120 ? 12.635  -16.296 -5.098  1.00 72.82  ? 120 LEU A O   1 
ATOM   917  C CB  . LEU A 1 120 ? 12.749  -15.878 -1.891  1.00 66.78  ? 120 LEU A CB  1 
ATOM   918  C CG  . LEU A 1 120 ? 12.914  -14.883 -0.744  1.00 66.77  ? 120 LEU A CG  1 
ATOM   919  C CD1 . LEU A 1 120 ? 13.725  -15.513 0.377   1.00 66.50  ? 120 LEU A CD1 1 
ATOM   920  C CD2 . LEU A 1 120 ? 13.564  -13.593 -1.222  1.00 67.16  ? 120 LEU A CD2 1 
ATOM   921  N N   . ALA A 1 121 ? 11.118  -17.567 -4.051  1.00 70.26  ? 121 ALA A N   1 
ATOM   922  C CA  . ALA A 1 121 ? 11.040  -18.547 -5.140  1.00 69.77  ? 121 ALA A CA  1 
ATOM   923  C C   . ALA A 1 121 ? 10.460  -17.925 -6.423  1.00 66.23  ? 121 ALA A C   1 
ATOM   924  O O   . ALA A 1 121 ? 10.964  -18.183 -7.506  1.00 75.14  ? 121 ALA A O   1 
ATOM   925  C CB  . ALA A 1 121 ? 10.228  -19.768 -4.712  1.00 68.56  ? 121 ALA A CB  1 
ATOM   926  N N   . ALA A 1 122 ? 9.425   -17.098 -6.302  1.00 61.83  ? 122 ALA A N   1 
ATOM   927  C CA  . ALA A 1 122 ? 8.895   -16.387 -7.461  1.00 64.69  ? 122 ALA A CA  1 
ATOM   928  C C   . ALA A 1 122 ? 9.983   -15.511 -8.050  1.00 69.78  ? 122 ALA A C   1 
ATOM   929  O O   . ALA A 1 122 ? 10.221  -15.512 -9.255  1.00 75.86  ? 122 ALA A O   1 
ATOM   930  C CB  . ALA A 1 122 ? 7.702   -15.540 -7.072  1.00 66.06  ? 122 ALA A CB  1 
ATOM   931  N N   . LEU A 1 123 ? 10.667  -14.787 -7.176  1.00 71.42  ? 123 LEU A N   1 
ATOM   932  C CA  . LEU A 1 123 ? 11.701  -13.853 -7.580  1.00 72.60  ? 123 LEU A CA  1 
ATOM   933  C C   . LEU A 1 123 ? 12.903  -14.560 -8.204  1.00 75.89  ? 123 LEU A C   1 
ATOM   934  O O   . LEU A 1 123 ? 13.556  -14.020 -9.103  1.00 73.84  ? 123 LEU A O   1 
ATOM   935  C CB  . LEU A 1 123 ? 12.128  -13.033 -6.365  1.00 78.23  ? 123 LEU A CB  1 
ATOM   936  C CG  . LEU A 1 123 ? 12.905  -11.740 -6.579  1.00 83.03  ? 123 LEU A CG  1 
ATOM   937  C CD1 . LEU A 1 123 ? 12.294  -10.889 -7.686  1.00 86.69  ? 123 LEU A CD1 1 
ATOM   938  C CD2 . LEU A 1 123 ? 12.963  -10.973 -5.264  1.00 83.96  ? 123 LEU A CD2 1 
ATOM   939  N N   . GLN A 1 124 ? 13.181  -15.779 -7.744  1.00 78.42  ? 124 GLN A N   1 
ATOM   940  C CA  . GLN A 1 124 ? 14.279  -16.577 -8.294  1.00 77.42  ? 124 GLN A CA  1 
ATOM   941  C C   . GLN A 1 124 ? 14.002  -17.024 -9.731  1.00 75.92  ? 124 GLN A C   1 
ATOM   942  O O   . GLN A 1 124 ? 14.929  -17.383 -10.453 1.00 72.49  ? 124 GLN A O   1 
ATOM   943  C CB  . GLN A 1 124 ? 14.534  -17.800 -7.422  1.00 78.00  ? 124 GLN A CB  1 
ATOM   944  C CG  . GLN A 1 124 ? 15.863  -18.487 -7.707  1.00 81.55  ? 124 GLN A CG  1 
ATOM   945  C CD  . GLN A 1 124 ? 15.857  -19.965 -7.355  1.00 81.75  ? 124 GLN A CD  1 
ATOM   946  O OE1 . GLN A 1 124 ? 16.850  -20.498 -6.857  1.00 84.02  ? 124 GLN A OE1 1 
ATOM   947  N NE2 . GLN A 1 124 ? 14.740  -20.632 -7.610  1.00 81.40  ? 124 GLN A NE2 1 
ATOM   948  N N   . LYS A 1 125 ? 12.728  -17.013 -10.125 1.00 76.86  ? 125 LYS A N   1 
ATOM   949  C CA  . LYS A 1 125 ? 12.309  -17.286 -11.500 1.00 75.47  ? 125 LYS A CA  1 
ATOM   950  C C   . LYS A 1 125 ? 12.055  -16.006 -12.307 1.00 78.57  ? 125 LYS A C   1 
ATOM   951  O O   . LYS A 1 125 ? 11.471  -16.064 -13.393 1.00 73.71  ? 125 LYS A O   1 
ATOM   952  C CB  . LYS A 1 125 ? 11.023  -18.104 -11.480 1.00 76.37  ? 125 LYS A CB  1 
ATOM   953  C CG  . LYS A 1 125 ? 11.135  -19.438 -10.767 1.00 81.29  ? 125 LYS A CG  1 
ATOM   954  C CD  . LYS A 1 125 ? 9.754   -20.021 -10.498 1.00 87.75  ? 125 LYS A CD  1 
ATOM   955  C CE  . LYS A 1 125 ? 9.785   -21.095 -9.419  1.00 94.94  ? 125 LYS A CE  1 
ATOM   956  N NZ  . LYS A 1 125 ? 8.722   -20.868 -8.394  1.00 97.35  ? 125 LYS A NZ  1 
ATOM   957  N N   . GLY A 1 126 ? 12.495  -14.857 -11.792 1.00 78.68  ? 126 GLY A N   1 
ATOM   958  C CA  . GLY A 1 126 ? 12.192  -13.565 -12.409 1.00 77.14  ? 126 GLY A CA  1 
ATOM   959  C C   . GLY A 1 126 ? 10.728  -13.147 -12.301 1.00 79.55  ? 126 GLY A C   1 
ATOM   960  O O   . GLY A 1 126 ? 10.265  -12.329 -13.091 1.00 76.05  ? 126 GLY A O   1 
ATOM   961  N N   . LYS A 1 127 ? 9.999   -13.681 -11.320 1.00 82.93  ? 127 LYS A N   1 
ATOM   962  C CA  . LYS A 1 127 ? 8.567   -13.380 -11.174 1.00 89.18  ? 127 LYS A CA  1 
ATOM   963  C C   . LYS A 1 127 ? 8.252   -12.546 -9.943  1.00 89.54  ? 127 LYS A C   1 
ATOM   964  O O   . LYS A 1 127 ? 9.011   -12.525 -8.977  1.00 86.39  ? 127 LYS A O   1 
ATOM   965  C CB  . LYS A 1 127 ? 7.738   -14.665 -11.126 1.00 90.66  ? 127 LYS A CB  1 
ATOM   966  C CG  . LYS A 1 127 ? 8.095   -15.652 -12.216 1.00 94.74  ? 127 LYS A CG  1 
ATOM   967  C CD  . LYS A 1 127 ? 6.883   -16.417 -12.707 1.00 99.21  ? 127 LYS A CD  1 
ATOM   968  C CE  . LYS A 1 127 ? 7.267   -17.328 -13.864 1.00 106.33 ? 127 LYS A CE  1 
ATOM   969  N NZ  . LYS A 1 127 ? 6.120   -17.618 -14.767 1.00 107.59 ? 127 LYS A NZ  1 
ATOM   970  N N   . LYS A 1 128 ? 7.109   -11.867 -10.001 1.00 92.24  ? 128 LYS A N   1 
ATOM   971  C CA  . LYS A 1 128 ? 6.600   -11.067 -8.895  1.00 94.84  ? 128 LYS A CA  1 
ATOM   972  C C   . LYS A 1 128 ? 5.591   -11.880 -8.097  1.00 97.38  ? 128 LYS A C   1 
ATOM   973  O O   . LYS A 1 128 ? 4.774   -12.599 -8.675  1.00 99.22  ? 128 LYS A O   1 
ATOM   974  C CB  . LYS A 1 128 ? 5.924   -9.797  -9.415  1.00 91.85  ? 128 LYS A CB  1 
ATOM   975  C CG  . LYS A 1 128 ? 6.881   -8.750  -9.950  1.00 89.27  ? 128 LYS A CG  1 
ATOM   976  C CD  . LYS A 1 128 ? 6.107   -7.565  -10.498 1.00 91.76  ? 128 LYS A CD  1 
ATOM   977  C CE  . LYS A 1 128 ? 6.988   -6.342  -10.677 1.00 95.14  ? 128 LYS A CE  1 
ATOM   978  N NZ  . LYS A 1 128 ? 8.284   -6.642  -11.349 1.00 97.21  ? 128 LYS A NZ  1 
ATOM   979  N N   . PHE A 1 129 ? 5.639   -11.750 -6.773  1.00 102.09 ? 129 PHE A N   1 
ATOM   980  C CA  . PHE A 1 129 ? 4.752   -12.502 -5.886  1.00 102.06 ? 129 PHE A CA  1 
ATOM   981  C C   . PHE A 1 129 ? 3.752   -11.594 -5.175  1.00 94.25  ? 129 PHE A C   1 
ATOM   982  O O   . PHE A 1 129 ? 4.103   -10.504 -4.723  1.00 87.44  ? 129 PHE A O   1 
ATOM   983  C CB  . PHE A 1 129 ? 5.567   -13.276 -4.848  1.00 105.47 ? 129 PHE A CB  1 
ATOM   984  C CG  . PHE A 1 129 ? 4.723   -14.056 -3.882  1.00 106.03 ? 129 PHE A CG  1 
ATOM   985  C CD1 . PHE A 1 129 ? 4.033   -15.190 -4.303  1.00 106.54 ? 129 PHE A CD1 1 
ATOM   986  C CD2 . PHE A 1 129 ? 4.605   -13.653 -2.555  1.00 103.80 ? 129 PHE A CD2 1 
ATOM   987  C CE1 . PHE A 1 129 ? 3.244   -15.910 -3.420  1.00 108.54 ? 129 PHE A CE1 1 
ATOM   988  C CE2 . PHE A 1 129 ? 3.820   -14.371 -1.667  1.00 105.66 ? 129 PHE A CE2 1 
ATOM   989  C CZ  . PHE A 1 129 ? 3.138   -15.501 -2.101  1.00 109.71 ? 129 PHE A CZ  1 
ATOM   990  N N   . THR A 1 130 ? 2.510   -12.069 -5.082  1.00 94.76  ? 130 THR A N   1 
ATOM   991  C CA  . THR A 1 130 ? 1.439   -11.393 -4.346  1.00 95.11  ? 130 THR A CA  1 
ATOM   992  C C   . THR A 1 130 ? 0.579   -12.447 -3.639  1.00 94.13  ? 130 THR A C   1 
ATOM   993  O O   . THR A 1 130 ? -0.124  -13.202 -4.305  1.00 98.22  ? 130 THR A O   1 
ATOM   994  C CB  . THR A 1 130 ? 0.540   -10.562 -5.291  1.00 93.72  ? 130 THR A CB  1 
ATOM   995  O OG1 . THR A 1 130 ? 1.321   -9.553  -5.943  1.00 96.26  ? 130 THR A OG1 1 
ATOM   996  C CG2 . THR A 1 130 ? -0.596  -9.890  -4.524  1.00 94.41  ? 130 THR A CG2 1 
ATOM   997  N N   . PRO A 1 131 ? 0.625   -12.503 -2.294  1.00 94.34  ? 131 PRO A N   1 
ATOM   998  C CA  . PRO A 1 131 ? -0.165  -13.502 -1.566  1.00 96.52  ? 131 PRO A CA  1 
ATOM   999  C C   . PRO A 1 131 ? -1.654  -13.193 -1.632  1.00 97.28  ? 131 PRO A C   1 
ATOM   1000 O O   . PRO A 1 131 ? -2.029  -12.058 -1.927  1.00 99.47  ? 131 PRO A O   1 
ATOM   1001 C CB  . PRO A 1 131 ? 0.351   -13.383 -0.131  1.00 97.24  ? 131 PRO A CB  1 
ATOM   1002 C CG  . PRO A 1 131 ? 0.829   -11.981 -0.015  1.00 95.46  ? 131 PRO A CG  1 
ATOM   1003 C CD  . PRO A 1 131 ? 1.306   -11.569 -1.380  1.00 94.86  ? 131 PRO A CD  1 
ATOM   1004 N N   . GLU A 1 132 ? -2.494  -14.190 -1.367  1.00 100.20 ? 132 GLU A N   1 
ATOM   1005 C CA  . GLU A 1 132 ? -3.938  -14.017 -1.546  1.00 109.34 ? 132 GLU A CA  1 
ATOM   1006 C C   . GLU A 1 132 ? -4.547  -13.147 -0.447  1.00 107.09 ? 132 GLU A C   1 
ATOM   1007 O O   . GLU A 1 132 ? -5.504  -12.408 -0.697  1.00 109.58 ? 132 GLU A O   1 
ATOM   1008 C CB  . GLU A 1 132 ? -4.664  -15.365 -1.636  1.00 117.41 ? 132 GLU A CB  1 
ATOM   1009 C CG  . GLU A 1 132 ? -5.858  -15.331 -2.588  1.00 125.36 ? 132 GLU A CG  1 
ATOM   1010 C CD  . GLU A 1 132 ? -6.897  -16.409 -2.317  1.00 130.89 ? 132 GLU A CD  1 
ATOM   1011 O OE1 . GLU A 1 132 ? -6.536  -17.486 -1.794  1.00 131.98 ? 132 GLU A OE1 1 
ATOM   1012 O OE2 . GLU A 1 132 ? -8.084  -16.175 -2.636  1.00 132.88 ? 132 GLU A OE2 1 
ATOM   1013 N N   . SER A 1 133 ? -3.986  -13.227 0.761   1.00 104.79 ? 133 SER A N   1 
ATOM   1014 C CA  . SER A 1 133 ? -4.397  -12.357 1.870   1.00 101.75 ? 133 SER A CA  1 
ATOM   1015 C C   . SER A 1 133 ? -4.295  -10.873 1.497   1.00 100.13 ? 133 SER A C   1 
ATOM   1016 O O   . SER A 1 133 ? -5.047  -10.048 2.016   1.00 103.13 ? 133 SER A O   1 
ATOM   1017 C CB  . SER A 1 133 ? -3.575  -12.651 3.135   1.00 99.16  ? 133 SER A CB  1 
ATOM   1018 O OG  . SER A 1 133 ? -2.183  -12.541 2.896   1.00 98.07  ? 133 SER A OG  1 
ATOM   1019 N N   . VAL A 1 134 ? -3.364  -10.544 0.602   1.00 93.66  ? 134 VAL A N   1 
ATOM   1020 C CA  . VAL A 1 134 ? -3.271  -9.208  0.015   1.00 89.93  ? 134 VAL A CA  1 
ATOM   1021 C C   . VAL A 1 134 ? -4.260  -9.050  -1.146  1.00 94.00  ? 134 VAL A C   1 
ATOM   1022 O O   . VAL A 1 134 ? -4.938  -8.035  -1.243  1.00 97.22  ? 134 VAL A O   1 
ATOM   1023 C CB  . VAL A 1 134 ? -1.834  -8.908  -0.476  1.00 86.30  ? 134 VAL A CB  1 
ATOM   1024 C CG1 . VAL A 1 134 ? -1.768  -7.594  -1.243  1.00 82.70  ? 134 VAL A CG1 1 
ATOM   1025 C CG2 . VAL A 1 134 ? -0.866  -8.880  0.696   1.00 86.06  ? 134 VAL A CG2 1 
ATOM   1026 N N   . SER A 1 135 ? -4.331  -10.046 -2.026  1.00 99.22  ? 135 SER A N   1 
ATOM   1027 C CA  . SER A 1 135 ? -5.215  -9.990  -3.196  1.00 105.59 ? 135 SER A CA  1 
ATOM   1028 C C   . SER A 1 135 ? -6.668  -9.678  -2.835  1.00 110.65 ? 135 SER A C   1 
ATOM   1029 O O   . SER A 1 135 ? -7.296  -8.823  -3.460  1.00 111.78 ? 135 SER A O   1 
ATOM   1030 C CB  . SER A 1 135 ? -5.162  -11.312 -3.961  1.00 108.20 ? 135 SER A CB  1 
ATOM   1031 O OG  . SER A 1 135 ? -3.824  -11.685 -4.236  1.00 113.86 ? 135 SER A OG  1 
ATOM   1032 N N   . ARG A 1 136 ? -7.189  -10.369 -1.825  1.00 118.66 ? 136 ARG A N   1 
ATOM   1033 C CA  . ARG A 1 136 ? -8.589  -10.209 -1.410  1.00 124.34 ? 136 ARG A CA  1 
ATOM   1034 C C   . ARG A 1 136 ? -8.857  -8.880  -0.707  1.00 123.94 ? 136 ARG A C   1 
ATOM   1035 O O   . ARG A 1 136 ? -9.920  -8.288  -0.894  1.00 124.27 ? 136 ARG A O   1 
ATOM   1036 C CB  . ARG A 1 136 ? -9.007  -11.360 -0.503  1.00 126.02 ? 136 ARG A CB  1 
ATOM   1037 C CG  . ARG A 1 136 ? -9.312  -12.655 -1.245  1.00 128.28 ? 136 ARG A CG  1 
ATOM   1038 C CD  . ARG A 1 136 ? -8.677  -13.860 -0.563  1.00 133.17 ? 136 ARG A CD  1 
ATOM   1039 N NE  . ARG A 1 136 ? -8.566  -13.699 0.889   1.00 134.06 ? 136 ARG A NE  1 
ATOM   1040 C CZ  . ARG A 1 136 ? -7.736  -14.390 1.671   1.00 134.63 ? 136 ARG A CZ  1 
ATOM   1041 N NH1 . ARG A 1 136 ? -6.933  -15.322 1.168   1.00 134.17 ? 136 ARG A NH1 1 
ATOM   1042 N NH2 . ARG A 1 136 ? -7.713  -14.150 2.977   1.00 133.18 ? 136 ARG A NH2 1 
ATOM   1043 N N   . LEU A 1 137 ? -7.904  -8.417  0.100   1.00 122.94 ? 137 LEU A N   1 
ATOM   1044 C CA  . LEU A 1 137 ? -8.006  -7.091  0.729   1.00 125.75 ? 137 LEU A CA  1 
ATOM   1045 C C   . LEU A 1 137 ? -8.071  -5.953  -0.296  1.00 130.59 ? 137 LEU A C   1 
ATOM   1046 O O   . LEU A 1 137 ? -8.585  -4.876  0.009   1.00 138.99 ? 137 LEU A O   1 
ATOM   1047 C CB  . LEU A 1 137 ? -6.841  -6.836  1.698   1.00 122.75 ? 137 LEU A CB  1 
ATOM   1048 C CG  . LEU A 1 137 ? -6.973  -7.398  3.118   1.00 122.55 ? 137 LEU A CG  1 
ATOM   1049 C CD1 . LEU A 1 137 ? -5.650  -7.299  3.866   1.00 118.64 ? 137 LEU A CD1 1 
ATOM   1050 C CD2 . LEU A 1 137 ? -8.077  -6.688  3.889   1.00 123.25 ? 137 LEU A CD2 1 
ATOM   1051 N N   . LEU A 1 138 ? -7.541  -6.187  -1.497  1.00 132.93 ? 138 LEU A N   1 
ATOM   1052 C CA  . LEU A 1 138 ? -7.620  -5.213  -2.588  1.00 134.75 ? 138 LEU A CA  1 
ATOM   1053 C C   . LEU A 1 138 ? -8.909  -5.352  -3.411  1.00 141.46 ? 138 LEU A C   1 
ATOM   1054 O O   . LEU A 1 138 ? -9.305  -4.417  -4.110  1.00 138.32 ? 138 LEU A O   1 
ATOM   1055 C CB  . LEU A 1 138 ? -6.390  -5.329  -3.491  1.00 127.49 ? 138 LEU A CB  1 
ATOM   1056 C CG  . LEU A 1 138 ? -5.064  -4.999  -2.795  1.00 120.70 ? 138 LEU A CG  1 
ATOM   1057 C CD1 . LEU A 1 138 ? -3.891  -5.330  -3.705  1.00 119.66 ? 138 LEU A CD1 1 
ATOM   1058 C CD2 . LEU A 1 138 ? -5.016  -3.542  -2.358  1.00 119.10 ? 138 LEU A CD2 1 
ATOM   1059 N N   . GLU A 1 139 ? -9.582  -6.467  -3.213  1.00 148.47 ? 139 GLU A N   1 
ATOM   1060 C CA  . GLU A 1 139 ? -10.902 -6.610  -3.746  1.00 152.18 ? 139 GLU A CA  1 
ATOM   1061 C C   . GLU A 1 139 ? -11.693 -5.504  -3.086  1.00 153.34 ? 139 GLU A C   1 
ATOM   1062 O O   . GLU A 1 139 ? -12.545 -4.879  -3.712  1.00 154.06 ? 139 GLU A O   1 
ATOM   1063 C CB  . GLU A 1 139 ? -11.475 -7.964  -3.369  1.00 149.45 ? 139 GLU A CB  1 
ATOM   1064 N N   . LYS A 1 140 ? -11.576 -5.458  -1.836  1.00 149.21 ? 140 LYS A N   1 
ATOM   1065 C CA  . LYS A 1 140 ? -12.425 -4.607  -0.991  1.00 143.46 ? 140 LYS A CA  1 
ATOM   1066 C C   . LYS A 1 140 ? -12.609 -3.204  -1.575  1.00 144.90 ? 140 LYS A C   1 
ATOM   1067 O O   . LYS A 1 140 ? -13.733 -2.810  -1.895  1.00 148.78 ? 140 LYS A O   1 
ATOM   1068 C CB  . LYS A 1 140 ? -11.861 -4.523  0.424   1.00 136.54 ? 140 LYS A CB  1 
ATOM   1069 N N   . ILE A 1 141 ? -11.510 -2.464  -1.650  1.00 141.07 ? 141 ILE A N   1 
ATOM   1070 C CA  . ILE A 1 141 ? -11.610 -1.124  -2.175  1.00 139.46 ? 141 ILE A CA  1 
ATOM   1071 C C   . ILE A 1 141 ? -11.638 -1.334  -3.658  1.00 142.08 ? 141 ILE A C   1 
ATOM   1072 O O   . ILE A 1 141 ? -10.913 -0.702  -4.416  1.00 134.35 ? 141 ILE A O   1 
ATOM   1073 C CB  . ILE A 1 141 ? -10.455 -0.239  -1.731  1.00 20.00  ? 141 ILE A CB  1 
ATOM   1074 N N   . SER A 1 142 ? -12.517 -2.247  -4.046  1.00 148.84 ? 142 SER A N   1 
ATOM   1075 C CA  . SER A 1 142 ? -12.994 -2.398  -5.404  1.00 151.61 ? 142 SER A CA  1 
ATOM   1076 C C   . SER A 1 142 ? -13.790 -1.173  -5.819  1.00 151.82 ? 142 SER A C   1 
ATOM   1077 O O   . SER A 1 142 ? -13.721 -0.727  -6.956  1.00 152.80 ? 142 SER A O   1 
ATOM   1078 C CB  . SER A 1 142 ? -13.849 -3.648  -5.522  1.00 20.00  ? 142 SER A CB  1 
ATOM   1079 N N   . ALA A 1 143 ? -14.559 -0.632  -4.885  1.00 154.43 ? 143 ALA A N   1 
ATOM   1080 C CA  . ALA A 1 143 ? -15.539 0.377   -5.229  1.00 157.03 ? 143 ALA A CA  1 
ATOM   1081 C C   . ALA A 1 143 ? -14.884 1.732   -5.360  1.00 157.80 ? 143 ALA A C   1 
ATOM   1082 O O   . ALA A 1 143 ? -15.227 2.681   -4.662  1.00 164.62 ? 143 ALA A O   1 
ATOM   1083 C CB  . ALA A 1 143 ? -16.631 0.424   -4.169  1.00 20.00  ? 143 ALA A CB  1 
ATOM   1084 N N   . GLY A 1 144 ? -13.919 1.809   -6.262  1.00 151.49 ? 144 GLY A N   1 
ATOM   1085 C CA  . GLY A 1 144 ? -13.353 3.077   -6.653  1.00 147.04 ? 144 GLY A CA  1 
ATOM   1086 C C   . GLY A 1 144 ? -12.745 3.730   -5.442  1.00 140.74 ? 144 GLY A C   1 
ATOM   1087 O O   . GLY A 1 144 ? -12.533 4.931   -5.417  1.00 133.41 ? 144 GLY A O   1 
ATOM   1088 N N   . GLY A 1 145 ? -12.448 2.933   -4.433  1.00 138.66 ? 145 GLY A N   1 
ATOM   1089 C CA  . GLY A 1 145 ? -11.909 3.468   -3.205  1.00 137.37 ? 145 GLY A CA  1 
ATOM   1090 C C   . GLY A 1 145 ? -12.942 4.066   -2.267  1.00 137.53 ? 145 GLY A C   1 
ATOM   1091 O O   . GLY A 1 145 ? -12.558 4.611   -1.247  1.00 126.63 ? 145 GLY A O   1 
ATOM   1092 N N   . TYR A 1 146 ? -14.237 3.975   -2.578  1.00 141.40 ? 146 TYR A N   1 
ATOM   1093 C CA  . TYR A 1 146 ? -15.231 4.496   -1.640  1.00 138.83 ? 146 TYR A CA  1 
ATOM   1094 C C   . TYR A 1 146 ? -15.120 3.700   -0.370  1.00 138.37 ? 146 TYR A C   1 
ATOM   1095 O O   . TYR A 1 146 ? -15.216 4.234   0.720   1.00 134.14 ? 146 TYR A O   1 
ATOM   1096 C CB  . TYR A 1 146 ? -16.688 4.276   -2.074  1.00 20.00  ? 146 TYR A CB  1 
ATOM   1097 C CG  . TYR A 1 146 ? -17.115 4.639   -3.461  1.00 20.00  ? 146 TYR A CG  1 
ATOM   1098 C CD1 . TYR A 1 146 ? -16.258 5.233   -4.350  1.00 20.00  ? 146 TYR A CD1 1 
ATOM   1099 C CD2 . TYR A 1 146 ? -18.406 4.373   -3.871  1.00 20.00  ? 146 TYR A CD2 1 
ATOM   1100 C CE1 . TYR A 1 146 ? -16.671 5.549   -5.624  1.00 20.00  ? 146 TYR A CE1 1 
ATOM   1101 C CE2 . TYR A 1 146 ? -18.834 4.680   -5.139  1.00 20.00  ? 146 TYR A CE2 1 
ATOM   1102 C CZ  . TYR A 1 146 ? -17.961 5.273   -6.014  1.00 20.00  ? 146 TYR A CZ  1 
ATOM   1103 O OH  . TYR A 1 146 ? -18.383 5.588   -7.288  1.00 20.00  ? 146 TYR A OH  1 
ATOM   1104 N N   . GLY A 1 147 ? -15.017 2.392   -0.531  1.00 137.44 ? 147 GLY A N   1 
ATOM   1105 C CA  . GLY A 1 147 ? -15.152 1.478   0.575   1.00 134.94 ? 147 GLY A CA  1 
ATOM   1106 C C   . GLY A 1 147 ? -16.064 0.362   0.121   1.00 136.22 ? 147 GLY A C   1 
ATOM   1107 O O   . GLY A 1 147 ? -16.252 0.155   -1.078  1.00 132.93 ? 147 GLY A O   1 
ATOM   1108 N N   . ASP A 1 148 ? -16.636 -0.355  1.081   1.00 134.90 ? 148 ASP A N   1 
ATOM   1109 C CA  . ASP A 1 148 ? -17.570 -1.437  0.791   1.00 130.19 ? 148 ASP A CA  1 
ATOM   1110 C C   . ASP A 1 148 ? -18.854 -0.979  0.117   1.00 126.38 ? 148 ASP A C   1 
ATOM   1111 O O   . ASP A 1 148 ? -19.325 -1.622  -0.817  1.00 120.40 ? 148 ASP A O   1 
ATOM   1112 C CB  . ASP A 1 148 ? -17.899 -2.182  2.068   1.00 20.00  ? 148 ASP A CB  1 
ATOM   1113 N N   . LYS A 1 149 ? -19.404 0.139   0.594   1.00 121.71 ? 149 LYS A N   1 
ATOM   1114 C CA  . LYS A 1 149 ? -20.708 0.619   0.148   1.00 111.97 ? 149 LYS A CA  1 
ATOM   1115 C C   . LYS A 1 149 ? -20.580 1.664   -0.938  1.00 104.98 ? 149 LYS A C   1 
ATOM   1116 O O   . LYS A 1 149 ? -20.101 2.756   -0.713  1.00 102.15 ? 149 LYS A O   1 
ATOM   1117 C CB  . LYS A 1 149 ? -21.492 1.180   1.320   1.00 20.00  ? 149 LYS A CB  1 
ATOM   1118 N N   . ARG A 1 150 ? -21.027 1.307   -2.126  1.00 95.36  ? 150 ARG A N   1 
ATOM   1119 C CA  . ARG A 1 150 ? -20.969 2.195   -3.250  1.00 91.32  ? 150 ARG A CA  1 
ATOM   1120 C C   . ARG A 1 150 ? -22.091 3.189   -3.153  1.00 88.77  ? 150 ARG A C   1 
ATOM   1121 O O   . ARG A 1 150 ? -23.063 2.974   -2.458  1.00 85.99  ? 150 ARG A O   1 
ATOM   1122 C CB  . ARG A 1 150 ? -21.054 1.415   -4.537  1.00 20.00  ? 150 ARG A CB  1 
ATOM   1123 N N   . LEU A 1 151 ? -21.930 4.302   -3.836  1.00 83.96  ? 151 LEU A N   1 
ATOM   1124 C CA  . LEU A 1 151 ? -22.981 5.268   -3.949  1.00 78.04  ? 151 LEU A CA  1 
ATOM   1125 C C   . LEU A 1 151 ? -24.062 4.710   -4.828  1.00 72.70  ? 151 LEU A C   1 
ATOM   1126 O O   . LEU A 1 151 ? -23.780 4.086   -5.823  1.00 72.68  ? 151 LEU A O   1 
ATOM   1127 C CB  . LEU A 1 151 ? -22.435 6.520   -4.600  1.00 20.00  ? 151 LEU A CB  1 
ATOM   1128 C CG  . LEU A 1 151 ? -21.876 7.649   -3.755  1.00 20.00  ? 151 LEU A CG  1 
ATOM   1129 C CD1 . LEU A 1 151 ? -22.042 7.389   -2.284  1.00 20.00  ? 151 LEU A CD1 1 
ATOM   1130 C CD2 . LEU A 1 151 ? -20.429 7.891   -4.088  1.00 20.00  ? 151 LEU A CD2 1 
ATOM   1131 N N   . SER A 1 152 ? -25.304 4.959   -4.463  1.00 67.59  ? 152 SER A N   1 
ATOM   1132 C CA  . SER A 1 152 ? -26.420 4.706   -5.334  1.00 67.32  ? 152 SER A CA  1 
ATOM   1133 C C   . SER A 1 152 ? -26.422 5.729   -6.430  1.00 71.58  ? 152 SER A C   1 
ATOM   1134 O O   . SER A 1 152 ? -25.988 6.849   -6.225  1.00 73.04  ? 152 SER A O   1 
ATOM   1135 C CB  . SER A 1 152 ? -27.722 4.766   -4.567  1.00 20.00  ? 152 SER A CB  1 
ATOM   1136 O OG  . SER A 1 152 ? -28.158 6.082   -4.390  1.00 20.00  ? 152 SER A OG  1 
ATOM   1137 N N   . PRO A 1 153 ? -26.904 5.332   -7.605  1.00 76.32  ? 153 PRO A N   1 
ATOM   1138 C CA  . PRO A 1 153 ? -26.971 6.234   -8.758  1.00 74.15  ? 153 PRO A CA  1 
ATOM   1139 C C   . PRO A 1 153 ? -27.592 7.569   -8.369  1.00 68.08  ? 153 PRO A C   1 
ATOM   1140 O O   . PRO A 1 153 ? -27.078 8.622   -8.744  1.00 66.02  ? 153 PRO A O   1 
ATOM   1141 C CB  . PRO A 1 153 ? -27.890 5.489   -9.727  1.00 20.00  ? 153 PRO A CB  1 
ATOM   1142 C CG  . PRO A 1 153 ? -28.763 4.663   -8.847  1.00 20.00  ? 153 PRO A CG  1 
ATOM   1143 C CD  . PRO A 1 153 ? -27.902 4.252   -7.685  1.00 20.00  ? 153 PRO A CD  1 
ATOM   1144 N N   . LYS A 1 154 ? -28.687 7.518   -7.619  1.00 70.34  ? 154 LYS A N   1 
ATOM   1145 C CA  . LYS A 1 154 ? -29.337 8.723   -7.155  1.00 73.39  ? 154 LYS A CA  1 
ATOM   1146 C C   . LYS A 1 154 ? -28.383 9.526   -6.287  1.00 68.70  ? 154 LYS A C   1 
ATOM   1147 O O   . LYS A 1 154 ? -28.301 10.720  -6.400  1.00 68.14  ? 154 LYS A O   1 
ATOM   1148 C CB  . LYS A 1 154 ? -30.586 8.368   -6.373  1.00 20.00  ? 154 LYS A CB  1 
ATOM   1149 C CG  . LYS A 1 154 ? -31.827 8.284   -7.229  1.00 20.00  ? 154 LYS A CG  1 
ATOM   1150 C CD  . LYS A 1 154 ? -32.954 7.553   -6.536  1.00 20.00  ? 154 LYS A CD  1 
ATOM   1151 C CE  . LYS A 1 154 ? -34.016 7.139   -7.533  1.00 20.00  ? 154 LYS A CE  1 
ATOM   1152 N NZ  . LYS A 1 154 ? -34.949 6.109   -7.000  1.00 20.00  ? 154 LYS A NZ  1 
ATOM   1153 N N   . GLU A 1 155 ? -27.652 8.857   -5.417  1.00 66.20  ? 155 GLU A N   1 
ATOM   1154 C CA  . GLU A 1 155 ? -26.716 9.529   -4.542  1.00 61.67  ? 155 GLU A CA  1 
ATOM   1155 C C   . GLU A 1 155 ? -25.595 10.186  -5.306  1.00 59.83  ? 155 GLU A C   1 
ATOM   1156 O O   . GLU A 1 155 ? -25.212 11.280  -5.011  1.00 59.36  ? 155 GLU A O   1 
ATOM   1157 C CB  . GLU A 1 155 ? -26.140 8.537   -3.548  1.00 62.57  ? 155 GLU A CB  1 
ATOM   1158 C CG  . GLU A 1 155 ? -26.917 8.404   -2.259  1.00 65.08  ? 155 GLU A CG  1 
ATOM   1159 C CD  . GLU A 1 155 ? -26.605 7.137   -1.497  1.00 66.01  ? 155 GLU A CD  1 
ATOM   1160 O OE1 . GLU A 1 155 ? -25.822 6.318   -1.972  1.00 61.62  ? 155 GLU A OE1 1 
ATOM   1161 O OE2 . GLU A 1 155 ? -27.154 6.955   -0.411  1.00 69.10  ? 155 GLU A OE2 1 
ATOM   1162 N N   . SER A 1 156 ? -25.071 9.491   -6.295  1.00 56.73  ? 156 SER A N   1 
ATOM   1163 C CA  . SER A 1 156 ? -24.015 9.994   -7.199  1.00 59.82  ? 156 SER A CA  1 
ATOM   1164 C C   . SER A 1 156 ? -24.449 11.238  -7.955  1.00 60.61  ? 156 SER A C   1 
ATOM   1165 O O   . SER A 1 156 ? -23.682 12.186  -8.097  1.00 61.18  ? 156 SER A O   1 
ATOM   1166 C CB  . SER A 1 156 ? -23.615 8.941   -8.225  1.00 61.64  ? 156 SER A CB  1 
ATOM   1167 O OG  . SER A 1 156 ? -23.566 7.663   -7.630  1.00 75.40  ? 156 SER A OG  1 
ATOM   1168 N N   . GLU A 1 157 ? -25.681 11.214  -8.453  1.00 60.41  ? 157 GLU A N   1 
ATOM   1169 C CA  . GLU A 1 157 ? -26.230 12.330  -9.195  1.00 60.33  ? 157 GLU A CA  1 
ATOM   1170 C C   . GLU A 1 157 ? -26.286 13.586  -8.337  1.00 59.32  ? 157 GLU A C   1 
ATOM   1171 O O   . GLU A 1 157 ? -25.857 14.656  -8.759  1.00 62.09  ? 157 GLU A O   1 
ATOM   1172 C CB  . GLU A 1 157 ? -27.626 11.962  -9.687  1.00 64.97  ? 157 GLU A CB  1 
ATOM   1173 C CG  . GLU A 1 157 ? -28.307 13.017  -10.540 1.00 69.86  ? 157 GLU A CG  1 
ATOM   1174 C CD  . GLU A 1 157 ? -27.499 13.429  -11.762 1.00 72.09  ? 157 GLU A CD  1 
ATOM   1175 O OE1 . GLU A 1 157 ? -26.586 12.679  -12.190 1.00 74.27  ? 157 GLU A OE1 1 
ATOM   1176 O OE2 . GLU A 1 157 ? -27.781 14.523  -12.302 1.00 74.45  ? 157 GLU A OE2 1 
ATOM   1177 N N   . VAL A 1 158 ? -26.797 13.446  -7.123  1.00 56.40  ? 158 VAL A N   1 
ATOM   1178 C CA  . VAL A 1 158 ? -26.886 14.569  -6.197  1.00 58.52  ? 158 VAL A CA  1 
ATOM   1179 C C   . VAL A 1 158 ? -25.517 15.227  -5.980  1.00 59.25  ? 158 VAL A C   1 
ATOM   1180 O O   . VAL A 1 158 ? -25.387 16.453  -6.031  1.00 58.21  ? 158 VAL A O   1 
ATOM   1181 C CB  . VAL A 1 158 ? -27.461 14.114  -4.839  1.00 61.12  ? 158 VAL A CB  1 
ATOM   1182 C CG1 . VAL A 1 158 ? -27.352 15.227  -3.796  1.00 63.58  ? 158 VAL A CG1 1 
ATOM   1183 C CG2 . VAL A 1 158 ? -28.909 13.666  -4.991  1.00 60.31  ? 158 VAL A CG2 1 
ATOM   1184 N N   . LEU A 1 159 ? -24.506 14.398  -5.735  1.00 58.24  ? 159 LEU A N   1 
ATOM   1185 C CA  . LEU A 1 159 ? -23.141 14.869  -5.517  1.00 56.86  ? 159 LEU A CA  1 
ATOM   1186 C C   . LEU A 1 159 ? -22.530 15.479  -6.772  1.00 56.54  ? 159 LEU A C   1 
ATOM   1187 O O   . LEU A 1 159 ? -21.783 16.455  -6.690  1.00 58.56  ? 159 LEU A O   1 
ATOM   1188 C CB  . LEU A 1 159 ? -22.249 13.721  -5.022  1.00 57.30  ? 159 LEU A CB  1 
ATOM   1189 C CG  . LEU A 1 159 ? -22.492 13.170  -3.611  1.00 55.68  ? 159 LEU A CG  1 
ATOM   1190 C CD1 . LEU A 1 159 ? -21.403 12.171  -3.302  1.00 55.51  ? 159 LEU A CD1 1 
ATOM   1191 C CD2 . LEU A 1 159 ? -22.495 14.259  -2.553  1.00 58.05  ? 159 LEU A CD2 1 
ATOM   1192 N N   . ARG A 1 160 ? -22.843 14.900  -7.926  1.00 56.79  ? 160 ARG A N   1 
ATOM   1193 C CA  . ARG A 1 160 ? -22.422 15.462  -9.210  1.00 60.85  ? 160 ARG A CA  1 
ATOM   1194 C C   . ARG A 1 160 ? -22.875 16.914  -9.350  1.00 61.99  ? 160 ARG A C   1 
ATOM   1195 O O   . ARG A 1 160 ? -22.095 17.776  -9.745  1.00 62.14  ? 160 ARG A O   1 
ATOM   1196 C CB  . ARG A 1 160 ? -23.008 14.651  -10.368 1.00 64.92  ? 160 ARG A CB  1 
ATOM   1197 C CG  . ARG A 1 160 ? -22.168 14.678  -11.631 1.00 64.70  ? 160 ARG A CG  1 
ATOM   1198 C CD  . ARG A 1 160 ? -23.012 14.412  -12.861 1.00 64.82  ? 160 ARG A CD  1 
ATOM   1199 N NE  . ARG A 1 160 ? -23.459 15.673  -13.453 1.00 73.37  ? 160 ARG A NE  1 
ATOM   1200 C CZ  . ARG A 1 160 ? -24.714 15.983  -13.782 1.00 72.13  ? 160 ARG A CZ  1 
ATOM   1201 N NH1 . ARG A 1 160 ? -24.978 17.168  -14.310 1.00 70.95  ? 160 ARG A NH1 1 
ATOM   1202 N NH2 . ARG A 1 160 ? -25.704 15.125  -13.601 1.00 74.49  ? 160 ARG A NH2 1 
ATOM   1203 N N   . LEU A 1 161 ? -24.137 17.172  -9.014  1.00 59.91  ? 161 LEU A N   1 
ATOM   1204 C CA  . LEU A 1 161 ? -24.706 18.507  -9.142  1.00 59.22  ? 161 LEU A CA  1 
ATOM   1205 C C   . LEU A 1 161 ? -24.169 19.443  -8.083  1.00 58.49  ? 161 LEU A C   1 
ATOM   1206 O O   . LEU A 1 161 ? -23.901 20.610  -8.366  1.00 61.56  ? 161 LEU A O   1 
ATOM   1207 C CB  . LEU A 1 161 ? -26.233 18.459  -9.069  1.00 61.33  ? 161 LEU A CB  1 
ATOM   1208 C CG  . LEU A 1 161 ? -26.889 17.764  -10.261 1.00 62.47  ? 161 LEU A CG  1 
ATOM   1209 C CD1 . LEU A 1 161 ? -28.383 17.572  -10.045 1.00 62.68  ? 161 LEU A CD1 1 
ATOM   1210 C CD2 . LEU A 1 161 ? -26.615 18.546  -11.537 1.00 61.34  ? 161 LEU A CD2 1 
ATOM   1211 N N   . PHE A 1 162 ? -24.010 18.955  -6.861  1.00 56.61  ? 162 PHE A N   1 
ATOM   1212 C CA  . PHE A 1 162 ? -23.390 19.789  -5.842  1.00 59.42  ? 162 PHE A CA  1 
ATOM   1213 C C   . PHE A 1 162 ? -22.021 20.271  -6.330  1.00 59.48  ? 162 PHE A C   1 
ATOM   1214 O O   . PHE A 1 162 ? -21.736 21.463  -6.300  1.00 58.86  ? 162 PHE A O   1 
ATOM   1215 C CB  . PHE A 1 162 ? -23.248 19.053  -4.514  1.00 58.73  ? 162 PHE A CB  1 
ATOM   1216 C CG  . PHE A 1 162 ? -23.001 19.970  -3.353  1.00 60.88  ? 162 PHE A CG  1 
ATOM   1217 C CD1 . PHE A 1 162 ? -24.008 20.811  -2.897  1.00 62.26  ? 162 PHE A CD1 1 
ATOM   1218 C CD2 . PHE A 1 162 ? -21.766 19.997  -2.713  1.00 63.83  ? 162 PHE A CD2 1 
ATOM   1219 C CE1 . PHE A 1 162 ? -23.790 21.662  -1.825  1.00 63.70  ? 162 PHE A CE1 1 
ATOM   1220 C CE2 . PHE A 1 162 ? -21.539 20.846  -1.642  1.00 63.93  ? 162 PHE A CE2 1 
ATOM   1221 C CZ  . PHE A 1 162 ? -22.551 21.681  -1.196  1.00 64.11  ? 162 PHE A CZ  1 
ATOM   1222 N N   . ALA A 1 163 ? -21.203 19.338  -6.811  1.00 59.92  ? 163 ALA A N   1 
ATOM   1223 C CA  . ALA A 1 163 ? -19.868 19.648  -7.311  1.00 60.35  ? 163 ALA A CA  1 
ATOM   1224 C C   . ALA A 1 163 ? -19.903 20.642  -8.471  1.00 63.31  ? 163 ALA A C   1 
ATOM   1225 O O   . ALA A 1 163 ? -19.002 21.470  -8.611  1.00 67.56  ? 163 ALA A O   1 
ATOM   1226 C CB  . ALA A 1 163 ? -19.169 18.371  -7.741  1.00 57.68  ? 163 ALA A CB  1 
ATOM   1227 N N   . GLU A 1 164 ? -20.943 20.556  -9.297  1.00 62.70  ? 164 GLU A N   1 
ATOM   1228 C CA  . GLU A 1 164 ? -21.138 21.507  -10.397 1.00 64.76  ? 164 GLU A CA  1 
ATOM   1229 C C   . GLU A 1 164 ? -21.607 22.889  -9.929  1.00 64.69  ? 164 GLU A C   1 
ATOM   1230 O O   . GLU A 1 164 ? -21.746 23.786  -10.756 1.00 67.95  ? 164 GLU A O   1 
ATOM   1231 C CB  . GLU A 1 164 ? -22.148 20.968  -11.423 1.00 64.22  ? 164 GLU A CB  1 
ATOM   1232 C CG  . GLU A 1 164 ? -21.708 19.731  -12.184 1.00 64.95  ? 164 GLU A CG  1 
ATOM   1233 C CD  . GLU A 1 164 ? -20.711 20.006  -13.299 1.00 66.54  ? 164 GLU A CD  1 
ATOM   1234 O OE1 . GLU A 1 164 ? -20.693 19.222  -14.280 1.00 65.10  ? 164 GLU A OE1 1 
ATOM   1235 O OE2 . GLU A 1 164 ? -19.941 20.986  -13.205 1.00 67.91  ? 164 GLU A OE2 1 
ATOM   1236 N N   . GLY A 1 165 ? -21.876 23.057  -8.631  1.00 65.45  ? 165 GLY A N   1 
ATOM   1237 C CA  . GLY A 1 165 ? -22.215 24.366  -8.057  1.00 63.34  ? 165 GLY A CA  1 
ATOM   1238 C C   . GLY A 1 165 ? -23.689 24.605  -7.757  1.00 64.92  ? 165 GLY A C   1 
ATOM   1239 O O   . GLY A 1 165 ? -24.078 25.720  -7.412  1.00 67.92  ? 165 GLY A O   1 
ATOM   1240 N N   . PHE A 1 166 ? -24.512 23.566  -7.866  1.00 65.07  ? 166 PHE A N   1 
ATOM   1241 C CA  . PHE A 1 166 ? -25.926 23.662  -7.497  1.00 63.72  ? 166 PHE A CA  1 
ATOM   1242 C C   . PHE A 1 166 ? -26.080 23.588  -5.975  1.00 67.55  ? 166 PHE A C   1 
ATOM   1243 O O   . PHE A 1 166 ? -25.460 22.745  -5.325  1.00 67.04  ? 166 PHE A O   1 
ATOM   1244 C CB  . PHE A 1 166 ? -26.733 22.512  -8.111  1.00 62.06  ? 166 PHE A CB  1 
ATOM   1245 C CG  . PHE A 1 166 ? -26.999 22.655  -9.589  1.00 60.20  ? 166 PHE A CG  1 
ATOM   1246 C CD1 . PHE A 1 166 ? -25.961 22.695  -10.503 1.00 59.81  ? 166 PHE A CD1 1 
ATOM   1247 C CD2 . PHE A 1 166 ? -28.302 22.705  -10.069 1.00 61.76  ? 166 PHE A CD2 1 
ATOM   1248 C CE1 . PHE A 1 166 ? -26.210 22.804  -11.858 1.00 61.36  ? 166 PHE A CE1 1 
ATOM   1249 C CE2 . PHE A 1 166 ? -28.558 22.812  -11.428 1.00 62.80  ? 166 PHE A CE2 1 
ATOM   1250 C CZ  . PHE A 1 166 ? -27.511 22.863  -12.325 1.00 61.37  ? 166 PHE A CZ  1 
ATOM   1251 N N   . LEU A 1 167 ? -26.907 24.462  -5.409  1.00 72.24  ? 167 LEU A N   1 
ATOM   1252 C CA  . LEU A 1 167 ? -27.325 24.330  -4.014  1.00 73.64  ? 167 LEU A CA  1 
ATOM   1253 C C   . LEU A 1 167 ? -28.409 23.256  -3.940  1.00 76.95  ? 167 LEU A C   1 
ATOM   1254 O O   . LEU A 1 167 ? -29.020 22.915  -4.957  1.00 82.51  ? 167 LEU A O   1 
ATOM   1255 C CB  . LEU A 1 167 ? -27.861 25.658  -3.487  1.00 76.37  ? 167 LEU A CB  1 
ATOM   1256 C CG  . LEU A 1 167 ? -26.890 26.841  -3.510  1.00 77.67  ? 167 LEU A CG  1 
ATOM   1257 C CD1 . LEU A 1 167 ? -27.653 28.152  -3.460  1.00 77.75  ? 167 LEU A CD1 1 
ATOM   1258 C CD2 . LEU A 1 167 ? -25.887 26.763  -2.365  1.00 79.72  ? 167 LEU A CD2 1 
ATOM   1259 N N   . VAL A 1 168 ? -28.652 22.723  -2.746  1.00 76.13  ? 168 VAL A N   1 
ATOM   1260 C CA  . VAL A 1 168 ? -29.619 21.626  -2.573  1.00 76.45  ? 168 VAL A CA  1 
ATOM   1261 C C   . VAL A 1 168 ? -31.007 21.946  -3.143  1.00 77.72  ? 168 VAL A C   1 
ATOM   1262 O O   . VAL A 1 168 ? -31.649 21.081  -3.741  1.00 78.81  ? 168 VAL A O   1 
ATOM   1263 C CB  . VAL A 1 168 ? -29.759 21.223  -1.086  1.00 76.04  ? 168 VAL A CB  1 
ATOM   1264 C CG1 . VAL A 1 168 ? -30.992 20.357  -0.859  1.00 76.88  ? 168 VAL A CG1 1 
ATOM   1265 C CG2 . VAL A 1 168 ? -28.505 20.496  -0.612  1.00 77.73  ? 168 VAL A CG2 1 
ATOM   1266 N N   . THR A 1 169 ? -31.472 23.180  -2.966  1.00 80.13  ? 169 THR A N   1 
ATOM   1267 C CA  . THR A 1 169 ? -32.813 23.536  -3.436  1.00 85.95  ? 169 THR A CA  1 
ATOM   1268 C C   . THR A 1 169 ? -32.875 23.479  -4.968  1.00 85.79  ? 169 THR A C   1 
ATOM   1269 O O   . THR A 1 169 ? -33.877 23.032  -5.537  1.00 84.72  ? 169 THR A O   1 
ATOM   1270 C CB  . THR A 1 169 ? -33.279 24.913  -2.905  1.00 90.05  ? 169 THR A CB  1 
ATOM   1271 O OG1 . THR A 1 169 ? -32.429 25.952  -3.401  1.00 87.82  ? 169 THR A OG1 1 
ATOM   1272 C CG2 . THR A 1 169 ? -33.265 24.931  -1.366  1.00 94.24  ? 169 THR A CG2 1 
ATOM   1273 N N   . GLU A 1 170 ? -31.789 23.898  -5.617  1.00 80.67  ? 170 GLU A N   1 
ATOM   1274 C CA  . GLU A 1 170 ? -31.661 23.816  -7.072  1.00 76.66  ? 170 GLU A CA  1 
ATOM   1275 C C   . GLU A 1 170 ? -31.608 22.366  -7.568  1.00 78.21  ? 170 GLU A C   1 
ATOM   1276 O O   . GLU A 1 170 ? -32.108 22.054  -8.654  1.00 84.28  ? 170 GLU A O   1 
ATOM   1277 C CB  . GLU A 1 170 ? -30.414 24.574  -7.538  1.00 80.57  ? 170 GLU A CB  1 
ATOM   1278 C CG  . GLU A 1 170 ? -30.478 26.081  -7.303  1.00 83.42  ? 170 GLU A CG  1 
ATOM   1279 C CD  . GLU A 1 170 ? -29.115 26.764  -7.249  1.00 85.65  ? 170 GLU A CD  1 
ATOM   1280 O OE1 . GLU A 1 170 ? -28.076 26.080  -7.299  1.00 89.80  ? 170 GLU A OE1 1 
ATOM   1281 O OE2 . GLU A 1 170 ? -29.078 28.007  -7.137  1.00 89.83  ? 170 GLU A OE2 1 
ATOM   1282 N N   . ILE A 1 171 ? -31.007 21.482  -6.775  1.00 73.31  ? 171 ILE A N   1 
ATOM   1283 C CA  . ILE A 1 171 ? -30.926 20.074  -7.134  1.00 69.50  ? 171 ILE A CA  1 
ATOM   1284 C C   . ILE A 1 171 ? -32.302 19.427  -7.069  1.00 72.72  ? 171 ILE A C   1 
ATOM   1285 O O   . ILE A 1 171 ? -32.640 18.605  -7.925  1.00 75.26  ? 171 ILE A O   1 
ATOM   1286 C CB  . ILE A 1 171 ? -29.940 19.304  -6.224  1.00 69.03  ? 171 ILE A CB  1 
ATOM   1287 C CG1 . ILE A 1 171 ? -28.514 19.843  -6.418  1.00 67.45  ? 171 ILE A CG1 1 
ATOM   1288 C CG2 . ILE A 1 171 ? -29.991 17.804  -6.516  1.00 68.41  ? 171 ILE A CG2 1 
ATOM   1289 C CD1 . ILE A 1 171 ? -27.469 19.211  -5.524  1.00 64.22  ? 171 ILE A CD1 1 
ATOM   1290 N N   . ALA A 1 172 ? -33.081 19.780  -6.046  1.00 76.21  ? 172 ALA A N   1 
ATOM   1291 C CA  . ALA A 1 172 ? -34.453 19.270  -5.892  1.00 77.74  ? 172 ALA A CA  1 
ATOM   1292 C C   . ALA A 1 172 ? -35.308 19.580  -7.126  1.00 78.92  ? 172 ALA A C   1 
ATOM   1293 O O   . ALA A 1 172 ? -36.046 18.732  -7.619  1.00 77.34  ? 172 ALA A O   1 
ATOM   1294 C CB  . ALA A 1 172 ? -35.092 19.873  -4.653  1.00 78.13  ? 172 ALA A CB  1 
ATOM   1295 N N   . LYS A 1 173 ? -35.185 20.806  -7.618  1.00 81.73  ? 173 LYS A N   1 
ATOM   1296 C CA  . LYS A 1 173 ? -35.890 21.239  -8.810  1.00 85.18  ? 173 LYS A CA  1 
ATOM   1297 C C   . LYS A 1 173 ? -35.358 20.467  -10.002 1.00 83.65  ? 173 LYS A C   1 
ATOM   1298 O O   . LYS A 1 173 ? -36.097 19.735  -10.651 1.00 87.55  ? 173 LYS A O   1 
ATOM   1299 C CB  . LYS A 1 173 ? -35.698 22.742  -9.025  1.00 92.43  ? 173 LYS A CB  1 
ATOM   1300 C CG  . LYS A 1 173 ? -36.979 23.486  -9.357  1.00 100.49 ? 173 LYS A CG  1 
ATOM   1301 C CD  . LYS A 1 173 ? -36.925 24.930  -8.875  1.00 106.73 ? 173 LYS A CD  1 
ATOM   1302 C CE  . LYS A 1 173 ? -37.121 25.031  -7.364  1.00 106.94 ? 173 LYS A CE  1 
ATOM   1303 N NZ  . LYS A 1 173 ? -36.809 26.394  -6.846  1.00 105.66 ? 173 LYS A NZ  1 
ATOM   1304 N N   . LYS A 1 174 ? -34.062 20.602  -10.258 1.00 79.57  ? 174 LYS A N   1 
ATOM   1305 C CA  . LYS A 1 174 ? -33.418 19.901  -11.359 1.00 76.96  ? 174 LYS A CA  1 
ATOM   1306 C C   . LYS A 1 174 ? -33.827 18.426  -11.428 1.00 80.41  ? 174 LYS A C   1 
ATOM   1307 O O   . LYS A 1 174 ? -34.151 17.928  -12.504 1.00 83.30  ? 174 LYS A O   1 
ATOM   1308 C CB  . LYS A 1 174 ? -31.898 20.033  -11.235 1.00 78.33  ? 174 LYS A CB  1 
ATOM   1309 C CG  . LYS A 1 174 ? -31.080 19.203  -12.219 1.00 84.68  ? 174 LYS A CG  1 
ATOM   1310 C CD  . LYS A 1 174 ? -31.086 19.785  -13.621 1.00 87.38  ? 174 LYS A CD  1 
ATOM   1311 C CE  . LYS A 1 174 ? -30.287 18.913  -14.577 1.00 86.23  ? 174 LYS A CE  1 
ATOM   1312 N NZ  . LYS A 1 174 ? -29.990 19.639  -15.842 1.00 89.90  ? 174 LYS A NZ  1 
ATOM   1313 N N   . LEU A 1 175 ? -33.820 17.735  -10.287 1.00 80.71  ? 175 LEU A N   1 
ATOM   1314 C CA  . LEU A 1 175 ? -34.059 16.289  -10.260 1.00 79.49  ? 175 LEU A CA  1 
ATOM   1315 C C   . LEU A 1 175 ? -35.508 15.910  -9.992  1.00 83.83  ? 175 LEU A C   1 
ATOM   1316 O O   . LEU A 1 175 ? -35.867 14.733  -10.095 1.00 81.52  ? 175 LEU A O   1 
ATOM   1317 C CB  . LEU A 1 175 ? -33.163 15.609  -9.218  1.00 78.97  ? 175 LEU A CB  1 
ATOM   1318 C CG  . LEU A 1 175 ? -31.665 15.582  -9.522  1.00 77.91  ? 175 LEU A CG  1 
ATOM   1319 C CD1 . LEU A 1 175 ? -30.916 14.813  -8.445  1.00 77.25  ? 175 LEU A CD1 1 
ATOM   1320 C CD2 . LEU A 1 175 ? -31.395 14.983  -10.892 1.00 78.67  ? 175 LEU A CD2 1 
ATOM   1321 N N   . ASN A 1 176 ? -36.332 16.893  -9.637  1.00 86.82  ? 176 ASN A N   1 
ATOM   1322 C CA  . ASN A 1 176 ? -37.751 16.662  -9.379  1.00 91.08  ? 176 ASN A CA  1 
ATOM   1323 C C   . ASN A 1 176 ? -37.984 15.677  -8.224  1.00 88.94  ? 176 ASN A C   1 
ATOM   1324 O O   . ASN A 1 176 ? -38.637 14.643  -8.385  1.00 84.07  ? 176 ASN A O   1 
ATOM   1325 C CB  . ASN A 1 176 ? -38.456 16.195  -10.660 1.00 94.13  ? 176 ASN A CB  1 
ATOM   1326 C CG  . ASN A 1 176 ? -39.949 16.441  -10.624 1.00 98.49  ? 176 ASN A CG  1 
ATOM   1327 O OD1 . ASN A 1 176 ? -40.735 15.505  -10.487 1.00 100.26 ? 176 ASN A OD1 1 
ATOM   1328 N ND2 . ASN A 1 176 ? -40.347 17.708  -10.731 1.00 96.25  ? 176 ASN A ND2 1 
ATOM   1329 N N   . ARG A 1 177 ? -37.401 16.008  -7.073  1.00 91.01  ? 177 ARG A N   1 
ATOM   1330 C CA  . ARG A 1 177 ? -37.644 15.313  -5.807  1.00 88.04  ? 177 ARG A CA  1 
ATOM   1331 C C   . ARG A 1 177 ? -37.706 16.381  -4.730  1.00 87.02  ? 177 ARG A C   1 
ATOM   1332 O O   . ARG A 1 177 ? -37.352 17.535  -4.987  1.00 81.42  ? 177 ARG A O   1 
ATOM   1333 C CB  . ARG A 1 177 ? -36.517 14.341  -5.466  1.00 90.80  ? 177 ARG A CB  1 
ATOM   1334 C CG  . ARG A 1 177 ? -36.189 13.304  -6.527  1.00 95.43  ? 177 ARG A CG  1 
ATOM   1335 C CD  . ARG A 1 177 ? -34.861 12.623  -6.210  1.00 98.63  ? 177 ARG A CD  1 
ATOM   1336 N NE  . ARG A 1 177 ? -34.311 11.912  -7.365  1.00 98.97  ? 177 ARG A NE  1 
ATOM   1337 C CZ  . ARG A 1 177 ? -33.045 11.514  -7.487  1.00 99.90  ? 177 ARG A CZ  1 
ATOM   1338 N NH1 . ARG A 1 177 ? -32.156 11.752  -6.525  1.00 101.98 ? 177 ARG A NH1 1 
ATOM   1339 N NH2 . ARG A 1 177 ? -32.657 10.879  -8.590  1.00 98.57  ? 177 ARG A NH2 1 
ATOM   1340 N N   . SER A 1 178 ? -38.131 15.992  -3.529  1.00 87.06  ? 178 SER A N   1 
ATOM   1341 C CA  . SER A 1 178 ? -38.269 16.930  -2.409  1.00 91.66  ? 178 SER A CA  1 
ATOM   1342 C C   . SER A 1 178 ? -36.920 17.322  -1.805  1.00 91.49  ? 178 SER A C   1 
ATOM   1343 O O   . SER A 1 178 ? -35.951 16.574  -1.911  1.00 91.02  ? 178 SER A O   1 
ATOM   1344 C CB  . SER A 1 178 ? -39.152 16.321  -1.315  1.00 94.55  ? 178 SER A CB  1 
ATOM   1345 O OG  . SER A 1 178 ? -38.591 15.126  -0.802  1.00 96.70  ? 178 SER A OG  1 
ATOM   1346 N N   . ILE A 1 179 ? -36.871 18.483  -1.153  1.00 88.14  ? 179 ILE A N   1 
ATOM   1347 C CA  . ILE A 1 179 ? -35.652 18.922  -0.461  1.00 87.84  ? 179 ILE A CA  1 
ATOM   1348 C C   . ILE A 1 179 ? -35.311 17.981  0.702   1.00 86.65  ? 179 ILE A C   1 
ATOM   1349 O O   . ILE A 1 179 ? -34.137 17.773  1.006   1.00 92.27  ? 179 ILE A O   1 
ATOM   1350 C CB  . ILE A 1 179 ? -35.762 20.359  0.087   1.00 87.76  ? 179 ILE A CB  1 
ATOM   1351 C CG1 . ILE A 1 179 ? -36.035 21.359  -1.041  1.00 93.27  ? 179 ILE A CG1 1 
ATOM   1352 C CG2 . ILE A 1 179 ? -34.478 20.751  0.815   1.00 88.65  ? 179 ILE A CG2 1 
ATOM   1353 C CD1 . ILE A 1 179 ? -36.568 22.696  -0.559  1.00 93.30  ? 179 ILE A CD1 1 
ATOM   1354 N N   . LYS A 1 180 ? -36.331 17.427  1.352   1.00 84.12  ? 180 LYS A N   1 
ATOM   1355 C CA  . LYS A 1 180 ? -36.124 16.460  2.430   1.00 82.47  ? 180 LYS A CA  1 
ATOM   1356 C C   . LYS A 1 180 ? -35.449 15.211  1.876   1.00 82.30  ? 180 LYS A C   1 
ATOM   1357 O O   . LYS A 1 180 ? -34.589 14.617  2.533   1.00 78.61  ? 180 LYS A O   1 
ATOM   1358 C CB  . LYS A 1 180 ? -37.447 16.099  3.106   1.00 79.64  ? 180 LYS A CB  1 
ATOM   1359 N N   . THR A 1 181 ? -35.849 14.820  0.666   1.00 81.54  ? 181 THR A N   1 
ATOM   1360 C CA  . THR A 1 181 ? -35.245 13.679  -0.018  1.00 79.76  ? 181 THR A CA  1 
ATOM   1361 C C   . THR A 1 181 ? -33.799 13.976  -0.397  1.00 78.81  ? 181 THR A C   1 
ATOM   1362 O O   . THR A 1 181 ? -32.913 13.167  -0.135  1.00 81.97  ? 181 THR A O   1 
ATOM   1363 C CB  . THR A 1 181 ? -36.063 13.283  -1.264  1.00 82.05  ? 181 THR A CB  1 
ATOM   1364 O OG1 . THR A 1 181 ? -37.309 12.723  -0.843  1.00 89.35  ? 181 THR A OG1 1 
ATOM   1365 C CG2 . THR A 1 181 ? -35.335 12.254  -2.123  1.00 85.86  ? 181 THR A CG2 1 
ATOM   1366 N N   . ILE A 1 182 ? -33.561 15.142  -0.991  1.00 76.53  ? 182 ILE A N   1 
ATOM   1367 C CA  . ILE A 1 182 ? -32.231 15.488  -1.486  1.00 74.38  ? 182 ILE A CA  1 
ATOM   1368 C C   . ILE A 1 182 ? -31.232 15.585  -0.337  1.00 70.73  ? 182 ILE A C   1 
ATOM   1369 O O   . ILE A 1 182 ? -30.176 14.966  -0.385  1.00 69.80  ? 182 ILE A O   1 
ATOM   1370 C CB  . ILE A 1 182 ? -32.234 16.805  -2.302  1.00 77.42  ? 182 ILE A CB  1 
ATOM   1371 C CG1 . ILE A 1 182 ? -33.129 16.688  -3.548  1.00 73.58  ? 182 ILE A CG1 1 
ATOM   1372 C CG2 . ILE A 1 182 ? -30.813 17.186  -2.718  1.00 78.15  ? 182 ILE A CG2 1 
ATOM   1373 C CD1 . ILE A 1 182 ? -32.759 15.563  -4.493  1.00 71.42  ? 182 ILE A CD1 1 
ATOM   1374 N N   . SER A 1 183 ? -31.574 16.351  0.694   1.00 74.12  ? 183 SER A N   1 
ATOM   1375 C CA  . SER A 1 183 ? -30.732 16.464  1.894   1.00 74.68  ? 183 SER A CA  1 
ATOM   1376 C C   . SER A 1 183 ? -30.397 15.100  2.496   1.00 71.23  ? 183 SER A C   1 
ATOM   1377 O O   . SER A 1 183 ? -29.271 14.869  2.935   1.00 71.22  ? 183 SER A O   1 
ATOM   1378 C CB  . SER A 1 183 ? -31.418 17.330  2.949   1.00 74.76  ? 183 SER A CB  1 
ATOM   1379 O OG  . SER A 1 183 ? -31.388 18.690  2.564   1.00 81.27  ? 183 SER A OG  1 
ATOM   1380 N N   . SER A 1 184 ? -31.386 14.211  2.498   1.00 69.04  ? 184 SER A N   1 
ATOM   1381 C CA  . SER A 1 184 ? -31.232 12.853  3.009   1.00 67.50  ? 184 SER A CA  1 
ATOM   1382 C C   . SER A 1 184 ? -30.296 11.995  2.154   1.00 65.68  ? 184 SER A C   1 
ATOM   1383 O O   . SER A 1 184 ? -29.561 11.160  2.669   1.00 64.87  ? 184 SER A O   1 
ATOM   1384 C CB  . SER A 1 184 ? -32.602 12.181  3.094   1.00 66.36  ? 184 SER A CB  1 
ATOM   1385 O OG  . SER A 1 184 ? -32.464 10.783  3.258   1.00 70.65  ? 184 SER A OG  1 
ATOM   1386 N N   . GLN A 1 185 ? -30.349 12.191  0.842   1.00 69.64  ? 185 GLN A N   1 
ATOM   1387 C CA  . GLN A 1 185 ? -29.470 11.477  -0.076  1.00 71.25  ? 185 GLN A CA  1 
ATOM   1388 C C   . GLN A 1 185 ? -28.039 12.023  -0.017  1.00 71.08  ? 185 GLN A C   1 
ATOM   1389 O O   . GLN A 1 185 ? -27.072 11.260  -0.074  1.00 70.82  ? 185 GLN A O   1 
ATOM   1390 C CB  . GLN A 1 185 ? -30.030 11.544  -1.494  1.00 70.04  ? 185 GLN A CB  1 
ATOM   1391 C CG  . GLN A 1 185 ? -31.304 10.718  -1.658  1.00 74.48  ? 185 GLN A CG  1 
ATOM   1392 C CD  . GLN A 1 185 ? -32.108 11.053  -2.912  1.00 75.74  ? 185 GLN A CD  1 
ATOM   1393 O OE1 . GLN A 1 185 ? -32.165 12.202  -3.351  1.00 74.67  ? 185 GLN A OE1 1 
ATOM   1394 N NE2 . GLN A 1 185 ? -32.751 10.044  -3.480  1.00 76.97  ? 185 GLN A NE2 1 
ATOM   1395 N N   . LYS A 1 186 ? -27.910 13.340  0.109   1.00 67.80  ? 186 LYS A N   1 
ATOM   1396 C CA  . LYS A 1 186 ? -26.603 13.961  0.266   1.00 68.10  ? 186 LYS A CA  1 
ATOM   1397 C C   . LYS A 1 186 ? -25.969 13.467  1.557   1.00 67.08  ? 186 LYS A C   1 
ATOM   1398 O O   . LYS A 1 186 ? -24.891 12.887  1.530   1.00 68.50  ? 186 LYS A O   1 
ATOM   1399 C CB  . LYS A 1 186 ? -26.715 15.487  0.266   1.00 66.63  ? 186 LYS A CB  1 
ATOM   1400 C CG  . LYS A 1 186 ? -25.380 16.201  0.400   1.00 67.80  ? 186 LYS A CG  1 
ATOM   1401 C CD  . LYS A 1 186 ? -25.533 17.679  0.091   1.00 71.69  ? 186 LYS A CD  1 
ATOM   1402 C CE  . LYS A 1 186 ? -24.356 18.495  0.585   1.00 71.42  ? 186 LYS A CE  1 
ATOM   1403 N NZ  . LYS A 1 186 ? -24.548 18.898  2.002   1.00 77.27  ? 186 LYS A NZ  1 
ATOM   1404 N N   . LYS A 1 187 ? -26.664 13.663  2.674   1.00 68.18  ? 187 LYS A N   1 
ATOM   1405 C CA  . LYS A 1 187 ? -26.215 13.144  3.963   1.00 72.21  ? 187 LYS A CA  1 
ATOM   1406 C C   . LYS A 1 187 ? -25.765 11.701  3.860   1.00 65.19  ? 187 LYS A C   1 
ATOM   1407 O O   . LYS A 1 187 ? -24.659 11.349  4.254   1.00 73.05  ? 187 LYS A O   1 
ATOM   1408 C CB  . LYS A 1 187 ? -27.323 13.237  5.006   1.00 79.06  ? 187 LYS A CB  1 
ATOM   1409 C CG  . LYS A 1 187 ? -26.973 12.503  6.293   1.00 88.31  ? 187 LYS A CG  1 
ATOM   1410 C CD  . LYS A 1 187 ? -27.742 13.018  7.497   1.00 96.57  ? 187 LYS A CD  1 
ATOM   1411 C CE  . LYS A 1 187 ? -27.217 12.378  8.775   1.00 102.26 ? 187 LYS A CE  1 
ATOM   1412 N NZ  . LYS A 1 187 ? -27.934 12.863  9.986   1.00 106.66 ? 187 LYS A NZ  1 
ATOM   1413 N N   . SER A 1 188 ? -26.636 10.868  3.327   1.00 63.70  ? 188 SER A N   1 
ATOM   1414 C CA  . SER A 1 188 ? -26.336 9.459   3.164   1.00 63.87  ? 188 SER A CA  1 
ATOM   1415 C C   . SER A 1 188 ? -25.068 9.217   2.328   1.00 65.34  ? 188 SER A C   1 
ATOM   1416 O O   . SER A 1 188 ? -24.274 8.325   2.636   1.00 63.62  ? 188 SER A O   1 
ATOM   1417 C CB  . SER A 1 188 ? -27.525 8.759   2.522   1.00 60.21  ? 188 SER A CB  1 
ATOM   1418 O OG  . SER A 1 188 ? -27.138 7.475   2.087   1.00 64.97  ? 188 SER A OG  1 
ATOM   1419 N N   . ALA A 1 189 ? -24.890 10.005  1.269   1.00 66.05  ? 189 ALA A N   1 
ATOM   1420 C CA  . ALA A 1 189 ? -23.726 9.867   0.387   1.00 66.69  ? 189 ALA A CA  1 
ATOM   1421 C C   . ALA A 1 189 ? -22.451 10.342  1.085   1.00 64.85  ? 189 ALA A C   1 
ATOM   1422 O O   . ALA A 1 189 ? -21.400 9.718   0.982   1.00 63.74  ? 189 ALA A O   1 
ATOM   1423 C CB  . ALA A 1 189 ? -23.946 10.644  -0.902  1.00 66.32  ? 189 ALA A CB  1 
ATOM   1424 N N   . MET A 1 190 ? -22.565 11.450  1.802   1.00 63.00  ? 190 MET A N   1 
ATOM   1425 C CA  . MET A 1 190 ? -21.460 11.973  2.588   1.00 64.96  ? 190 MET A CA  1 
ATOM   1426 C C   . MET A 1 190 ? -21.032 10.965  3.654   1.00 68.01  ? 190 MET A C   1 
ATOM   1427 O O   . MET A 1 190 ? -19.850 10.832  3.947   1.00 71.14  ? 190 MET A O   1 
ATOM   1428 C CB  . MET A 1 190 ? -21.856 13.299  3.242   1.00 62.50  ? 190 MET A CB  1 
ATOM   1429 C CG  . MET A 1 190 ? -22.160 14.402  2.252   1.00 60.44  ? 190 MET A CG  1 
ATOM   1430 S SD  . MET A 1 190 ? -22.161 16.026  3.007   1.00 64.80  ? 190 MET A SD  1 
ATOM   1431 C CE  . MET A 1 190 ? -23.454 15.841  4.224   1.00 74.78  ? 190 MET A CE  1 
ATOM   1432 N N   . MET A 1 191 ? -21.992 10.255  4.231   1.00 71.97  ? 191 MET A N   1 
ATOM   1433 C CA  . MET A 1 191 ? -21.686 9.227   5.217   1.00 76.39  ? 191 MET A CA  1 
ATOM   1434 C C   . MET A 1 191 ? -20.880 8.095   4.578   1.00 72.69  ? 191 MET A C   1 
ATOM   1435 O O   . MET A 1 191 ? -19.922 7.598   5.167   1.00 76.29  ? 191 MET A O   1 
ATOM   1436 C CB  . MET A 1 191 ? -22.977 8.696   5.860   1.00 84.64  ? 191 MET A CB  1 
ATOM   1437 C CG  . MET A 1 191 ? -22.764 7.710   7.001   1.00 90.28  ? 191 MET A CG  1 
ATOM   1438 S SD  . MET A 1 191 ? -22.665 5.988   6.454   1.00 106.95 ? 191 MET A SD  1 
ATOM   1439 C CE  . MET A 1 191 ? -21.829 5.216   7.846   1.00 103.72 ? 191 MET A CE  1 
ATOM   1440 N N   . LYS A 1 192 ? -21.244 7.698   3.367   1.00 73.27  ? 192 LYS A N   1 
ATOM   1441 C CA  . LYS A 1 192 ? -20.542 6.588   2.704   1.00 72.45  ? 192 LYS A CA  1 
ATOM   1442 C C   . LYS A 1 192 ? -19.121 6.949   2.310   1.00 67.81  ? 192 LYS A C   1 
ATOM   1443 O O   . LYS A 1 192 ? -18.265 6.080   2.233   1.00 73.32  ? 192 LYS A O   1 
ATOM   1444 C CB  . LYS A 1 192 ? -21.305 6.108   1.467   1.00 70.94  ? 192 LYS A CB  1 
ATOM   1445 C CG  . LYS A 1 192 ? -22.709 5.628   1.770   1.00 70.91  ? 192 LYS A CG  1 
ATOM   1446 C CD  . LYS A 1 192 ? -23.307 4.898   0.584   1.00 72.78  ? 192 LYS A CD  1 
ATOM   1447 C CE  . LYS A 1 192 ? -24.812 4.763   0.721   1.00 71.04  ? 192 LYS A CE  1 
ATOM   1448 N NZ  . LYS A 1 192 ? -25.372 4.174   -0.519  1.00 73.71  ? 192 LYS A NZ  1 
ATOM   1449 N N   . LEU A 1 193 ? -18.872 8.226   2.050   1.00 66.10  ? 193 LEU A N   1 
ATOM   1450 C CA  . LEU A 1 193 ? -17.552 8.672   1.618   1.00 65.43  ? 193 LEU A CA  1 
ATOM   1451 C C   . LEU A 1 193 ? -16.619 9.015   2.775   1.00 63.74  ? 193 LEU A C   1 
ATOM   1452 O O   . LEU A 1 193 ? -15.405 9.070   2.596   1.00 66.93  ? 193 LEU A O   1 
ATOM   1453 C CB  . LEU A 1 193 ? -17.692 9.882   0.694   1.00 66.18  ? 193 LEU A CB  1 
ATOM   1454 C CG  . LEU A 1 193 ? -18.365 9.564   -0.642  1.00 63.52  ? 193 LEU A CG  1 
ATOM   1455 C CD1 . LEU A 1 193 ? -18.826 10.839  -1.314  1.00 65.09  ? 193 LEU A CD1 1 
ATOM   1456 C CD2 . LEU A 1 193 ? -17.428 8.788   -1.550  1.00 62.99  ? 193 LEU A CD2 1 
ATOM   1457 N N   . GLY A 1 194 ? -17.187 9.247   3.952   1.00 61.72  ? 194 GLY A N   1 
ATOM   1458 C CA  . GLY A 1 194 ? -16.409 9.604   5.126   1.00 63.98  ? 194 GLY A CA  1 
ATOM   1459 C C   . GLY A 1 194 ? -16.172 11.099  5.223   1.00 65.56  ? 194 GLY A C   1 
ATOM   1460 O O   . GLY A 1 194 ? -15.128 11.528  5.713   1.00 65.21  ? 194 GLY A O   1 
ATOM   1461 N N   . VAL A 1 195 ? -17.145 11.894  4.774   1.00 62.97  ? 195 VAL A N   1 
ATOM   1462 C CA  . VAL A 1 195 ? -17.028 13.353  4.812   1.00 62.74  ? 195 VAL A CA  1 
ATOM   1463 C C   . VAL A 1 195 ? -18.112 13.955  5.710   1.00 63.92  ? 195 VAL A C   1 
ATOM   1464 O O   . VAL A 1 195 ? -19.242 13.470  5.736   1.00 69.19  ? 195 VAL A O   1 
ATOM   1465 C CB  . VAL A 1 195 ? -17.039 13.981  3.400   1.00 63.20  ? 195 VAL A CB  1 
ATOM   1466 C CG1 . VAL A 1 195 ? -15.903 13.412  2.564   1.00 61.91  ? 195 VAL A CG1 1 
ATOM   1467 C CG2 . VAL A 1 195 ? -18.376 13.777  2.699   1.00 64.20  ? 195 VAL A CG2 1 
ATOM   1468 N N   . GLU A 1 196 ? -17.738 14.987  6.464   1.00 64.01  ? 196 GLU A N   1 
ATOM   1469 C CA  . GLU A 1 196 ? -18.593 15.571  7.493   1.00 69.14  ? 196 GLU A CA  1 
ATOM   1470 C C   . GLU A 1 196 ? -19.033 16.984  7.166   1.00 67.00  ? 196 GLU A C   1 
ATOM   1471 O O   . GLU A 1 196 ? -19.823 17.552  7.901   1.00 71.58  ? 196 GLU A O   1 
ATOM   1472 C CB  . GLU A 1 196 ? -17.860 15.623  8.835   1.00 78.13  ? 196 GLU A CB  1 
ATOM   1473 C CG  . GLU A 1 196 ? -17.396 14.276  9.349   1.00 84.61  ? 196 GLU A CG  1 
ATOM   1474 C CD  . GLU A 1 196 ? -16.594 14.368  10.645  1.00 103.51 ? 196 GLU A CD  1 
ATOM   1475 O OE1 . GLU A 1 196 ? -15.683 15.230  10.755  1.00 99.14  ? 196 GLU A OE1 1 
ATOM   1476 O OE2 . GLU A 1 196 ? -16.872 13.556  11.559  1.00 101.49 ? 196 GLU A OE2 1 
ATOM   1477 N N   . ASN A 1 197 ? -18.505 17.568  6.098   1.00 65.81  ? 197 ASN A N   1 
ATOM   1478 C CA  . ASN A 1 197 ? -18.920 18.897  5.688   1.00 67.30  ? 197 ASN A CA  1 
ATOM   1479 C C   . ASN A 1 197 ? -18.713 19.135  4.188   1.00 68.93  ? 197 ASN A C   1 
ATOM   1480 O O   . ASN A 1 197 ? -18.021 18.363  3.503   1.00 63.90  ? 197 ASN A O   1 
ATOM   1481 C CB  . ASN A 1 197 ? -18.186 19.947  6.521   1.00 69.07  ? 197 ASN A CB  1 
ATOM   1482 C CG  . ASN A 1 197 ? -16.704 20.000  6.217   1.00 69.88  ? 197 ASN A CG  1 
ATOM   1483 O OD1 . ASN A 1 197 ? -16.302 20.417  5.132   1.00 78.10  ? 197 ASN A OD1 1 
ATOM   1484 N ND2 . ASN A 1 197 ? -15.882 19.583  7.173   1.00 68.43  ? 197 ASN A ND2 1 
ATOM   1485 N N   . ASP A 1 198 ? -19.300 20.222  3.698   1.00 69.69  ? 198 ASP A N   1 
ATOM   1486 C CA  . ASP A 1 198 ? -19.359 20.490  2.261   1.00 73.86  ? 198 ASP A CA  1 
ATOM   1487 C C   . ASP A 1 198 ? -18.003 20.788  1.653   1.00 75.80  ? 198 ASP A C   1 
ATOM   1488 O O   . ASP A 1 198 ? -17.717 20.369  0.535   1.00 80.41  ? 198 ASP A O   1 
ATOM   1489 C CB  . ASP A 1 198 ? -20.315 21.645  1.964   1.00 73.44  ? 198 ASP A CB  1 
ATOM   1490 C CG  . ASP A 1 198 ? -21.748 21.312  2.315   1.00 78.27  ? 198 ASP A CG  1 
ATOM   1491 O OD1 . ASP A 1 198 ? -22.018 20.157  2.711   1.00 74.59  ? 198 ASP A OD1 1 
ATOM   1492 O OD2 . ASP A 1 198 ? -22.608 22.210  2.193   1.00 85.43  ? 198 ASP A OD2 1 
ATOM   1493 N N   . ILE A 1 199 ? -17.167 21.510  2.385   1.00 77.34  ? 199 ILE A N   1 
ATOM   1494 C CA  . ILE A 1 199 ? -15.840 21.849  1.883   1.00 80.30  ? 199 ILE A CA  1 
ATOM   1495 C C   . ILE A 1 199 ? -14.957 20.605  1.806   1.00 74.65  ? 199 ILE A C   1 
ATOM   1496 O O   . ILE A 1 199 ? -14.200 20.443  0.853   1.00 76.46  ? 199 ILE A O   1 
ATOM   1497 C CB  . ILE A 1 199 ? -15.202 22.972  2.725   1.00 84.85  ? 199 ILE A CB  1 
ATOM   1498 C CG1 . ILE A 1 199 ? -15.898 24.304  2.386   1.00 90.40  ? 199 ILE A CG1 1 
ATOM   1499 C CG2 . ILE A 1 199 ? -13.704 23.064  2.468   1.00 83.65  ? 199 ILE A CG2 1 
ATOM   1500 C CD1 . ILE A 1 199 ? -15.810 25.357  3.474   1.00 92.88  ? 199 ILE A CD1 1 
ATOM   1501 N N   . ALA A 1 200 ? -15.076 19.723  2.792   1.00 70.34  ? 200 ALA A N   1 
ATOM   1502 C CA  . ALA A 1 200 ? -14.401 18.429  2.747   1.00 72.38  ? 200 ALA A CA  1 
ATOM   1503 C C   . ALA A 1 200 ? -14.909 17.602  1.567   1.00 72.54  ? 200 ALA A C   1 
ATOM   1504 O O   . ALA A 1 200 ? -14.128 16.974  0.853   1.00 69.94  ? 200 ALA A O   1 
ATOM   1505 C CB  . ALA A 1 200 ? -14.612 17.674  4.050   1.00 73.73  ? 200 ALA A CB  1 
ATOM   1506 N N   . LEU A 1 201 ? -16.225 17.616  1.372   1.00 70.64  ? 201 LEU A N   1 
ATOM   1507 C CA  . LEU A 1 201 ? -16.859 16.916  0.260   1.00 68.82  ? 201 LEU A CA  1 
ATOM   1508 C C   . LEU A 1 201 ? -16.385 17.435  -1.103  1.00 67.03  ? 201 LEU A C   1 
ATOM   1509 O O   . LEU A 1 201 ? -16.065 16.656  -2.008  1.00 64.98  ? 201 LEU A O   1 
ATOM   1510 C CB  . LEU A 1 201 ? -18.378 17.056  0.376   1.00 67.42  ? 201 LEU A CB  1 
ATOM   1511 C CG  . LEU A 1 201 ? -19.246 16.512  -0.752  1.00 65.11  ? 201 LEU A CG  1 
ATOM   1512 C CD1 . LEU A 1 201 ? -19.108 15.003  -0.872  1.00 65.21  ? 201 LEU A CD1 1 
ATOM   1513 C CD2 . LEU A 1 201 ? -20.697 16.904  -0.515  1.00 66.01  ? 201 LEU A CD2 1 
ATOM   1514 N N   . LEU A 1 202 ? -16.344 18.750  -1.253  1.00 64.34  ? 202 LEU A N   1 
ATOM   1515 C CA  . LEU A 1 202 ? -15.956 19.342  -2.526  1.00 67.21  ? 202 LEU A CA  1 
ATOM   1516 C C   . LEU A 1 202 ? -14.469 19.116  -2.806  1.00 67.89  ? 202 LEU A C   1 
ATOM   1517 O O   . LEU A 1 202 ? -14.083 18.843  -3.945  1.00 62.31  ? 202 LEU A O   1 
ATOM   1518 C CB  . LEU A 1 202 ? -16.320 20.827  -2.562  1.00 67.98  ? 202 LEU A CB  1 
ATOM   1519 C CG  . LEU A 1 202 ? -17.827 21.095  -2.613  1.00 70.55  ? 202 LEU A CG  1 
ATOM   1520 C CD1 . LEU A 1 202 ? -18.120 22.581  -2.455  1.00 74.25  ? 202 LEU A CD1 1 
ATOM   1521 C CD2 . LEU A 1 202 ? -18.441 20.564  -3.897  1.00 73.42  ? 202 LEU A CD2 1 
ATOM   1522 N N   . ASN A 1 203 ? -13.643 19.208  -1.765  1.00 73.00  ? 203 ASN A N   1 
ATOM   1523 C CA  . ASN A 1 203 ? -12.243 18.781  -1.861  1.00 74.88  ? 203 ASN A CA  1 
ATOM   1524 C C   . ASN A 1 203 ? -12.148 17.327  -2.316  1.00 74.30  ? 203 ASN A C   1 
ATOM   1525 O O   . ASN A 1 203 ? -11.495 17.025  -3.308  1.00 78.39  ? 203 ASN A O   1 
ATOM   1526 C CB  . ASN A 1 203 ? -11.525 18.958  -0.522  1.00 76.52  ? 203 ASN A CB  1 
ATOM   1527 C CG  . ASN A 1 203 ? -11.258 20.416  -0.189  1.00 81.18  ? 203 ASN A CG  1 
ATOM   1528 O OD1 . ASN A 1 203 ? -10.758 20.738  0.897   1.00 79.83  ? 203 ASN A OD1 1 
ATOM   1529 N ND2 . ASN A 1 203 ? -11.597 21.310  -1.121  1.00 80.62  ? 203 ASN A ND2 1 
ATOM   1530 N N   . TYR A 1 204 ? -12.836 16.442  -1.601  1.00 70.59  ? 204 TYR A N   1 
ATOM   1531 C CA  . TYR A 1 204 ? -12.861 15.020  -1.930  1.00 72.06  ? 204 TYR A CA  1 
ATOM   1532 C C   . TYR A 1 204 ? -13.152 14.776  -3.410  1.00 70.07  ? 204 TYR A C   1 
ATOM   1533 O O   . TYR A 1 204 ? -12.417 14.054  -4.074  1.00 67.92  ? 204 TYR A O   1 
ATOM   1534 C CB  . TYR A 1 204 ? -13.903 14.280  -1.064  1.00 76.32  ? 204 TYR A CB  1 
ATOM   1535 C CG  . TYR A 1 204 ? -13.710 12.771  -1.000  1.00 82.53  ? 204 TYR A CG  1 
ATOM   1536 C CD1 . TYR A 1 204 ? -14.233 11.930  -1.988  1.00 86.19  ? 204 TYR A CD1 1 
ATOM   1537 C CD2 . TYR A 1 204 ? -13.003 12.184  0.053   1.00 89.10  ? 204 TYR A CD2 1 
ATOM   1538 C CE1 . TYR A 1 204 ? -14.050 10.554  -1.930  1.00 91.04  ? 204 TYR A CE1 1 
ATOM   1539 C CE2 . TYR A 1 204 ? -12.818 10.807  0.122   1.00 88.89  ? 204 TYR A CE2 1 
ATOM   1540 C CZ  . TYR A 1 204 ? -13.340 9.997   -0.868  1.00 92.39  ? 204 TYR A CZ  1 
ATOM   1541 O OH  . TYR A 1 204 ? -13.153 8.633   -0.795  1.00 96.89  ? 204 TYR A OH  1 
ATOM   1542 N N   . LEU A 1 205 ? -14.223 15.382  -3.918  1.00 71.24  ? 205 LEU A N   1 
ATOM   1543 C CA  . LEU A 1 205 ? -14.723 15.062  -5.255  1.00 72.00  ? 205 LEU A CA  1 
ATOM   1544 C C   . LEU A 1 205 ? -13.808 15.546  -6.378  1.00 75.96  ? 205 LEU A C   1 
ATOM   1545 O O   . LEU A 1 205 ? -13.776 14.943  -7.454  1.00 78.77  ? 205 LEU A O   1 
ATOM   1546 C CB  . LEU A 1 205 ? -16.133 15.632  -5.456  1.00 71.80  ? 205 LEU A CB  1 
ATOM   1547 C CG  . LEU A 1 205 ? -17.248 15.007  -4.606  1.00 69.84  ? 205 LEU A CG  1 
ATOM   1548 C CD1 . LEU A 1 205 ? -18.466 15.924  -4.534  1.00 68.52  ? 205 LEU A CD1 1 
ATOM   1549 C CD2 . LEU A 1 205 ? -17.634 13.631  -5.132  1.00 65.46  ? 205 LEU A CD2 1 
ATOM   1550 N N   . SER A 1 206 ? -13.054 16.615  -6.127  1.00 80.63  ? 206 SER A N   1 
ATOM   1551 C CA  . SER A 1 206 ? -12.203 17.208  -7.164  1.00 86.09  ? 206 SER A CA  1 
ATOM   1552 C C   . SER A 1 206 ? -11.011 16.330  -7.582  1.00 87.63  ? 206 SER A C   1 
ATOM   1553 O O   . SER A 1 206 ? -10.309 16.665  -8.530  1.00 89.89  ? 206 SER A O   1 
ATOM   1554 C CB  . SER A 1 206 ? -11.703 18.583  -6.717  1.00 86.05  ? 206 SER A CB  1 
ATOM   1555 O OG  . SER A 1 206 ? -10.758 18.460  -5.671  1.00 92.85  ? 206 SER A OG  1 
ATOM   1556 N N   . CYS A 1 207 ? -10.769 15.235  -6.868  1.00 94.85  ? 207 CYS A N   1 
ATOM   1557 C CA  . CYS A 1 207 ? -9.816  14.206  -7.307  1.00 100.45 ? 207 CYS A CA  1 
ATOM   1558 C C   . CYS A 1 207 ? -10.519 12.859  -7.283  1.00 98.78  ? 207 CYS A C   1 
ATOM   1559 O O   . CYS A 1 207 ? -10.192 11.983  -6.484  1.00 91.74  ? 207 CYS A O   1 
ATOM   1560 C CB  . CYS A 1 207 ? -8.574  14.192  -6.414  1.00 100.10 ? 207 CYS A CB  1 
ATOM   1561 S SG  . CYS A 1 207 ? -8.952  14.360  -4.656  1.00 104.72 ? 207 CYS A SG  1 
ATOM   1562 N N   . VAL A 1 208 ? -11.502 12.735  -8.171  1.00 100.19 ? 208 VAL A N   1 
ATOM   1563 C CA  . VAL A 1 208 ? -12.378 11.568  -8.270  1.00 96.04  ? 208 VAL A CA  1 
ATOM   1564 C C   . VAL A 1 208 ? -13.536 11.929  -9.204  1.00 98.42  ? 208 VAL A C   1 
ATOM   1565 O O   . VAL A 1 208 ? -14.305 11.068  -9.629  1.00 99.01  ? 208 VAL A O   1 
ATOM   1566 C CB  . VAL A 1 208 ? -12.908 11.160  -6.900  1.00 91.65  ? 208 VAL A CB  1 
HETATM 1567 O O   . HOH B 2 .   ? 17.442  7.453   7.082   1.00 58.97  ? 301 HOH A O   1 
HETATM 1568 O O   . HOH B 2 .   ? 20.338  -19.440 3.621   1.00 78.19  ? 302 HOH A O   1 
HETATM 1569 O O   . HOH B 2 .   ? -16.610 21.564  -7.408  1.00 62.52  ? 303 HOH A O   1 
HETATM 1570 O O   . HOH B 2 .   ? 22.270  -21.739 -9.126  1.00 66.08  ? 304 HOH A O   1 
HETATM 1571 O O   . HOH B 2 .   ? -22.848 23.509  -4.593  1.00 55.29  ? 305 HOH A O   1 
HETATM 1572 O O   . HOH B 2 .   ? 13.934  -1.702  -8.098  1.00 83.80  ? 306 HOH A O   1 
HETATM 1573 O O   . HOH B 2 .   ? 6.303   -15.440 6.153   1.00 73.36  ? 307 HOH A O   1 
HETATM 1574 O O   . HOH B 2 .   ? 22.202  -13.155 8.753   1.00 71.07  ? 308 HOH A O   1 
HETATM 1575 O O   . HOH B 2 .   ? 22.856  -16.778 4.935   1.00 65.09  ? 309 HOH A O   1 
HETATM 1576 O O   . HOH B 2 .   ? 19.432  -19.232 -7.947  1.00 65.16  ? 310 HOH A O   1 
HETATM 1577 O O   . HOH B 2 .   ? 23.587  -23.909 -4.610  1.00 73.02  ? 311 HOH A O   1 
HETATM 1578 O O   . HOH B 2 .   ? -21.281 21.540  6.022   1.00 69.01  ? 312 HOH A O   1 
# 
